data_2FJC
#
_entry.id   2FJC
#
_cell.length_a   184.921
_cell.length_b   184.921
_cell.length_c   154.883
_cell.angle_alpha   90.00
_cell.angle_beta   90.00
_cell.angle_gamma   120.00
#
_symmetry.space_group_name_H-M   'P 3 2 1'
#
loop_
_entity.id
_entity.type
_entity.pdbx_description
1 polymer 'Antigen TpF1'
2 non-polymer 'FE (III) ION'
3 water water
#
_entity_poly.entity_id   1
_entity_poly.type   'polypeptide(L)'
_entity_poly.pdbx_seq_one_letter_code
;SAPGVPDARAIAAICEQLRQHVADLGVLYIKLHNYHWHIYGIEFKQVHELLEEYYVSVTEAFDTIAERLLQLGAQAPASM
AEYLALSGIAEETEKEITIVSALARVKRDFEYLSTRFSQTQVLAAESGDAVTDGIITDILRTLGKAIWMLGATLKA
;
_entity_poly.pdbx_strand_id   A,B,C,D,E,F,G,H,I,J,K,L,M,N,O,P
#
# COMPACT_ATOMS: atom_id res chain seq x y z
N PRO A 6 23.51 -29.71 11.59
CA PRO A 6 23.76 -30.51 12.81
C PRO A 6 22.47 -31.10 13.42
N ASP A 7 22.64 -32.19 14.16
CA ASP A 7 21.54 -32.90 14.81
C ASP A 7 20.22 -32.90 14.06
N ALA A 8 20.07 -33.89 13.18
CA ALA A 8 18.83 -34.07 12.41
C ALA A 8 17.96 -34.96 13.29
N ARG A 9 18.56 -35.36 14.41
CA ARG A 9 17.89 -36.20 15.39
C ARG A 9 17.07 -35.29 16.28
N ALA A 10 17.67 -34.18 16.70
CA ALA A 10 16.97 -33.23 17.55
C ALA A 10 15.76 -32.66 16.80
N ILE A 11 15.94 -32.29 15.54
CA ILE A 11 14.83 -31.74 14.77
C ILE A 11 13.73 -32.77 14.63
N ALA A 12 14.10 -34.03 14.46
CA ALA A 12 13.11 -35.11 14.32
C ALA A 12 12.34 -35.29 15.61
N ALA A 13 13.03 -35.21 16.75
CA ALA A 13 12.37 -35.36 18.04
C ALA A 13 11.43 -34.20 18.28
N ILE A 14 11.87 -33.00 17.92
CA ILE A 14 11.06 -31.81 18.08
C ILE A 14 9.82 -31.88 17.19
N CYS A 15 10.00 -32.31 15.94
CA CYS A 15 8.87 -32.42 15.04
C CYS A 15 7.83 -33.42 15.56
N GLU A 16 8.31 -34.49 16.17
CA GLU A 16 7.41 -35.51 16.71
C GLU A 16 6.58 -34.88 17.82
N GLN A 17 7.22 -34.04 18.63
CA GLN A 17 6.54 -33.37 19.72
C GLN A 17 5.51 -32.39 19.15
N LEU A 18 5.95 -31.60 18.18
CA LEU A 18 5.07 -30.62 17.55
C LEU A 18 3.84 -31.30 16.94
N ARG A 19 4.04 -32.43 16.26
CA ARG A 19 2.91 -33.14 15.66
C ARG A 19 1.90 -33.53 16.74
N GLN A 20 2.39 -33.91 17.92
CA GLN A 20 1.50 -34.30 19.00
C GLN A 20 0.76 -33.07 19.51
N HIS A 21 1.48 -31.95 19.62
CA HIS A 21 0.86 -30.72 20.09
C HIS A 21 -0.30 -30.32 19.18
N VAL A 22 -0.09 -30.37 17.88
CA VAL A 22 -1.16 -30.01 16.95
C VAL A 22 -2.37 -30.90 17.19
N ALA A 23 -2.12 -32.20 17.34
CA ALA A 23 -3.19 -33.16 17.58
C ALA A 23 -3.92 -32.84 18.88
N ASP A 24 -3.19 -32.60 19.96
CA ASP A 24 -3.81 -32.29 21.26
C ASP A 24 -4.60 -30.99 21.19
N LEU A 25 -4.00 -29.96 20.57
CA LEU A 25 -4.66 -28.68 20.44
C LEU A 25 -5.93 -28.84 19.65
N GLY A 26 -5.86 -29.61 18.56
CA GLY A 26 -7.03 -29.85 17.73
C GLY A 26 -8.15 -30.46 18.56
N VAL A 27 -7.82 -31.49 19.32
CA VAL A 27 -8.79 -32.16 20.17
C VAL A 27 -9.34 -31.22 21.25
N LEU A 28 -8.46 -30.43 21.86
CA LEU A 28 -8.87 -29.51 22.89
C LEU A 28 -9.82 -28.46 22.32
N TYR A 29 -9.51 -28.03 21.09
CA TYR A 29 -10.33 -27.02 20.42
C TYR A 29 -11.80 -27.40 20.41
N ILE A 30 -12.08 -28.64 20.03
CA ILE A 30 -13.45 -29.12 19.97
C ILE A 30 -14.01 -29.43 21.36
N LYS A 31 -13.14 -29.91 22.23
CA LYS A 31 -13.54 -30.21 23.60
C LYS A 31 -14.03 -28.93 24.29
N LEU A 32 -13.32 -27.82 24.05
CA LEU A 32 -13.69 -26.55 24.65
C LEU A 32 -15.05 -26.09 24.11
N HIS A 33 -15.36 -26.42 22.86
CA HIS A 33 -16.66 -26.04 22.33
C HIS A 33 -17.74 -26.83 23.08
N ASN A 34 -17.41 -28.09 23.39
CA ASN A 34 -18.33 -28.94 24.11
C ASN A 34 -18.75 -28.23 25.40
N TYR A 35 -17.77 -27.86 26.22
CA TYR A 35 -18.08 -27.16 27.46
C TYR A 35 -18.78 -25.84 27.17
N HIS A 36 -18.28 -25.15 26.17
CA HIS A 36 -18.82 -23.87 25.73
C HIS A 36 -20.33 -23.98 25.53
N TRP A 37 -20.76 -25.07 24.88
CA TRP A 37 -22.17 -25.29 24.60
C TRP A 37 -22.99 -25.94 25.70
N HIS A 38 -22.39 -26.87 26.44
CA HIS A 38 -23.15 -27.61 27.42
C HIS A 38 -23.06 -27.29 28.89
N ILE A 39 -22.25 -26.31 29.28
CA ILE A 39 -22.19 -25.97 30.69
C ILE A 39 -23.52 -25.32 31.04
N TYR A 40 -23.81 -25.24 32.33
CA TYR A 40 -25.03 -24.61 32.81
C TYR A 40 -24.75 -24.17 34.22
N GLY A 41 -25.48 -23.16 34.67
CA GLY A 41 -25.27 -22.65 36.01
C GLY A 41 -25.35 -21.14 35.96
N ILE A 42 -25.45 -20.54 37.14
CA ILE A 42 -25.56 -19.10 37.25
C ILE A 42 -24.41 -18.32 36.60
N GLU A 43 -23.21 -18.90 36.54
CA GLU A 43 -22.06 -18.22 35.93
C GLU A 43 -21.96 -18.49 34.43
N PHE A 44 -22.98 -19.11 33.85
CA PHE A 44 -22.97 -19.45 32.44
C PHE A 44 -22.37 -18.45 31.45
N LYS A 45 -22.96 -17.27 31.34
CA LYS A 45 -22.46 -16.28 30.39
C LYS A 45 -20.96 -16.01 30.49
N GLN A 46 -20.47 -15.79 31.70
CA GLN A 46 -19.05 -15.52 31.89
C GLN A 46 -18.17 -16.69 31.45
N VAL A 47 -18.53 -17.89 31.89
CA VAL A 47 -17.77 -19.07 31.54
C VAL A 47 -17.90 -19.41 30.06
N HIS A 48 -19.10 -19.20 29.53
CA HIS A 48 -19.39 -19.46 28.12
C HIS A 48 -18.39 -18.63 27.30
N GLU A 49 -18.23 -17.37 27.69
CA GLU A 49 -17.31 -16.46 27.01
C GLU A 49 -15.85 -16.81 27.28
N LEU A 50 -15.54 -17.19 28.51
CA LEU A 50 -14.17 -17.57 28.84
C LEU A 50 -13.74 -18.75 27.97
N LEU A 51 -14.62 -19.75 27.85
CA LEU A 51 -14.33 -20.93 27.06
C LEU A 51 -14.03 -20.55 25.61
N GLU A 52 -14.75 -19.56 25.10
CA GLU A 52 -14.52 -19.12 23.73
C GLU A 52 -13.14 -18.48 23.63
N GLU A 53 -12.79 -17.65 24.62
CA GLU A 53 -11.47 -17.03 24.64
C GLU A 53 -10.44 -18.16 24.54
N TYR A 54 -10.65 -19.20 25.33
CA TYR A 54 -9.74 -20.34 25.35
C TYR A 54 -9.60 -21.03 24.01
N TYR A 55 -10.71 -21.39 23.36
CA TYR A 55 -10.57 -22.09 22.09
C TYR A 55 -10.04 -21.20 20.98
N VAL A 56 -10.20 -19.89 21.12
CA VAL A 56 -9.66 -18.96 20.12
C VAL A 56 -8.15 -19.01 20.32
N SER A 57 -7.74 -18.95 21.58
CA SER A 57 -6.33 -18.98 21.93
C SER A 57 -5.73 -20.32 21.54
N VAL A 58 -6.46 -21.41 21.79
CA VAL A 58 -5.99 -22.74 21.45
C VAL A 58 -5.79 -22.91 19.95
N THR A 59 -6.75 -22.42 19.16
CA THR A 59 -6.66 -22.57 17.71
C THR A 59 -5.51 -21.71 17.18
N GLU A 60 -5.15 -20.68 17.93
CA GLU A 60 -4.06 -19.79 17.55
C GLU A 60 -2.75 -20.58 17.70
N ALA A 61 -2.59 -21.23 18.85
CA ALA A 61 -1.39 -22.03 19.10
C ALA A 61 -1.38 -23.20 18.12
N PHE A 62 -2.56 -23.72 17.83
CA PHE A 62 -2.75 -24.83 16.90
C PHE A 62 -2.09 -24.46 15.58
N ASP A 63 -2.45 -23.29 15.09
CA ASP A 63 -1.96 -22.79 13.82
C ASP A 63 -0.47 -22.44 13.80
N THR A 64 0.03 -21.76 14.84
CA THR A 64 1.44 -21.37 14.84
C THR A 64 2.36 -22.58 14.97
N ILE A 65 1.99 -23.55 15.80
CA ILE A 65 2.82 -24.74 15.95
C ILE A 65 2.81 -25.57 14.67
N ALA A 66 1.64 -25.71 14.04
CA ALA A 66 1.55 -26.47 12.80
C ALA A 66 2.46 -25.84 11.76
N GLU A 67 2.46 -24.50 11.70
CA GLU A 67 3.29 -23.78 10.74
C GLU A 67 4.78 -23.92 11.05
N ARG A 68 5.11 -24.03 12.34
CA ARG A 68 6.51 -24.17 12.72
C ARG A 68 6.96 -25.53 12.22
N LEU A 69 6.06 -26.49 12.33
CA LEU A 69 6.33 -27.85 11.89
C LEU A 69 6.63 -27.80 10.39
N LEU A 70 5.81 -27.05 9.65
CA LEU A 70 6.00 -26.93 8.21
C LEU A 70 7.36 -26.30 7.88
N GLN A 71 7.74 -25.30 8.67
CA GLN A 71 9.03 -24.63 8.47
C GLN A 71 10.19 -25.59 8.71
N LEU A 72 10.01 -26.51 9.65
CA LEU A 72 11.04 -27.48 9.96
C LEU A 72 11.15 -28.58 8.91
N GLY A 73 10.40 -28.43 7.82
CA GLY A 73 10.45 -29.41 6.75
C GLY A 73 9.49 -30.58 6.87
N ALA A 74 8.67 -30.60 7.91
CA ALA A 74 7.71 -31.69 8.09
C ALA A 74 6.33 -31.27 7.59
N GLN A 75 5.40 -32.23 7.56
CA GLN A 75 4.04 -31.90 7.15
C GLN A 75 3.24 -32.02 8.42
N ALA A 76 2.22 -31.19 8.56
CA ALA A 76 1.43 -31.21 9.77
C ALA A 76 0.25 -32.16 9.70
N PRO A 77 -0.06 -32.82 10.83
CA PRO A 77 -1.20 -33.75 10.83
C PRO A 77 -2.42 -32.87 10.55
N ALA A 78 -3.22 -33.24 9.56
CA ALA A 78 -4.37 -32.41 9.22
C ALA A 78 -5.66 -33.16 8.97
N SER A 79 -6.10 -33.94 9.96
CA SER A 79 -7.35 -34.67 9.86
C SER A 79 -7.71 -35.12 11.27
N MET A 80 -8.99 -35.27 11.54
CA MET A 80 -9.42 -35.69 12.86
C MET A 80 -8.95 -37.13 13.11
N ALA A 81 -8.89 -37.92 12.06
CA ALA A 81 -8.45 -39.30 12.20
C ALA A 81 -7.04 -39.30 12.78
N GLU A 82 -6.16 -38.50 12.21
CA GLU A 82 -4.78 -38.42 12.70
C GLU A 82 -4.74 -37.88 14.12
N TYR A 83 -5.51 -36.82 14.36
CA TYR A 83 -5.52 -36.22 15.69
C TYR A 83 -5.94 -37.22 16.76
N LEU A 84 -7.00 -37.97 16.48
CA LEU A 84 -7.48 -38.97 17.45
C LEU A 84 -6.42 -40.05 17.68
N ALA A 85 -5.61 -40.29 16.65
CA ALA A 85 -4.56 -41.30 16.75
C ALA A 85 -3.34 -40.79 17.51
N LEU A 86 -3.06 -39.48 17.43
CA LEU A 86 -1.89 -38.91 18.09
C LEU A 86 -2.15 -38.26 19.44
N SER A 87 -3.36 -37.75 19.63
CA SER A 87 -3.69 -37.03 20.85
C SER A 87 -3.70 -37.82 22.14
N GLY A 88 -3.19 -37.17 23.18
CA GLY A 88 -3.14 -37.77 24.51
C GLY A 88 -4.26 -37.16 25.34
N ILE A 89 -5.14 -36.42 24.68
CA ILE A 89 -6.26 -35.80 25.34
C ILE A 89 -7.55 -36.54 24.99
N ALA A 90 -8.29 -36.93 26.03
CA ALA A 90 -9.55 -37.65 25.83
C ALA A 90 -10.65 -36.67 25.46
N GLU A 91 -11.50 -37.06 24.50
CA GLU A 91 -12.60 -36.19 24.09
C GLU A 91 -13.70 -36.24 25.15
N GLU A 92 -14.48 -35.16 25.23
CA GLU A 92 -15.57 -35.11 26.19
C GLU A 92 -16.75 -35.81 25.56
N THR A 93 -17.21 -36.89 26.17
CA THR A 93 -18.33 -37.65 25.63
C THR A 93 -19.67 -37.21 26.21
N GLU A 94 -19.64 -36.57 27.36
CA GLU A 94 -20.89 -36.14 27.95
C GLU A 94 -21.23 -34.71 27.61
N LYS A 95 -22.53 -34.43 27.57
CA LYS A 95 -23.04 -33.10 27.32
C LYS A 95 -23.72 -32.76 28.64
N GLU A 96 -24.16 -31.52 28.78
CA GLU A 96 -24.78 -31.10 30.03
C GLU A 96 -23.79 -31.35 31.16
N ILE A 97 -23.00 -30.32 31.48
CA ILE A 97 -22.00 -30.45 32.50
C ILE A 97 -21.94 -29.22 33.40
N THR A 98 -21.61 -29.46 34.65
CA THR A 98 -21.48 -28.41 35.64
C THR A 98 -20.34 -27.46 35.28
N ILE A 99 -20.45 -26.21 35.69
CA ILE A 99 -19.41 -25.23 35.41
C ILE A 99 -18.10 -25.58 36.11
N VAL A 100 -18.15 -25.90 37.41
CA VAL A 100 -16.90 -26.24 38.09
C VAL A 100 -16.30 -27.53 37.51
N SER A 101 -17.17 -28.45 37.11
CA SER A 101 -16.70 -29.70 36.53
C SER A 101 -15.98 -29.44 35.20
N ALA A 102 -16.55 -28.56 34.37
CA ALA A 102 -15.96 -28.24 33.08
C ALA A 102 -14.62 -27.50 33.25
N LEU A 103 -14.60 -26.51 34.12
CA LEU A 103 -13.37 -25.75 34.35
C LEU A 103 -12.28 -26.65 34.91
N ALA A 104 -12.63 -27.56 35.82
CA ALA A 104 -11.63 -28.45 36.40
C ALA A 104 -11.01 -29.31 35.30
N ARG A 105 -11.83 -29.71 34.34
CA ARG A 105 -11.33 -30.53 33.25
C ARG A 105 -10.43 -29.74 32.30
N VAL A 106 -10.79 -28.50 31.97
CA VAL A 106 -9.91 -27.75 31.09
C VAL A 106 -8.60 -27.45 31.81
N LYS A 107 -8.68 -27.20 33.13
CA LYS A 107 -7.48 -26.90 33.89
C LYS A 107 -6.55 -28.11 33.79
N ARG A 108 -7.13 -29.29 33.91
CA ARG A 108 -6.39 -30.54 33.83
C ARG A 108 -5.72 -30.68 32.46
N ASP A 109 -6.47 -30.42 31.40
CA ASP A 109 -5.93 -30.53 30.05
C ASP A 109 -4.86 -29.46 29.81
N PHE A 110 -5.06 -28.27 30.38
CA PHE A 110 -4.08 -27.20 30.22
C PHE A 110 -2.77 -27.62 30.91
N GLU A 111 -2.89 -28.26 32.07
CA GLU A 111 -1.72 -28.71 32.81
C GLU A 111 -1.01 -29.83 32.04
N TYR A 112 -1.79 -30.71 31.43
CA TYR A 112 -1.22 -31.79 30.64
C TYR A 112 -0.45 -31.16 29.48
N LEU A 113 -1.06 -30.20 28.79
CA LEU A 113 -0.40 -29.53 27.67
C LEU A 113 0.87 -28.83 28.15
N SER A 114 0.77 -28.21 29.32
CA SER A 114 1.90 -27.48 29.88
C SER A 114 3.13 -28.37 30.07
N THR A 115 2.95 -29.55 30.65
CA THR A 115 4.09 -30.44 30.86
C THR A 115 4.60 -30.94 29.51
N ARG A 116 3.68 -31.21 28.59
CA ARG A 116 4.06 -31.68 27.27
C ARG A 116 4.87 -30.60 26.54
N PHE A 117 4.37 -29.37 26.58
CA PHE A 117 5.05 -28.26 25.92
C PHE A 117 6.41 -27.98 26.53
N SER A 118 6.51 -28.11 27.85
CA SER A 118 7.78 -27.87 28.53
C SER A 118 8.86 -28.84 28.04
N GLN A 119 8.48 -30.07 27.73
CA GLN A 119 9.45 -31.04 27.24
C GLN A 119 10.00 -30.56 25.91
N THR A 120 9.11 -30.02 25.08
CA THR A 120 9.51 -29.52 23.77
C THR A 120 10.44 -28.31 23.94
N GLN A 121 10.08 -27.43 24.85
CA GLN A 121 10.85 -26.23 25.17
C GLN A 121 12.28 -26.65 25.53
N VAL A 122 12.39 -27.67 26.36
CA VAL A 122 13.70 -28.17 26.78
C VAL A 122 14.47 -28.70 25.58
N LEU A 123 13.81 -29.50 24.76
CA LEU A 123 14.46 -30.05 23.57
C LEU A 123 14.97 -28.95 22.66
N ALA A 124 14.09 -27.99 22.37
CA ALA A 124 14.46 -26.88 21.49
C ALA A 124 15.60 -26.07 22.08
N ALA A 125 15.54 -25.83 23.38
CA ALA A 125 16.56 -25.05 24.06
C ALA A 125 17.92 -25.73 23.98
N GLU A 126 17.95 -27.03 24.29
CA GLU A 126 19.21 -27.76 24.26
C GLU A 126 19.78 -27.96 22.85
N SER A 127 18.93 -27.96 21.84
CA SER A 127 19.40 -28.15 20.47
C SER A 127 19.60 -26.85 19.70
N GLY A 128 19.42 -25.72 20.38
CA GLY A 128 19.60 -24.44 19.73
C GLY A 128 18.46 -23.99 18.82
N ASP A 129 17.31 -24.67 18.87
CA ASP A 129 16.18 -24.28 18.04
C ASP A 129 15.50 -23.10 18.73
N ALA A 130 16.14 -21.94 18.65
CA ALA A 130 15.64 -20.73 19.28
C ALA A 130 14.21 -20.37 18.91
N VAL A 131 13.89 -20.43 17.62
CA VAL A 131 12.55 -20.10 17.16
C VAL A 131 11.48 -20.98 17.80
N THR A 132 11.66 -22.28 17.76
CA THR A 132 10.69 -23.19 18.34
C THR A 132 10.59 -22.94 19.83
N ASP A 133 11.74 -22.66 20.44
CA ASP A 133 11.81 -22.39 21.87
C ASP A 133 10.89 -21.22 22.20
N GLY A 134 11.07 -20.12 21.46
CA GLY A 134 10.26 -18.94 21.69
C GLY A 134 8.78 -19.19 21.47
N ILE A 135 8.46 -19.93 20.42
CA ILE A 135 7.07 -20.22 20.11
C ILE A 135 6.41 -20.99 21.25
N ILE A 136 7.05 -22.07 21.68
CA ILE A 136 6.48 -22.86 22.77
C ILE A 136 6.43 -22.07 24.08
N THR A 137 7.49 -21.32 24.36
CA THR A 137 7.51 -20.55 25.60
C THR A 137 6.39 -19.52 25.65
N ASP A 138 6.08 -18.91 24.50
CA ASP A 138 4.98 -17.93 24.47
C ASP A 138 3.67 -18.61 24.85
N ILE A 139 3.47 -19.81 24.31
CA ILE A 139 2.27 -20.60 24.58
C ILE A 139 2.28 -21.02 26.04
N LEU A 140 3.44 -21.42 26.53
CA LEU A 140 3.60 -21.82 27.90
C LEU A 140 3.19 -20.66 28.82
N ARG A 141 3.53 -19.44 28.43
CA ARG A 141 3.18 -18.29 29.25
C ARG A 141 1.68 -18.12 29.37
N THR A 142 0.96 -18.19 28.25
CA THR A 142 -0.48 -18.02 28.31
C THR A 142 -1.14 -19.18 29.06
N LEU A 143 -0.57 -20.38 28.95
CA LEU A 143 -1.11 -21.54 29.64
C LEU A 143 -0.96 -21.35 31.14
N GLY A 144 0.22 -20.88 31.54
CA GLY A 144 0.49 -20.66 32.95
C GLY A 144 -0.47 -19.69 33.58
N LYS A 145 -0.79 -18.62 32.86
CA LYS A 145 -1.71 -17.63 33.37
C LYS A 145 -3.11 -18.22 33.49
N ALA A 146 -3.54 -18.98 32.47
CA ALA A 146 -4.88 -19.58 32.49
C ALA A 146 -5.00 -20.64 33.58
N ILE A 147 -3.96 -21.45 33.74
CA ILE A 147 -3.95 -22.49 34.77
C ILE A 147 -4.08 -21.83 36.14
N TRP A 148 -3.34 -20.76 36.36
CA TRP A 148 -3.39 -20.06 37.63
C TRP A 148 -4.79 -19.48 37.88
N MET A 149 -5.36 -18.82 36.87
CA MET A 149 -6.69 -18.25 37.05
C MET A 149 -7.73 -19.32 37.32
N LEU A 150 -7.69 -20.42 36.56
CA LEU A 150 -8.63 -21.50 36.77
C LEU A 150 -8.50 -22.03 38.20
N GLY A 151 -7.26 -22.18 38.65
CA GLY A 151 -7.00 -22.67 39.98
C GLY A 151 -7.63 -21.76 41.01
N ALA A 152 -7.51 -20.45 40.77
CA ALA A 152 -8.06 -19.45 41.68
C ALA A 152 -9.60 -19.47 41.70
N THR A 153 -10.22 -19.69 40.55
CA THR A 153 -11.68 -19.70 40.51
C THR A 153 -12.25 -21.01 41.04
N LEU A 154 -11.47 -22.09 40.98
CA LEU A 154 -11.91 -23.40 41.46
C LEU A 154 -11.58 -23.64 42.94
N LYS A 155 -10.67 -22.85 43.49
CA LYS A 155 -10.26 -22.99 44.88
C LYS A 155 -11.43 -22.84 45.84
N ALA A 156 -11.52 -23.74 46.82
CA ALA A 156 -12.59 -23.69 47.80
C ALA A 156 -12.07 -23.27 49.18
N SER B 1 -31.88 36.40 43.46
CA SER B 1 -31.87 35.14 42.66
C SER B 1 -32.64 34.02 43.39
N ALA B 2 -33.16 33.07 42.62
CA ALA B 2 -33.92 31.95 43.18
C ALA B 2 -33.61 30.71 42.33
N PRO B 3 -33.83 29.51 42.89
CA PRO B 3 -33.58 28.22 42.24
C PRO B 3 -33.28 28.15 40.74
N GLY B 4 -34.28 28.36 39.90
CA GLY B 4 -34.00 28.30 38.47
C GLY B 4 -34.01 29.66 37.80
N VAL B 5 -33.90 30.72 38.58
CA VAL B 5 -33.94 32.07 38.01
C VAL B 5 -33.08 33.15 38.68
N PRO B 6 -31.84 33.35 38.17
CA PRO B 6 -30.95 34.37 38.74
C PRO B 6 -31.66 35.70 38.54
N ASP B 7 -31.53 36.64 39.47
CA ASP B 7 -32.22 37.91 39.28
C ASP B 7 -31.56 38.75 38.20
N ALA B 8 -32.31 39.69 37.66
CA ALA B 8 -31.85 40.58 36.59
C ALA B 8 -30.44 41.12 36.79
N ARG B 9 -30.14 41.56 38.00
CA ARG B 9 -28.84 42.11 38.31
C ARG B 9 -27.79 41.03 38.20
N ALA B 10 -28.20 39.79 38.44
CA ALA B 10 -27.20 38.74 38.39
C ALA B 10 -26.94 38.28 36.98
N ILE B 11 -27.99 38.00 36.21
CA ILE B 11 -27.79 37.52 34.85
C ILE B 11 -27.11 38.60 34.02
N ALA B 12 -27.44 39.86 34.27
CA ALA B 12 -26.83 40.96 33.54
C ALA B 12 -25.36 41.06 33.87
N ALA B 13 -25.03 40.91 35.14
CA ALA B 13 -23.63 40.99 35.56
C ALA B 13 -22.84 39.82 34.98
N ILE B 14 -23.44 38.63 34.97
CA ILE B 14 -22.78 37.46 34.42
C ILE B 14 -22.57 37.62 32.92
N CYS B 15 -23.59 38.11 32.21
CA CYS B 15 -23.46 38.32 30.77
C CYS B 15 -22.36 39.30 30.44
N GLU B 16 -22.21 40.33 31.28
CA GLU B 16 -21.17 41.32 31.05
C GLU B 16 -19.79 40.66 31.17
N GLN B 17 -19.66 39.78 32.16
CA GLN B 17 -18.42 39.06 32.37
C GLN B 17 -18.16 38.15 31.17
N LEU B 18 -19.18 37.40 30.78
CA LEU B 18 -19.09 36.49 29.64
C LEU B 18 -18.65 37.21 28.37
N ARG B 19 -19.24 38.37 28.11
CA ARG B 19 -18.89 39.17 26.94
C ARG B 19 -17.42 39.50 26.96
N GLN B 20 -16.90 39.83 28.13
CA GLN B 20 -15.49 40.14 28.22
C GLN B 20 -14.64 38.89 28.00
N HIS B 21 -15.08 37.76 28.53
CA HIS B 21 -14.33 36.52 28.35
C HIS B 21 -14.18 36.20 26.88
N VAL B 22 -15.27 36.34 26.13
CA VAL B 22 -15.25 36.07 24.70
C VAL B 22 -14.21 36.96 24.03
N ALA B 23 -14.23 38.24 24.38
CA ALA B 23 -13.29 39.19 23.83
C ALA B 23 -11.85 38.82 24.17
N ASP B 24 -11.59 38.50 25.44
CA ASP B 24 -10.25 38.14 25.86
C ASP B 24 -9.79 36.85 25.20
N LEU B 25 -10.67 35.86 25.12
CA LEU B 25 -10.34 34.60 24.49
C LEU B 25 -10.03 34.84 23.02
N GLY B 26 -10.84 35.67 22.37
CA GLY B 26 -10.63 35.98 20.97
C GLY B 26 -9.25 36.56 20.75
N VAL B 27 -8.90 37.53 21.59
CA VAL B 27 -7.60 38.19 21.49
C VAL B 27 -6.47 37.19 21.77
N LEU B 28 -6.64 36.36 22.79
CA LEU B 28 -5.63 35.39 23.15
C LEU B 28 -5.41 34.39 22.01
N TYR B 29 -6.49 34.02 21.35
CA TYR B 29 -6.45 33.07 20.25
C TYR B 29 -5.44 33.49 19.21
N ILE B 30 -5.51 34.75 18.82
CA ILE B 30 -4.60 35.26 17.81
C ILE B 30 -3.20 35.51 18.38
N LYS B 31 -3.15 35.90 19.64
CA LYS B 31 -1.88 36.16 20.30
C LYS B 31 -1.08 34.85 20.35
N LEU B 32 -1.77 33.76 20.63
CA LEU B 32 -1.13 32.46 20.70
C LEU B 32 -0.57 32.05 19.34
N HIS B 33 -1.24 32.46 18.27
CA HIS B 33 -0.75 32.14 16.94
C HIS B 33 0.54 32.91 16.73
N ASN B 34 0.57 34.15 17.22
CA ASN B 34 1.75 34.99 17.10
C ASN B 34 2.95 34.23 17.66
N TYR B 35 2.85 33.76 18.90
CA TYR B 35 3.96 33.02 19.50
C TYR B 35 4.21 31.73 18.74
N HIS B 36 3.12 31.07 18.35
CA HIS B 36 3.17 29.82 17.61
C HIS B 36 4.05 29.99 16.37
N TRP B 37 3.91 31.12 15.70
CA TRP B 37 4.66 31.41 14.48
C TRP B 37 6.05 32.00 14.68
N HIS B 38 6.21 32.87 15.67
CA HIS B 38 7.46 33.57 15.82
C HIS B 38 8.46 33.18 16.89
N ILE B 39 8.16 32.16 17.68
CA ILE B 39 9.13 31.75 18.68
C ILE B 39 10.28 31.11 17.92
N TYR B 40 11.41 30.98 18.59
CA TYR B 40 12.58 30.35 18.01
C TYR B 40 13.40 29.84 19.18
N GLY B 41 14.21 28.83 18.91
CA GLY B 41 15.01 28.24 19.96
C GLY B 41 15.00 26.73 19.80
N ILE B 42 15.90 26.07 20.49
CA ILE B 42 16.04 24.63 20.41
C ILE B 42 14.75 23.86 20.72
N GLU B 43 13.90 24.41 21.59
CA GLU B 43 12.65 23.74 21.97
C GLU B 43 11.50 24.06 21.02
N PHE B 44 11.80 24.76 19.92
CA PHE B 44 10.78 25.17 18.96
C PHE B 44 9.62 24.21 18.68
N LYS B 45 9.91 23.05 18.13
CA LYS B 45 8.87 22.09 17.77
C LYS B 45 7.90 21.80 18.91
N GLN B 46 8.43 21.51 20.09
CA GLN B 46 7.58 21.20 21.24
C GLN B 46 6.70 22.38 21.63
N VAL B 47 7.29 23.56 21.72
CA VAL B 47 6.53 24.73 22.10
C VAL B 47 5.57 25.13 21.01
N HIS B 48 6.00 25.00 19.76
CA HIS B 48 5.17 25.32 18.61
C HIS B 48 3.88 24.51 18.73
N GLU B 49 4.02 23.23 19.04
CA GLU B 49 2.87 22.34 19.20
C GLU B 49 2.06 22.64 20.45
N LEU B 50 2.75 22.96 21.55
CA LEU B 50 2.06 23.28 22.79
C LEU B 50 1.16 24.50 22.57
N LEU B 51 1.70 25.51 21.89
CA LEU B 51 0.96 26.73 21.61
C LEU B 51 -0.30 26.43 20.81
N GLU B 52 -0.21 25.47 19.90
CA GLU B 52 -1.37 25.11 19.10
C GLU B 52 -2.41 24.45 20.01
N GLU B 53 -1.96 23.56 20.88
CA GLU B 53 -2.88 22.91 21.81
C GLU B 53 -3.62 24.01 22.56
N TYR B 54 -2.87 25.02 22.99
CA TYR B 54 -3.44 26.13 23.73
C TYR B 54 -4.50 26.89 22.94
N TYR B 55 -4.18 27.30 21.71
CA TYR B 55 -5.18 28.06 20.99
C TYR B 55 -6.39 27.23 20.58
N VAL B 56 -6.20 25.92 20.46
CA VAL B 56 -7.32 25.04 20.13
C VAL B 56 -8.21 25.03 21.36
N SER B 57 -7.59 24.90 22.52
CA SER B 57 -8.31 24.90 23.78
C SER B 57 -8.98 26.26 24.02
N VAL B 58 -8.27 27.33 23.69
CA VAL B 58 -8.80 28.66 23.88
C VAL B 58 -10.01 28.91 23.00
N THR B 59 -9.95 28.47 21.75
CA THR B 59 -11.06 28.70 20.85
C THR B 59 -12.26 27.84 21.26
N GLU B 60 -11.98 26.75 21.97
CA GLU B 60 -13.03 25.88 22.44
C GLU B 60 -13.80 26.63 23.53
N ALA B 61 -13.06 27.21 24.47
CA ALA B 61 -13.67 27.97 25.56
C ALA B 61 -14.38 29.19 24.96
N PHE B 62 -13.75 29.77 23.95
CA PHE B 62 -14.28 30.91 23.23
C PHE B 62 -15.70 30.60 22.77
N ASP B 63 -15.85 29.46 22.11
CA ASP B 63 -17.14 29.08 21.61
C ASP B 63 -18.16 28.64 22.66
N THR B 64 -17.76 27.88 23.67
CA THR B 64 -18.75 27.46 24.66
C THR B 64 -19.25 28.65 25.49
N ILE B 65 -18.37 29.58 25.82
CA ILE B 65 -18.78 30.75 26.59
C ILE B 65 -19.70 31.65 25.76
N ALA B 66 -19.37 31.83 24.49
CA ALA B 66 -20.19 32.65 23.61
C ALA B 66 -21.59 32.05 23.52
N GLU B 67 -21.65 30.73 23.44
CA GLU B 67 -22.93 30.05 23.34
C GLU B 67 -23.72 30.13 24.63
N ARG B 68 -23.02 30.17 25.76
CA ARG B 68 -23.71 30.26 27.04
C ARG B 68 -24.37 31.64 27.09
N LEU B 69 -23.65 32.61 26.58
CA LEU B 69 -24.12 33.98 26.53
C LEU B 69 -25.41 34.02 25.69
N LEU B 70 -25.40 33.30 24.58
CA LEU B 70 -26.58 33.24 23.72
C LEU B 70 -27.75 32.62 24.47
N GLN B 71 -27.48 31.56 25.22
CA GLN B 71 -28.49 30.88 25.98
C GLN B 71 -29.10 31.79 27.02
N LEU B 72 -28.29 32.68 27.58
CA LEU B 72 -28.76 33.60 28.61
C LEU B 72 -29.57 34.74 28.02
N GLY B 73 -29.82 34.67 26.71
CA GLY B 73 -30.62 35.69 26.06
C GLY B 73 -29.86 36.89 25.50
N ALA B 74 -28.54 36.87 25.63
CA ALA B 74 -27.73 37.98 25.12
C ALA B 74 -27.15 37.62 23.76
N GLN B 75 -26.51 38.60 23.11
CA GLN B 75 -25.88 38.32 21.83
C GLN B 75 -24.39 38.41 22.12
N ALA B 76 -23.60 37.57 21.45
CA ALA B 76 -22.18 37.56 21.70
C ALA B 76 -21.41 38.56 20.85
N PRO B 77 -20.36 39.15 21.43
CA PRO B 77 -19.56 40.11 20.66
C PRO B 77 -18.95 39.26 19.56
N ALA B 78 -19.07 39.71 18.31
CA ALA B 78 -18.58 38.93 17.20
C ALA B 78 -17.85 39.71 16.12
N SER B 79 -16.82 40.44 16.52
CA SER B 79 -16.00 41.21 15.59
C SER B 79 -14.73 41.59 16.31
N MET B 80 -13.65 41.73 15.57
CA MET B 80 -12.39 42.11 16.18
C MET B 80 -12.50 43.51 16.77
N ALA B 81 -13.27 44.37 16.12
CA ALA B 81 -13.46 45.73 16.62
C ALA B 81 -14.02 45.68 18.05
N GLU B 82 -15.05 44.88 18.27
CA GLU B 82 -15.64 44.76 19.60
C GLU B 82 -14.65 44.12 20.57
N TYR B 83 -13.95 43.08 20.13
CA TYR B 83 -12.98 42.41 20.99
C TYR B 83 -11.91 43.37 21.47
N LEU B 84 -11.34 44.15 20.56
CA LEU B 84 -10.31 45.10 20.93
C LEU B 84 -10.86 46.14 21.90
N ALA B 85 -12.16 46.41 21.80
CA ALA B 85 -12.79 47.38 22.68
C ALA B 85 -13.09 46.82 24.07
N LEU B 86 -13.34 45.52 24.16
CA LEU B 86 -13.69 44.89 25.43
C LEU B 86 -12.54 44.18 26.12
N SER B 87 -11.60 43.68 25.35
CA SER B 87 -10.49 42.92 25.89
C SER B 87 -9.54 43.63 26.85
N GLY B 88 -9.15 42.91 27.90
CA GLY B 88 -8.22 43.42 28.86
C GLY B 88 -6.86 42.82 28.58
N ILE B 89 -6.75 42.11 27.46
CA ILE B 89 -5.50 41.48 27.07
C ILE B 89 -4.85 42.25 25.92
N ALA B 90 -3.60 42.63 26.12
CA ALA B 90 -2.87 43.37 25.12
C ALA B 90 -2.39 42.42 24.02
N GLU B 91 -2.47 42.89 22.78
CA GLU B 91 -2.03 42.09 21.64
C GLU B 91 -0.50 42.12 21.57
N GLU B 92 0.08 41.06 21.02
CA GLU B 92 1.52 40.96 20.88
C GLU B 92 1.89 41.71 19.62
N THR B 93 2.67 42.78 19.77
CA THR B 93 3.07 43.59 18.62
C THR B 93 4.39 43.17 18.02
N GLU B 94 5.24 42.51 18.81
CA GLU B 94 6.51 42.08 18.28
C GLU B 94 6.48 40.69 17.67
N LYS B 95 7.36 40.48 16.71
CA LYS B 95 7.51 39.21 16.02
C LYS B 95 8.88 38.75 16.46
N GLU B 96 9.23 37.49 16.20
CA GLU B 96 10.52 36.98 16.62
C GLU B 96 10.62 37.15 18.12
N ILE B 97 10.35 36.07 18.85
CA ILE B 97 10.40 36.14 20.29
C ILE B 97 10.98 34.87 20.89
N THR B 98 11.65 35.04 22.01
CA THR B 98 12.27 33.96 22.74
C THR B 98 11.21 32.98 23.26
N ILE B 99 11.57 31.71 23.41
CA ILE B 99 10.63 30.73 23.90
C ILE B 99 10.22 31.01 25.35
N VAL B 100 11.19 31.26 26.23
CA VAL B 100 10.84 31.53 27.61
C VAL B 100 10.04 32.82 27.73
N SER B 101 10.35 33.77 26.85
CA SER B 101 9.66 35.04 26.87
C SER B 101 8.18 34.85 26.46
N ALA B 102 7.96 34.03 25.43
CA ALA B 102 6.60 33.76 24.95
C ALA B 102 5.81 32.99 26.00
N LEU B 103 6.41 31.96 26.57
CA LEU B 103 5.72 31.18 27.57
C LEU B 103 5.36 32.00 28.81
N ALA B 104 6.28 32.88 29.21
CA ALA B 104 6.05 33.71 30.39
C ALA B 104 4.84 34.61 30.13
N ARG B 105 4.71 35.07 28.90
CA ARG B 105 3.59 35.93 28.55
C ARG B 105 2.27 35.18 28.50
N VAL B 106 2.24 33.95 27.97
CA VAL B 106 0.97 33.24 27.94
C VAL B 106 0.61 32.86 29.38
N LYS B 107 1.60 32.54 30.20
CA LYS B 107 1.32 32.19 31.59
C LYS B 107 0.65 33.39 32.26
N ARG B 108 1.15 34.57 31.96
CA ARG B 108 0.63 35.81 32.53
C ARG B 108 -0.82 36.01 32.08
N ASP B 109 -1.09 35.79 30.78
CA ASP B 109 -2.44 35.95 30.25
C ASP B 109 -3.38 34.88 30.80
N PHE B 110 -2.86 33.68 31.01
CA PHE B 110 -3.67 32.60 31.55
C PHE B 110 -4.05 32.96 32.99
N GLU B 111 -3.11 33.52 33.73
CA GLU B 111 -3.38 33.90 35.11
C GLU B 111 -4.40 35.04 35.14
N TYR B 112 -4.27 35.99 34.21
CA TYR B 112 -5.22 37.08 34.15
C TYR B 112 -6.61 36.50 33.88
N LEU B 113 -6.70 35.59 32.91
CA LEU B 113 -8.00 34.97 32.60
C LEU B 113 -8.54 34.21 33.80
N SER B 114 -7.65 33.51 34.50
CA SER B 114 -8.03 32.74 35.66
C SER B 114 -8.70 33.61 36.73
N THR B 115 -8.12 34.75 37.06
CA THR B 115 -8.72 35.60 38.07
C THR B 115 -10.06 36.16 37.54
N ARG B 116 -10.11 36.50 36.26
CA ARG B 116 -11.34 37.02 35.69
C ARG B 116 -12.44 35.94 35.68
N PHE B 117 -12.08 34.73 35.30
CA PHE B 117 -13.05 33.63 35.26
C PHE B 117 -13.54 33.29 36.66
N SER B 118 -12.65 33.37 37.65
CA SER B 118 -13.03 33.08 39.02
C SER B 118 -14.12 34.05 39.51
N GLN B 119 -14.05 35.31 39.09
CA GLN B 119 -15.05 36.27 39.52
C GLN B 119 -16.40 35.85 38.97
N THR B 120 -16.40 35.37 37.73
CA THR B 120 -17.63 34.93 37.10
C THR B 120 -18.16 33.68 37.78
N GLN B 121 -17.28 32.76 38.14
CA GLN B 121 -17.76 31.56 38.79
C GLN B 121 -18.38 31.90 40.13
N VAL B 122 -17.83 32.88 40.83
CA VAL B 122 -18.38 33.31 42.11
C VAL B 122 -19.77 33.91 41.88
N LEU B 123 -19.90 34.76 40.87
CA LEU B 123 -21.19 35.36 40.56
C LEU B 123 -22.23 34.30 40.25
N ALA B 124 -21.86 33.38 39.37
CA ALA B 124 -22.74 32.30 38.97
C ALA B 124 -23.14 31.43 40.15
N ALA B 125 -22.17 31.12 40.99
CA ALA B 125 -22.41 30.27 42.16
C ALA B 125 -23.38 30.94 43.13
N GLU B 126 -23.15 32.22 43.43
CA GLU B 126 -24.01 32.92 44.36
C GLU B 126 -25.42 33.17 43.82
N SER B 127 -25.56 33.24 42.50
CA SER B 127 -26.87 33.51 41.90
C SER B 127 -27.58 32.24 41.47
N GLY B 128 -26.98 31.09 41.72
CA GLY B 128 -27.63 29.85 41.33
C GLY B 128 -27.52 29.46 39.87
N ASP B 129 -26.73 30.19 39.09
CA ASP B 129 -26.55 29.85 37.68
C ASP B 129 -25.58 28.66 37.61
N ALA B 130 -26.10 27.49 37.94
CA ALA B 130 -25.33 26.26 37.97
C ALA B 130 -24.61 25.95 36.65
N VAL B 131 -25.31 26.09 35.54
CA VAL B 131 -24.73 25.82 34.23
C VAL B 131 -23.51 26.69 33.96
N THR B 132 -23.65 28.01 34.12
CA THR B 132 -22.52 28.89 33.87
C THR B 132 -21.38 28.54 34.82
N ASP B 133 -21.74 28.20 36.05
CA ASP B 133 -20.77 27.84 37.07
C ASP B 133 -19.92 26.68 36.55
N GLY B 134 -20.59 25.62 36.12
CA GLY B 134 -19.91 24.44 35.61
C GLY B 134 -19.05 24.72 34.39
N ILE B 135 -19.56 25.54 33.48
CA ILE B 135 -18.82 25.88 32.29
C ILE B 135 -17.53 26.62 32.65
N ILE B 136 -17.63 27.67 33.45
CA ILE B 136 -16.42 28.42 33.83
C ILE B 136 -15.47 27.55 34.65
N THR B 137 -16.00 26.79 35.59
CA THR B 137 -15.16 25.93 36.41
C THR B 137 -14.34 24.94 35.57
N ASP B 138 -14.96 24.38 34.53
CA ASP B 138 -14.26 23.44 33.66
C ASP B 138 -13.07 24.13 33.00
N ILE B 139 -13.30 25.34 32.54
CA ILE B 139 -12.27 26.15 31.90
C ILE B 139 -11.21 26.50 32.94
N LEU B 140 -11.64 26.85 34.14
CA LEU B 140 -10.74 27.17 35.23
C LEU B 140 -9.83 25.99 35.52
N ARG B 141 -10.36 24.77 35.42
CA ARG B 141 -9.56 23.59 35.69
C ARG B 141 -8.45 23.43 34.66
N THR B 142 -8.77 23.59 33.37
CA THR B 142 -7.72 23.44 32.37
C THR B 142 -6.70 24.58 32.46
N LEU B 143 -7.15 25.78 32.84
CA LEU B 143 -6.24 26.91 32.98
C LEU B 143 -5.27 26.63 34.14
N GLY B 144 -5.80 26.10 35.23
CA GLY B 144 -4.98 25.83 36.38
C GLY B 144 -3.87 24.85 36.07
N LYS B 145 -4.19 23.83 35.29
CA LYS B 145 -3.21 22.83 34.93
C LYS B 145 -2.15 23.45 34.02
N ALA B 146 -2.58 24.25 33.05
CA ALA B 146 -1.64 24.89 32.12
C ALA B 146 -0.74 25.89 32.85
N ILE B 147 -1.31 26.67 33.76
CA ILE B 147 -0.55 27.65 34.51
C ILE B 147 0.52 26.93 35.33
N TRP B 148 0.13 25.82 35.97
CA TRP B 148 1.07 25.06 36.76
C TRP B 148 2.21 24.51 35.89
N MET B 149 1.87 23.93 34.74
CA MET B 149 2.89 23.37 33.87
C MET B 149 3.82 24.45 33.35
N LEU B 150 3.26 25.59 32.95
CA LEU B 150 4.09 26.67 32.45
C LEU B 150 5.05 27.13 33.54
N GLY B 151 4.53 27.22 34.77
CA GLY B 151 5.34 27.64 35.89
C GLY B 151 6.49 26.67 36.10
N ALA B 152 6.20 25.39 35.95
CA ALA B 152 7.21 24.37 36.13
C ALA B 152 8.28 24.41 35.03
N THR B 153 7.88 24.71 33.80
CA THR B 153 8.84 24.75 32.72
C THR B 153 9.67 26.05 32.73
N LEU B 154 9.11 27.12 33.30
CA LEU B 154 9.81 28.39 33.38
C LEU B 154 10.64 28.56 34.67
N LYS B 155 10.39 27.70 35.65
CA LYS B 155 11.12 27.77 36.91
C LYS B 155 12.63 27.59 36.71
N ALA B 156 13.41 28.43 37.37
CA ALA B 156 14.85 28.36 37.24
C ALA B 156 15.51 27.88 38.54
N ASP C 7 14.14 35.36 -8.06
CA ASP C 7 13.51 36.71 -8.31
C ASP C 7 12.90 37.22 -7.00
N ALA C 8 13.74 37.87 -6.19
CA ALA C 8 13.31 38.40 -4.90
C ALA C 8 12.18 39.39 -5.03
N ARG C 9 12.04 39.98 -6.22
CA ARG C 9 10.97 40.92 -6.51
C ARG C 9 9.60 40.24 -6.37
N ALA C 10 9.45 39.09 -7.02
CA ALA C 10 8.24 38.27 -7.02
C ALA C 10 7.90 37.76 -5.61
N ILE C 11 8.93 37.36 -4.88
CA ILE C 11 8.75 36.86 -3.52
C ILE C 11 8.12 37.93 -2.64
N ALA C 12 8.53 39.19 -2.82
CA ALA C 12 7.99 40.28 -2.03
C ALA C 12 6.53 40.51 -2.38
N ALA C 13 6.21 40.43 -3.66
CA ALA C 13 4.85 40.62 -4.11
C ALA C 13 3.96 39.51 -3.54
N ILE C 14 4.47 38.28 -3.57
CA ILE C 14 3.74 37.13 -3.07
C ILE C 14 3.53 37.26 -1.56
N CYS C 15 4.56 37.66 -0.83
CA CYS C 15 4.44 37.82 0.61
C CYS C 15 3.40 38.86 0.96
N GLU C 16 3.35 39.94 0.18
CA GLU C 16 2.38 40.99 0.42
C GLU C 16 0.97 40.42 0.27
N GLN C 17 0.78 39.58 -0.74
CA GLN C 17 -0.52 38.94 -0.97
C GLN C 17 -0.86 38.01 0.20
N LEU C 18 0.11 37.18 0.59
CA LEU C 18 -0.04 36.25 1.68
C LEU C 18 -0.44 36.97 2.98
N ARG C 19 0.24 38.08 3.25
CA ARG C 19 -0.02 38.90 4.44
C ARG C 19 -1.50 39.29 4.46
N GLN C 20 -2.01 39.69 3.30
CA GLN C 20 -3.40 40.11 3.19
C GLN C 20 -4.32 38.90 3.40
N HIS C 21 -3.95 37.75 2.85
CA HIS C 21 -4.76 36.56 2.99
C HIS C 21 -4.94 36.18 4.45
N VAL C 22 -3.84 36.24 5.21
CA VAL C 22 -3.89 35.92 6.62
C VAL C 22 -4.87 36.86 7.31
N ALA C 23 -4.77 38.14 7.01
CA ALA C 23 -5.66 39.14 7.60
C ALA C 23 -7.12 38.85 7.25
N ASP C 24 -7.40 38.62 5.97
CA ASP C 24 -8.77 38.34 5.54
C ASP C 24 -9.30 37.06 6.17
N LEU C 25 -8.48 36.02 6.21
CA LEU C 25 -8.88 34.76 6.81
C LEU C 25 -9.19 34.99 8.29
N GLY C 26 -8.31 35.72 8.98
CA GLY C 26 -8.51 36.00 10.38
C GLY C 26 -9.85 36.70 10.62
N VAL C 27 -10.15 37.69 9.79
CA VAL C 27 -11.39 38.43 9.90
C VAL C 27 -12.59 37.50 9.59
N LEU C 28 -12.46 36.69 8.55
CA LEU C 28 -13.54 35.79 8.18
C LEU C 28 -13.81 34.80 9.30
N TYR C 29 -12.73 34.32 9.92
CA TYR C 29 -12.84 33.36 10.99
C TYR C 29 -13.84 33.82 12.05
N ILE C 30 -13.70 35.06 12.49
CA ILE C 30 -14.58 35.59 13.51
C ILE C 30 -15.96 35.93 12.95
N LYS C 31 -15.98 36.38 11.71
CA LYS C 31 -17.23 36.72 11.05
C LYS C 31 -18.10 35.46 10.96
N LEU C 32 -17.48 34.33 10.65
CA LEU C 32 -18.21 33.08 10.55
C LEU C 32 -18.78 32.68 11.90
N HIS C 33 -18.08 33.01 12.99
CA HIS C 33 -18.60 32.70 14.31
C HIS C 33 -19.84 33.55 14.54
N ASN C 34 -19.79 34.79 14.05
CA ASN C 34 -20.92 35.68 14.21
C ASN C 34 -22.18 35.00 13.64
N TYR C 35 -22.10 34.55 12.39
CA TYR C 35 -23.25 33.91 11.78
C TYR C 35 -23.57 32.61 12.51
N HIS C 36 -22.53 31.89 12.86
CA HIS C 36 -22.66 30.64 13.58
C HIS C 36 -23.54 30.81 14.82
N TRP C 37 -23.32 31.91 15.54
CA TRP C 37 -24.05 32.20 16.75
C TRP C 37 -25.40 32.90 16.57
N HIS C 38 -25.48 33.81 15.63
CA HIS C 38 -26.70 34.60 15.49
C HIS C 38 -27.72 34.28 14.41
N ILE C 39 -27.49 33.26 13.59
CA ILE C 39 -28.48 32.93 12.58
C ILE C 39 -29.67 32.35 13.32
N TYR C 40 -30.81 32.33 12.65
CA TYR C 40 -32.01 31.75 13.23
C TYR C 40 -32.84 31.29 12.05
N GLY C 41 -33.71 30.31 12.29
CA GLY C 41 -34.54 29.81 11.22
C GLY C 41 -34.62 28.31 11.35
N ILE C 42 -35.59 27.73 10.65
CA ILE C 42 -35.82 26.30 10.70
C ILE C 42 -34.58 25.46 10.35
N GLU C 43 -33.70 25.99 9.50
CA GLU C 43 -32.50 25.24 9.10
C GLU C 43 -31.30 25.46 10.05
N PHE C 44 -31.56 26.14 11.16
CA PHE C 44 -30.51 26.48 12.12
C PHE C 44 -29.43 25.44 12.39
N LYS C 45 -29.81 24.28 12.90
CA LYS C 45 -28.82 23.26 13.22
C LYS C 45 -27.87 22.93 12.09
N GLN C 46 -28.40 22.72 10.90
CA GLN C 46 -27.59 22.38 9.74
C GLN C 46 -26.63 23.51 9.37
N VAL C 47 -27.15 24.72 9.30
CA VAL C 47 -26.32 25.87 8.96
C VAL C 47 -25.32 26.18 10.08
N HIS C 48 -25.77 26.03 11.32
CA HIS C 48 -24.92 26.28 12.48
C HIS C 48 -23.68 25.40 12.32
N GLU C 49 -23.91 24.14 11.99
CA GLU C 49 -22.82 23.20 11.80
C GLU C 49 -21.99 23.45 10.55
N LEU C 50 -22.66 23.87 9.47
CA LEU C 50 -21.96 24.16 8.24
C LEU C 50 -20.99 25.32 8.49
N LEU C 51 -21.47 26.35 9.19
CA LEU C 51 -20.65 27.51 9.50
C LEU C 51 -19.41 27.12 10.29
N GLU C 52 -19.56 26.13 11.16
CA GLU C 52 -18.42 25.68 11.96
C GLU C 52 -17.41 24.98 11.05
N GLU C 53 -17.91 24.15 10.13
CA GLU C 53 -17.03 23.47 9.19
C GLU C 53 -16.23 24.54 8.47
N TYR C 54 -16.90 25.60 8.07
CA TYR C 54 -16.26 26.70 7.36
C TYR C 54 -15.17 27.38 8.17
N TYR C 55 -15.46 27.79 9.40
CA TYR C 55 -14.42 28.46 10.15
C TYR C 55 -13.27 27.55 10.54
N VAL C 56 -13.54 26.25 10.60
CA VAL C 56 -12.48 25.29 10.92
C VAL C 56 -11.58 25.26 9.69
N SER C 57 -12.23 25.20 8.53
CA SER C 57 -11.52 25.18 7.26
C SER C 57 -10.75 26.50 7.04
N VAL C 58 -11.39 27.60 7.39
CA VAL C 58 -10.78 28.91 7.24
C VAL C 58 -9.56 29.05 8.14
N THR C 59 -9.66 28.60 9.38
CA THR C 59 -8.53 28.72 10.29
C THR C 59 -7.40 27.80 9.87
N GLU C 60 -7.73 26.77 9.11
CA GLU C 60 -6.72 25.84 8.62
C GLU C 60 -5.91 26.56 7.54
N ALA C 61 -6.61 27.22 6.62
CA ALA C 61 -5.97 27.96 5.54
C ALA C 61 -5.18 29.11 6.17
N PHE C 62 -5.75 29.70 7.21
CA PHE C 62 -5.17 30.81 7.96
C PHE C 62 -3.78 30.39 8.41
N ASP C 63 -3.71 29.22 9.02
CA ASP C 63 -2.46 28.71 9.55
C ASP C 63 -1.45 28.27 8.49
N THR C 64 -1.88 27.57 7.44
CA THR C 64 -0.93 27.12 6.42
C THR C 64 -0.35 28.29 5.62
N ILE C 65 -1.19 29.29 5.32
CA ILE C 65 -0.71 30.46 4.59
C ILE C 65 0.27 31.28 5.43
N ALA C 66 -0.05 31.46 6.70
CA ALA C 66 0.83 32.21 7.60
C ALA C 66 2.20 31.52 7.68
N GLU C 67 2.20 30.20 7.75
CA GLU C 67 3.44 29.46 7.85
C GLU C 67 4.22 29.48 6.54
N ARG C 68 3.52 29.62 5.41
CA ARG C 68 4.21 29.67 4.13
C ARG C 68 4.94 31.01 4.10
N LEU C 69 4.28 32.03 4.62
CA LEU C 69 4.83 33.36 4.71
C LEU C 69 6.11 33.28 5.53
N LEU C 70 6.07 32.53 6.64
CA LEU C 70 7.23 32.39 7.49
C LEU C 70 8.36 31.71 6.74
N GLN C 71 8.01 30.69 5.95
CA GLN C 71 9.02 29.97 5.19
C GLN C 71 9.68 30.87 4.16
N LEU C 72 8.92 31.81 3.62
CA LEU C 72 9.44 32.74 2.62
C LEU C 72 10.32 33.82 3.23
N GLY C 73 10.57 33.70 4.54
CA GLY C 73 11.43 34.67 5.22
C GLY C 73 10.73 35.88 5.80
N ALA C 74 9.41 35.96 5.69
CA ALA C 74 8.69 37.09 6.24
C ALA C 74 8.08 36.72 7.59
N GLN C 75 7.49 37.70 8.25
CA GLN C 75 6.85 37.45 9.53
C GLN C 75 5.37 37.63 9.23
N ALA C 76 4.54 36.84 9.90
CA ALA C 76 3.12 36.91 9.65
C ALA C 76 2.40 37.92 10.53
N PRO C 77 1.41 38.62 9.96
CA PRO C 77 0.68 39.61 10.77
C PRO C 77 -0.01 38.78 11.86
N ALA C 78 0.16 39.17 13.11
CA ALA C 78 -0.41 38.40 14.20
C ALA C 78 -1.08 39.21 15.29
N SER C 79 -2.08 39.99 14.92
CA SER C 79 -2.83 40.78 15.88
C SER C 79 -4.07 41.26 15.16
N MET C 80 -5.15 41.44 15.91
CA MET C 80 -6.39 41.92 15.32
C MET C 80 -6.19 43.31 14.75
N ALA C 81 -5.37 44.11 15.44
CA ALA C 81 -5.10 45.46 14.96
C ALA C 81 -4.55 45.41 13.54
N GLU C 82 -3.55 44.57 13.30
CA GLU C 82 -2.98 44.45 11.96
C GLU C 82 -4.01 43.90 10.98
N TYR C 83 -4.75 42.89 11.40
CA TYR C 83 -5.75 42.30 10.51
C TYR C 83 -6.78 43.32 10.06
N LEU C 84 -7.29 44.12 10.99
CA LEU C 84 -8.27 45.13 10.65
C LEU C 84 -7.67 46.16 9.70
N ALA C 85 -6.35 46.35 9.80
CA ALA C 85 -5.67 47.31 8.95
C ALA C 85 -5.39 46.77 7.55
N LEU C 86 -5.20 45.46 7.43
CA LEU C 86 -4.91 44.84 6.15
C LEU C 86 -6.09 44.22 5.43
N SER C 87 -7.07 43.75 6.19
CA SER C 87 -8.21 43.07 5.60
C SER C 87 -9.12 43.87 4.69
N GLY C 88 -9.56 43.21 3.62
CA GLY C 88 -10.47 43.81 2.68
C GLY C 88 -11.87 43.28 2.94
N ILE C 89 -12.01 42.54 4.05
CA ILE C 89 -13.31 41.99 4.42
C ILE C 89 -13.90 42.76 5.59
N ALA C 90 -15.14 43.21 5.41
CA ALA C 90 -15.82 43.98 6.43
C ALA C 90 -16.36 43.05 7.50
N GLU C 91 -16.25 43.48 8.75
CA GLU C 91 -16.73 42.69 9.87
C GLU C 91 -18.25 42.77 9.94
N GLU C 92 -18.87 41.73 10.48
CA GLU C 92 -20.31 41.72 10.61
C GLU C 92 -20.66 42.46 11.89
N THR C 93 -21.36 43.58 11.77
CA THR C 93 -21.72 44.38 12.93
C THR C 93 -23.07 44.03 13.52
N GLU C 94 -23.93 43.44 12.71
CA GLU C 94 -25.24 43.08 13.24
C GLU C 94 -25.25 41.66 13.79
N LYS C 95 -26.15 41.44 14.74
CA LYS C 95 -26.34 40.15 15.36
C LYS C 95 -27.77 39.82 14.96
N GLU C 96 -28.21 38.60 15.20
CA GLU C 96 -29.55 38.21 14.79
C GLU C 96 -29.66 38.41 13.29
N ILE C 97 -29.44 37.35 12.53
CA ILE C 97 -29.49 37.43 11.09
C ILE C 97 -30.16 36.21 10.47
N THR C 98 -30.83 36.44 9.36
CA THR C 98 -31.51 35.39 8.62
C THR C 98 -30.49 34.40 8.06
N ILE C 99 -30.90 33.14 7.89
CA ILE C 99 -30.02 32.13 7.33
C ILE C 99 -29.61 32.43 5.89
N VAL C 100 -30.57 32.77 5.03
CA VAL C 100 -30.21 33.06 3.64
C VAL C 100 -29.34 34.30 3.57
N SER C 101 -29.58 35.26 4.44
CA SER C 101 -28.79 36.47 4.45
C SER C 101 -27.35 36.17 4.87
N ALA C 102 -27.19 35.32 5.88
CA ALA C 102 -25.85 34.96 6.36
C ALA C 102 -25.09 34.17 5.30
N LEU C 103 -25.75 33.20 4.68
CA LEU C 103 -25.10 32.39 3.66
C LEU C 103 -24.71 33.24 2.45
N ALA C 104 -25.59 34.15 2.06
CA ALA C 104 -25.32 35.02 0.93
C ALA C 104 -24.04 35.81 1.21
N ARG C 105 -23.89 36.26 2.46
CA ARG C 105 -22.71 37.03 2.82
C ARG C 105 -21.45 36.19 2.83
N VAL C 106 -21.50 34.96 3.35
CA VAL C 106 -20.28 34.16 3.34
C VAL C 106 -19.93 33.80 1.90
N LYS C 107 -20.94 33.58 1.06
CA LYS C 107 -20.67 33.25 -0.34
C LYS C 107 -19.92 34.41 -0.97
N ARG C 108 -20.38 35.62 -0.67
CA ARG C 108 -19.75 36.82 -1.20
C ARG C 108 -18.29 36.92 -0.72
N ASP C 109 -18.05 36.66 0.56
CA ASP C 109 -16.70 36.73 1.09
C ASP C 109 -15.82 35.62 0.52
N PHE C 110 -16.42 34.46 0.28
CA PHE C 110 -15.68 33.35 -0.28
C PHE C 110 -15.27 33.72 -1.71
N GLU C 111 -16.17 34.38 -2.43
CA GLU C 111 -15.87 34.78 -3.79
C GLU C 111 -14.78 35.83 -3.81
N TYR C 112 -14.85 36.77 -2.86
CA TYR C 112 -13.83 37.81 -2.77
C TYR C 112 -12.49 37.13 -2.52
N LEU C 113 -12.45 36.19 -1.58
CA LEU C 113 -11.22 35.46 -1.27
C LEU C 113 -10.72 34.71 -2.49
N SER C 114 -11.65 34.12 -3.22
CA SER C 114 -11.31 33.36 -4.40
C SER C 114 -10.57 34.21 -5.45
N THR C 115 -11.09 35.39 -5.77
CA THR C 115 -10.41 36.22 -6.75
C THR C 115 -9.06 36.68 -6.21
N ARG C 116 -9.01 36.98 -4.91
CA ARG C 116 -7.76 37.41 -4.30
C ARG C 116 -6.73 36.30 -4.36
N PHE C 117 -7.14 35.08 -3.99
CA PHE C 117 -6.24 33.94 -4.00
C PHE C 117 -5.77 33.62 -5.41
N SER C 118 -6.65 33.75 -6.38
CA SER C 118 -6.30 33.48 -7.76
C SER C 118 -5.15 34.37 -8.23
N GLN C 119 -5.16 35.63 -7.79
CA GLN C 119 -4.11 36.55 -8.17
C GLN C 119 -2.78 36.03 -7.63
N THR C 120 -2.80 35.54 -6.40
CA THR C 120 -1.58 35.02 -5.81
C THR C 120 -1.13 33.76 -6.53
N GLN C 121 -2.06 32.90 -6.91
CA GLN C 121 -1.68 31.66 -7.59
C GLN C 121 -1.04 32.01 -8.93
N VAL C 122 -1.56 33.02 -9.61
CA VAL C 122 -0.97 33.46 -10.87
C VAL C 122 0.47 33.96 -10.63
N LEU C 123 0.66 34.77 -9.59
CA LEU C 123 1.98 35.28 -9.25
C LEU C 123 2.94 34.15 -8.98
N ALA C 124 2.54 33.25 -8.11
CA ALA C 124 3.36 32.11 -7.75
C ALA C 124 3.68 31.24 -8.97
N ALA C 125 2.68 31.03 -9.81
CA ALA C 125 2.87 30.21 -11.00
C ALA C 125 3.90 30.83 -11.94
N GLU C 126 3.74 32.11 -12.23
CA GLU C 126 4.66 32.81 -13.13
C GLU C 126 6.07 32.98 -12.59
N SER C 127 6.23 32.97 -11.28
CA SER C 127 7.55 33.14 -10.69
C SER C 127 8.20 31.83 -10.29
N GLY C 128 7.52 30.73 -10.56
CA GLY C 128 8.07 29.43 -10.21
C GLY C 128 7.95 29.02 -8.76
N ASP C 129 7.15 29.74 -7.97
CA ASP C 129 6.97 29.39 -6.55
C ASP C 129 5.94 28.25 -6.53
N ALA C 130 6.40 27.06 -6.90
CA ALA C 130 5.54 25.89 -6.96
C ALA C 130 4.83 25.59 -5.64
N VAL C 131 5.56 25.64 -4.52
CA VAL C 131 4.95 25.37 -3.22
C VAL C 131 3.79 26.30 -2.90
N THR C 132 4.00 27.60 -3.03
CA THR C 132 2.93 28.55 -2.74
C THR C 132 1.77 28.32 -3.70
N ASP C 133 2.10 28.00 -4.94
CA ASP C 133 1.11 27.74 -5.99
C ASP C 133 0.19 26.62 -5.50
N GLY C 134 0.80 25.51 -5.11
CA GLY C 134 0.05 24.36 -4.63
C GLY C 134 -0.79 24.67 -3.41
N ILE C 135 -0.22 25.40 -2.46
CA ILE C 135 -0.95 25.74 -1.26
C ILE C 135 -2.20 26.56 -1.59
N ILE C 136 -2.04 27.63 -2.37
CA ILE C 136 -3.18 28.46 -2.72
C ILE C 136 -4.19 27.68 -3.55
N THR C 137 -3.70 26.90 -4.52
CA THR C 137 -4.61 26.14 -5.37
C THR C 137 -5.47 25.17 -4.54
N ASP C 138 -4.88 24.53 -3.54
CA ASP C 138 -5.63 23.62 -2.68
C ASP C 138 -6.78 24.36 -1.99
N ILE C 139 -6.47 25.56 -1.50
CA ILE C 139 -7.46 26.40 -0.84
C ILE C 139 -8.50 26.83 -1.85
N LEU C 140 -8.04 27.18 -3.05
CA LEU C 140 -8.92 27.60 -4.13
C LEU C 140 -9.92 26.49 -4.43
N ARG C 141 -9.45 25.25 -4.40
CA ARG C 141 -10.32 24.11 -4.67
C ARG C 141 -11.46 24.01 -3.64
N THR C 142 -11.13 24.08 -2.36
CA THR C 142 -12.17 23.99 -1.35
C THR C 142 -13.12 25.20 -1.42
N LEU C 143 -12.60 26.36 -1.78
CA LEU C 143 -13.43 27.55 -1.89
C LEU C 143 -14.42 27.38 -3.03
N GLY C 144 -13.93 26.86 -4.15
CA GLY C 144 -14.77 26.64 -5.31
C GLY C 144 -15.94 25.72 -5.00
N LYS C 145 -15.66 24.66 -4.27
CA LYS C 145 -16.69 23.70 -3.90
C LYS C 145 -17.72 24.37 -3.00
N ALA C 146 -17.26 25.12 -2.00
CA ALA C 146 -18.15 25.81 -1.07
C ALA C 146 -18.99 26.87 -1.76
N ILE C 147 -18.36 27.64 -2.64
CA ILE C 147 -19.07 28.69 -3.37
C ILE C 147 -20.18 28.05 -4.22
N TRP C 148 -19.87 26.95 -4.88
CA TRP C 148 -20.86 26.25 -5.69
C TRP C 148 -22.01 25.75 -4.82
N MET C 149 -21.70 25.12 -3.70
CA MET C 149 -22.75 24.61 -2.83
C MET C 149 -23.62 25.73 -2.28
N LEU C 150 -23.00 26.82 -1.85
CA LEU C 150 -23.77 27.94 -1.32
C LEU C 150 -24.68 28.48 -2.41
N GLY C 151 -24.15 28.56 -3.63
CA GLY C 151 -24.95 29.05 -4.74
C GLY C 151 -26.15 28.16 -4.96
N ALA C 152 -25.94 26.85 -4.85
CA ALA C 152 -27.03 25.90 -5.05
C ALA C 152 -28.08 26.00 -3.95
N THR C 153 -27.65 26.23 -2.71
CA THR C 153 -28.64 26.31 -1.65
C THR C 153 -29.37 27.65 -1.63
N LEU C 154 -28.75 28.69 -2.18
CA LEU C 154 -29.39 30.01 -2.20
C LEU C 154 -30.21 30.25 -3.46
N LYS C 155 -30.00 29.42 -4.48
CA LYS C 155 -30.72 29.55 -5.74
C LYS C 155 -32.22 29.47 -5.54
N ALA C 156 -32.96 30.39 -6.18
CA ALA C 156 -34.41 30.40 -6.07
C ALA C 156 -35.08 29.98 -7.38
N PRO D 6 -46.71 -31.77 11.43
CA PRO D 6 -45.50 -32.42 11.99
C PRO D 6 -44.74 -31.44 12.90
N ASP D 7 -45.48 -30.80 13.80
CA ASP D 7 -44.91 -29.84 14.73
C ASP D 7 -43.61 -30.34 15.35
N ALA D 8 -43.71 -31.35 16.22
CA ALA D 8 -42.53 -31.91 16.89
C ALA D 8 -41.76 -32.93 16.07
N ARG D 9 -42.35 -33.39 14.97
CA ARG D 9 -41.67 -34.37 14.11
C ARG D 9 -40.71 -33.59 13.23
N ALA D 10 -41.14 -32.38 12.88
CA ALA D 10 -40.35 -31.48 12.05
C ALA D 10 -39.10 -31.03 12.80
N ILE D 11 -39.27 -30.67 14.07
CA ILE D 11 -38.14 -30.22 14.87
C ILE D 11 -37.09 -31.32 14.96
N ALA D 12 -37.54 -32.56 15.09
CA ALA D 12 -36.62 -33.69 15.21
C ALA D 12 -35.84 -33.87 13.91
N ALA D 13 -36.55 -33.72 12.79
CA ALA D 13 -35.93 -33.87 11.48
C ALA D 13 -34.90 -32.75 11.28
N ILE D 14 -35.28 -31.54 11.66
CA ILE D 14 -34.39 -30.40 11.52
C ILE D 14 -33.15 -30.58 12.41
N CYS D 15 -33.34 -31.03 13.64
CA CYS D 15 -32.21 -31.23 14.55
C CYS D 15 -31.25 -32.27 13.99
N GLU D 16 -31.79 -33.29 13.35
CA GLU D 16 -30.96 -34.33 12.78
C GLU D 16 -30.09 -33.73 11.68
N GLN D 17 -30.69 -32.84 10.88
CA GLN D 17 -29.95 -32.18 9.82
C GLN D 17 -28.87 -31.28 10.42
N LEU D 18 -29.25 -30.49 11.41
CA LEU D 18 -28.32 -29.58 12.09
C LEU D 18 -27.14 -30.35 12.67
N ARG D 19 -27.40 -31.48 13.31
CA ARG D 19 -26.33 -32.29 13.89
C ARG D 19 -25.33 -32.69 12.80
N GLN D 20 -25.85 -33.02 11.62
CA GLN D 20 -24.98 -33.40 10.53
C GLN D 20 -24.17 -32.20 10.04
N HIS D 21 -24.82 -31.03 9.97
CA HIS D 21 -24.13 -29.83 9.51
C HIS D 21 -22.96 -29.51 10.43
N VAL D 22 -23.16 -29.62 11.74
CA VAL D 22 -22.10 -29.35 12.67
C VAL D 22 -20.93 -30.29 12.40
N ALA D 23 -21.24 -31.57 12.22
CA ALA D 23 -20.23 -32.59 11.94
C ALA D 23 -19.48 -32.26 10.65
N ASP D 24 -20.21 -31.96 9.58
CA ASP D 24 -19.57 -31.63 8.32
C ASP D 24 -18.72 -30.38 8.41
N LEU D 25 -19.26 -29.34 9.05
CA LEU D 25 -18.52 -28.09 9.21
C LEU D 25 -17.24 -28.36 10.00
N GLY D 26 -17.36 -29.15 11.06
CA GLY D 26 -16.20 -29.46 11.88
C GLY D 26 -15.12 -30.12 11.04
N VAL D 27 -15.52 -31.09 10.22
CA VAL D 27 -14.57 -31.80 9.39
C VAL D 27 -13.97 -30.88 8.34
N LEU D 28 -14.81 -30.03 7.75
CA LEU D 28 -14.36 -29.09 6.73
C LEU D 28 -13.34 -28.12 7.33
N TYR D 29 -13.61 -27.70 8.56
CA TYR D 29 -12.74 -26.77 9.26
C TYR D 29 -11.30 -27.24 9.26
N ILE D 30 -11.10 -28.50 9.61
CA ILE D 30 -9.76 -29.05 9.64
C ILE D 30 -9.24 -29.36 8.24
N LYS D 31 -10.14 -29.74 7.34
CA LYS D 31 -9.75 -30.04 5.97
C LYS D 31 -9.18 -28.77 5.33
N LEU D 32 -9.83 -27.64 5.61
CA LEU D 32 -9.40 -26.37 5.07
C LEU D 32 -8.01 -26.01 5.58
N HIS D 33 -7.71 -26.39 6.82
CA HIS D 33 -6.38 -26.10 7.36
C HIS D 33 -5.37 -26.92 6.58
N ASN D 34 -5.76 -28.15 6.25
CA ASN D 34 -4.89 -29.04 5.50
C ASN D 34 -4.45 -28.33 4.23
N TYR D 35 -5.41 -27.85 3.44
CA TYR D 35 -5.06 -27.15 2.21
C TYR D 35 -4.27 -25.87 2.53
N HIS D 36 -4.73 -25.18 3.56
CA HIS D 36 -4.11 -23.95 4.01
C HIS D 36 -2.61 -24.17 4.22
N TRP D 37 -2.26 -25.32 4.80
CA TRP D 37 -0.85 -25.62 5.09
C TRP D 37 -0.06 -26.28 3.98
N HIS D 38 -0.71 -27.14 3.22
CA HIS D 38 -0.01 -27.91 2.20
C HIS D 38 -0.09 -27.55 0.74
N ILE D 39 -0.82 -26.48 0.39
CA ILE D 39 -0.87 -26.12 -1.03
C ILE D 39 0.49 -25.54 -1.36
N TYR D 40 0.79 -25.44 -2.64
CA TYR D 40 2.04 -24.86 -3.10
C TYR D 40 1.77 -24.35 -4.49
N GLY D 41 2.55 -23.38 -4.92
CA GLY D 41 2.35 -22.81 -6.24
C GLY D 41 2.53 -21.32 -6.16
N ILE D 42 2.69 -20.70 -7.32
CA ILE D 42 2.88 -19.27 -7.39
C ILE D 42 1.79 -18.44 -6.69
N GLU D 43 0.55 -18.95 -6.65
CA GLU D 43 -0.55 -18.22 -6.02
C GLU D 43 -0.67 -18.50 -4.52
N PHE D 44 0.31 -19.22 -3.98
CA PHE D 44 0.30 -19.60 -2.57
C PHE D 44 -0.27 -18.61 -1.56
N LYS D 45 0.39 -17.46 -1.41
CA LYS D 45 -0.05 -16.49 -0.42
C LYS D 45 -1.53 -16.12 -0.53
N GLN D 46 -2.01 -15.85 -1.74
CA GLN D 46 -3.40 -15.48 -1.92
C GLN D 46 -4.37 -16.60 -1.53
N VAL D 47 -4.06 -17.82 -1.96
CA VAL D 47 -4.89 -18.96 -1.66
C VAL D 47 -4.78 -19.34 -0.19
N HIS D 48 -3.57 -19.23 0.35
CA HIS D 48 -3.30 -19.53 1.75
C HIS D 48 -4.25 -18.66 2.60
N GLU D 49 -4.34 -17.39 2.24
CA GLU D 49 -5.19 -16.46 2.95
C GLU D 49 -6.68 -16.70 2.69
N LEU D 50 -7.02 -17.05 1.45
CA LEU D 50 -8.40 -17.33 1.08
C LEU D 50 -8.90 -18.50 1.93
N LEU D 51 -8.08 -19.55 2.02
CA LEU D 51 -8.41 -20.73 2.79
C LEU D 51 -8.71 -20.38 4.25
N GLU D 52 -7.94 -19.44 4.80
CA GLU D 52 -8.14 -19.03 6.17
C GLU D 52 -9.48 -18.31 6.29
N GLU D 53 -9.79 -17.44 5.33
CA GLU D 53 -11.07 -16.75 5.33
C GLU D 53 -12.16 -17.81 5.38
N TYR D 54 -11.99 -18.85 4.57
CA TYR D 54 -12.94 -19.94 4.51
C TYR D 54 -13.13 -20.67 5.83
N TYR D 55 -12.04 -21.09 6.46
CA TYR D 55 -12.23 -21.81 7.71
C TYR D 55 -12.72 -20.93 8.84
N VAL D 56 -12.47 -19.63 8.75
CA VAL D 56 -12.96 -18.73 9.78
C VAL D 56 -14.48 -18.66 9.59
N SER D 57 -14.89 -18.55 8.33
CA SER D 57 -16.30 -18.49 7.97
C SER D 57 -16.99 -19.82 8.33
N VAL D 58 -16.31 -20.93 8.06
CA VAL D 58 -16.86 -22.25 8.35
C VAL D 58 -17.05 -22.45 9.86
N THR D 59 -16.07 -22.03 10.64
CA THR D 59 -16.18 -22.22 12.09
C THR D 59 -17.27 -21.30 12.65
N GLU D 60 -17.57 -20.22 11.92
CA GLU D 60 -18.60 -19.29 12.34
C GLU D 60 -19.95 -20.01 12.18
N ALA D 61 -20.15 -20.61 11.01
CA ALA D 61 -21.38 -21.34 10.73
C ALA D 61 -21.47 -22.51 11.70
N PHE D 62 -20.32 -23.12 11.95
CA PHE D 62 -20.20 -24.25 12.86
C PHE D 62 -20.84 -23.87 14.18
N ASP D 63 -20.41 -22.74 14.72
CA ASP D 63 -20.92 -22.32 16.00
C ASP D 63 -22.37 -21.83 16.01
N THR D 64 -22.81 -21.09 15.00
CA THR D 64 -24.19 -20.62 15.02
C THR D 64 -25.18 -21.77 14.85
N ILE D 65 -24.83 -22.76 14.02
CA ILE D 65 -25.70 -23.90 13.81
C ILE D 65 -25.77 -24.76 15.08
N ALA D 66 -24.62 -24.98 15.69
CA ALA D 66 -24.59 -25.78 16.91
C ALA D 66 -25.46 -25.11 17.98
N GLU D 67 -25.38 -23.78 18.06
CA GLU D 67 -26.16 -23.05 19.05
C GLU D 67 -27.65 -23.08 18.74
N ARG D 68 -28.00 -23.16 17.46
CA ARG D 68 -29.39 -23.20 17.09
C ARG D 68 -29.94 -24.54 17.56
N LEU D 69 -29.11 -25.56 17.41
CA LEU D 69 -29.44 -26.91 17.81
C LEU D 69 -29.73 -26.88 19.31
N LEU D 70 -28.88 -26.19 20.07
CA LEU D 70 -29.05 -26.09 21.51
C LEU D 70 -30.37 -25.41 21.83
N GLN D 71 -30.69 -24.36 21.09
CA GLN D 71 -31.93 -23.63 21.31
C GLN D 71 -33.15 -24.50 21.06
N LEU D 72 -33.03 -25.42 20.09
CA LEU D 72 -34.12 -26.31 19.75
C LEU D 72 -34.29 -27.43 20.77
N GLY D 73 -33.52 -27.37 21.85
CA GLY D 73 -33.64 -28.39 22.89
C GLY D 73 -32.74 -29.60 22.75
N ALA D 74 -31.92 -29.63 21.70
CA ALA D 74 -31.02 -30.76 21.51
C ALA D 74 -29.61 -30.43 22.02
N GLN D 75 -28.74 -31.43 22.02
CA GLN D 75 -27.36 -31.21 22.44
C GLN D 75 -26.57 -31.35 21.16
N ALA D 76 -25.52 -30.56 21.03
CA ALA D 76 -24.72 -30.59 19.82
C ALA D 76 -23.60 -31.62 19.86
N PRO D 77 -23.33 -32.28 18.72
CA PRO D 77 -22.26 -33.26 18.70
C PRO D 77 -20.99 -32.46 19.00
N ALA D 78 -20.19 -32.93 19.94
CA ALA D 78 -19.01 -32.17 20.33
C ALA D 78 -17.76 -33.00 20.55
N SER D 79 -17.35 -33.73 19.53
CA SER D 79 -16.14 -34.54 19.60
C SER D 79 -15.82 -34.97 18.19
N MET D 80 -14.54 -35.19 17.91
CA MET D 80 -14.13 -35.60 16.59
C MET D 80 -14.70 -36.98 16.28
N ALA D 81 -14.79 -37.81 17.32
CA ALA D 81 -15.31 -39.15 17.15
C ALA D 81 -16.73 -39.06 16.56
N GLU D 82 -17.58 -38.21 17.16
CA GLU D 82 -18.95 -38.08 16.67
C GLU D 82 -18.96 -37.48 15.28
N TYR D 83 -18.12 -36.47 15.06
CA TYR D 83 -18.07 -35.82 13.75
C TYR D 83 -17.70 -36.81 12.65
N LEU D 84 -16.69 -37.62 12.90
CA LEU D 84 -16.27 -38.61 11.92
C LEU D 84 -17.39 -39.62 11.66
N ALA D 85 -18.22 -39.86 12.67
CA ALA D 85 -19.31 -40.81 12.53
C ALA D 85 -20.51 -40.20 11.80
N LEU D 86 -20.71 -38.89 11.92
CA LEU D 86 -21.85 -38.24 11.28
C LEU D 86 -21.56 -37.57 9.95
N SER D 87 -20.32 -37.12 9.78
CA SER D 87 -19.94 -36.39 8.57
C SER D 87 -19.98 -37.13 7.26
N GLY D 88 -20.47 -36.43 6.24
CA GLY D 88 -20.54 -36.99 4.90
C GLY D 88 -19.39 -36.42 4.08
N ILE D 89 -18.46 -35.76 4.77
CA ILE D 89 -17.32 -35.17 4.10
C ILE D 89 -16.06 -35.95 4.44
N ALA D 90 -15.35 -36.38 3.40
CA ALA D 90 -14.14 -37.15 3.56
C ALA D 90 -12.99 -36.26 3.95
N GLU D 91 -12.17 -36.72 4.88
CA GLU D 91 -11.02 -35.94 5.32
C GLU D 91 -9.93 -36.03 4.26
N GLU D 92 -9.09 -34.99 4.19
CA GLU D 92 -7.99 -34.95 3.23
C GLU D 92 -6.84 -35.72 3.86
N THR D 93 -6.44 -36.78 3.19
CA THR D 93 -5.37 -37.62 3.71
C THR D 93 -4.01 -37.28 3.13
N GLU D 94 -3.99 -36.68 1.95
CA GLU D 94 -2.72 -36.35 1.35
C GLU D 94 -2.22 -34.99 1.77
N LYS D 95 -0.90 -34.87 1.76
CA LYS D 95 -0.22 -33.64 2.10
C LYS D 95 0.40 -33.22 0.78
N GLU D 96 0.86 -31.98 0.70
CA GLU D 96 1.44 -31.48 -0.53
C GLU D 96 0.40 -31.59 -1.65
N ILE D 97 -0.29 -30.50 -1.91
CA ILE D 97 -1.32 -30.52 -2.95
C ILE D 97 -1.30 -29.26 -3.80
N THR D 98 -1.64 -29.44 -5.08
CA THR D 98 -1.71 -28.36 -6.05
C THR D 98 -2.80 -27.37 -5.64
N ILE D 99 -2.63 -26.12 -6.02
CA ILE D 99 -3.61 -25.09 -5.71
C ILE D 99 -4.94 -25.35 -6.41
N VAL D 100 -4.93 -25.62 -7.72
CA VAL D 100 -6.19 -25.88 -8.41
C VAL D 100 -6.86 -27.14 -7.86
N SER D 101 -6.06 -28.12 -7.45
CA SER D 101 -6.61 -29.35 -6.92
C SER D 101 -7.28 -29.09 -5.58
N ALA D 102 -6.66 -28.27 -4.75
CA ALA D 102 -7.23 -27.94 -3.44
C ALA D 102 -8.51 -27.15 -3.58
N LEU D 103 -8.48 -26.14 -4.44
CA LEU D 103 -9.67 -25.31 -4.65
C LEU D 103 -10.81 -26.12 -5.24
N ALA D 104 -10.51 -27.01 -6.16
CA ALA D 104 -11.56 -27.83 -6.77
C ALA D 104 -12.22 -28.68 -5.67
N ARG D 105 -11.42 -29.16 -4.73
CA ARG D 105 -11.96 -29.97 -3.66
C ARG D 105 -12.83 -29.16 -2.69
N VAL D 106 -12.41 -27.95 -2.34
CA VAL D 106 -13.22 -27.17 -1.43
C VAL D 106 -14.50 -26.77 -2.14
N LYS D 107 -14.41 -26.50 -3.44
CA LYS D 107 -15.60 -26.12 -4.21
C LYS D 107 -16.61 -27.27 -4.15
N ARG D 108 -16.10 -28.50 -4.29
CA ARG D 108 -16.94 -29.68 -4.24
C ARG D 108 -17.59 -29.83 -2.87
N ASP D 109 -16.80 -29.63 -1.80
CA ASP D 109 -17.35 -29.74 -0.45
C ASP D 109 -18.36 -28.63 -0.17
N PHE D 110 -18.11 -27.45 -0.73
CA PHE D 110 -19.02 -26.33 -0.54
C PHE D 110 -20.33 -26.66 -1.23
N GLU D 111 -20.25 -27.28 -2.40
CA GLU D 111 -21.47 -27.64 -3.14
C GLU D 111 -22.23 -28.72 -2.39
N TYR D 112 -21.50 -29.67 -1.81
CA TYR D 112 -22.13 -30.73 -1.06
C TYR D 112 -22.87 -30.10 0.12
N LEU D 113 -22.21 -29.19 0.82
CA LEU D 113 -22.83 -28.52 1.95
C LEU D 113 -24.04 -27.73 1.50
N SER D 114 -23.93 -27.10 0.35
CA SER D 114 -25.01 -26.29 -0.18
C SER D 114 -26.28 -27.10 -0.39
N THR D 115 -26.17 -28.28 -1.00
CA THR D 115 -27.35 -29.10 -1.23
C THR D 115 -27.89 -29.59 0.11
N ARG D 116 -26.99 -29.95 1.02
CA ARG D 116 -27.38 -30.41 2.35
C ARG D 116 -28.14 -29.31 3.10
N PHE D 117 -27.58 -28.11 3.09
CA PHE D 117 -28.20 -26.97 3.77
C PHE D 117 -29.54 -26.63 3.16
N SER D 118 -29.64 -26.71 1.84
CA SER D 118 -30.90 -26.38 1.17
C SER D 118 -32.03 -27.30 1.65
N GLN D 119 -31.71 -28.57 1.92
CA GLN D 119 -32.73 -29.49 2.38
C GLN D 119 -33.26 -29.01 3.74
N THR D 120 -32.33 -28.57 4.59
CA THR D 120 -32.71 -28.07 5.90
C THR D 120 -33.56 -26.80 5.78
N GLN D 121 -33.16 -25.92 4.87
CA GLN D 121 -33.87 -24.67 4.62
C GLN D 121 -35.32 -24.99 4.26
N VAL D 122 -35.49 -25.97 3.38
CA VAL D 122 -36.82 -26.37 2.95
C VAL D 122 -37.62 -26.91 4.14
N LEU D 123 -36.99 -27.76 4.94
CA LEU D 123 -37.65 -28.33 6.12
C LEU D 123 -38.12 -27.22 7.05
N ALA D 124 -37.22 -26.31 7.37
CA ALA D 124 -37.53 -25.21 8.27
C ALA D 124 -38.61 -24.33 7.69
N ALA D 125 -38.53 -24.05 6.40
CA ALA D 125 -39.51 -23.19 5.75
C ALA D 125 -40.91 -23.81 5.81
N GLU D 126 -41.01 -25.08 5.47
CA GLU D 126 -42.30 -25.75 5.48
C GLU D 126 -42.87 -25.96 6.87
N SER D 127 -42.00 -26.03 7.88
CA SER D 127 -42.48 -26.24 9.25
C SER D 127 -42.63 -24.95 10.05
N GLY D 128 -42.36 -23.82 9.41
CA GLY D 128 -42.49 -22.54 10.11
C GLY D 128 -41.33 -22.16 11.03
N ASP D 129 -40.23 -22.91 10.98
CA ASP D 129 -39.08 -22.60 11.81
C ASP D 129 -38.33 -21.44 11.14
N ALA D 130 -38.90 -20.25 11.24
CA ALA D 130 -38.33 -19.05 10.64
C ALA D 130 -36.88 -18.79 11.02
N VAL D 131 -36.56 -18.90 12.31
CA VAL D 131 -35.21 -18.67 12.77
C VAL D 131 -34.19 -19.59 12.10
N THR D 132 -34.44 -20.89 12.12
CA THR D 132 -33.51 -21.84 11.50
C THR D 132 -33.43 -21.56 10.00
N ASP D 133 -34.55 -21.18 9.41
CA ASP D 133 -34.62 -20.86 7.99
C ASP D 133 -33.63 -19.75 7.68
N GLY D 134 -33.75 -18.65 8.44
CA GLY D 134 -32.88 -17.52 8.26
C GLY D 134 -31.41 -17.85 8.46
N ILE D 135 -31.12 -18.62 9.50
CA ILE D 135 -29.75 -18.99 9.80
C ILE D 135 -29.14 -19.78 8.64
N ILE D 136 -29.84 -20.80 8.16
CA ILE D 136 -29.31 -21.61 7.06
C ILE D 136 -29.21 -20.81 5.77
N THR D 137 -30.23 -19.99 5.51
CA THR D 137 -30.23 -19.18 4.31
C THR D 137 -29.04 -18.21 4.28
N ASP D 138 -28.68 -17.64 5.44
CA ASP D 138 -27.54 -16.72 5.50
C ASP D 138 -26.28 -17.48 5.09
N ILE D 139 -26.13 -18.69 5.61
CA ILE D 139 -24.98 -19.54 5.30
C ILE D 139 -25.00 -19.93 3.83
N LEU D 140 -26.20 -20.24 3.35
CA LEU D 140 -26.39 -20.61 1.95
C LEU D 140 -25.92 -19.45 1.05
N ARG D 141 -26.19 -18.21 1.48
CA ARG D 141 -25.78 -17.06 0.70
C ARG D 141 -24.26 -16.95 0.58
N THR D 142 -23.55 -17.10 1.70
CA THR D 142 -22.09 -17.01 1.64
C THR D 142 -21.51 -18.20 0.86
N LEU D 143 -22.15 -19.35 0.95
CA LEU D 143 -21.67 -20.53 0.22
C LEU D 143 -21.80 -20.29 -1.27
N GLY D 144 -22.96 -19.73 -1.65
CA GLY D 144 -23.22 -19.45 -3.06
C GLY D 144 -22.19 -18.53 -3.66
N LYS D 145 -21.82 -17.49 -2.92
CA LYS D 145 -20.83 -16.56 -3.43
C LYS D 145 -19.48 -17.24 -3.56
N ALA D 146 -19.08 -18.02 -2.55
CA ALA D 146 -17.80 -18.70 -2.59
C ALA D 146 -17.73 -19.73 -3.71
N ILE D 147 -18.80 -20.49 -3.88
CA ILE D 147 -18.87 -21.49 -4.94
C ILE D 147 -18.71 -20.81 -6.29
N TRP D 148 -19.42 -19.69 -6.48
CA TRP D 148 -19.32 -18.96 -7.74
C TRP D 148 -17.89 -18.46 -7.97
N MET D 149 -17.28 -17.87 -6.95
CA MET D 149 -15.91 -17.36 -7.11
C MET D 149 -14.93 -18.49 -7.41
N LEU D 150 -15.04 -19.60 -6.70
CA LEU D 150 -14.16 -20.73 -6.93
C LEU D 150 -14.32 -21.22 -8.36
N GLY D 151 -15.58 -21.27 -8.81
CA GLY D 151 -15.86 -21.70 -10.17
C GLY D 151 -15.18 -20.79 -11.17
N ALA D 152 -15.23 -19.49 -10.90
CA ALA D 152 -14.61 -18.52 -11.79
C ALA D 152 -13.09 -18.62 -11.80
N THR D 153 -12.48 -18.91 -10.65
CA THR D 153 -11.03 -18.99 -10.63
C THR D 153 -10.53 -20.32 -11.20
N LEU D 154 -11.38 -21.35 -11.17
CA LEU D 154 -11.01 -22.67 -11.70
C LEU D 154 -11.34 -22.85 -13.17
N LYS D 155 -12.23 -22.01 -13.68
CA LYS D 155 -12.64 -22.08 -15.08
C LYS D 155 -11.46 -21.97 -16.02
N ALA D 156 -11.42 -22.84 -17.03
CA ALA D 156 -10.34 -22.84 -18.02
C ALA D 156 -10.83 -22.37 -19.39
N ASP E 7 8.41 15.81 -26.45
CA ASP E 7 9.85 16.23 -26.40
C ASP E 7 10.69 15.16 -25.71
N ALA E 8 11.31 14.30 -26.52
CA ALA E 8 12.15 13.23 -26.00
C ALA E 8 13.31 13.74 -25.15
N ARG E 9 13.75 14.97 -25.40
CA ARG E 9 14.85 15.55 -24.64
C ARG E 9 14.40 16.00 -23.25
N ALA E 10 13.12 16.35 -23.10
CA ALA E 10 12.61 16.80 -21.81
C ALA E 10 12.45 15.62 -20.86
N ILE E 11 11.83 14.55 -21.35
CA ILE E 11 11.62 13.33 -20.58
C ILE E 11 12.96 12.76 -20.10
N ALA E 12 13.95 12.80 -20.97
CA ALA E 12 15.27 12.27 -20.62
C ALA E 12 15.93 13.12 -19.56
N ALA E 13 15.78 14.44 -19.69
CA ALA E 13 16.35 15.37 -18.74
C ALA E 13 15.69 15.17 -17.37
N ILE E 14 14.38 15.01 -17.37
CA ILE E 14 13.64 14.80 -16.15
C ILE E 14 14.04 13.47 -15.50
N CYS E 15 14.18 12.43 -16.30
CA CYS E 15 14.54 11.13 -15.75
C CYS E 15 15.92 11.18 -15.11
N GLU E 16 16.82 11.94 -15.71
CA GLU E 16 18.16 12.07 -15.18
C GLU E 16 18.09 12.74 -13.80
N GLN E 17 17.23 13.73 -13.68
CA GLN E 17 17.04 14.44 -12.42
C GLN E 17 16.45 13.47 -11.38
N LEU E 18 15.39 12.77 -11.79
CA LEU E 18 14.72 11.81 -10.92
C LEU E 18 15.70 10.74 -10.41
N ARG E 19 16.56 10.25 -11.29
CA ARG E 19 17.55 9.23 -10.90
C ARG E 19 18.42 9.77 -9.78
N GLN E 20 18.82 11.04 -9.91
CA GLN E 20 19.67 11.65 -8.90
C GLN E 20 18.91 11.82 -7.59
N HIS E 21 17.63 12.20 -7.68
CA HIS E 21 16.81 12.37 -6.49
C HIS E 21 16.73 11.06 -5.69
N VAL E 22 16.50 9.96 -6.39
CA VAL E 22 16.42 8.65 -5.74
C VAL E 22 17.73 8.38 -5.02
N ALA E 23 18.84 8.63 -5.70
CA ALA E 23 20.15 8.41 -5.10
C ALA E 23 20.35 9.28 -3.86
N ASP E 24 20.03 10.57 -3.97
CA ASP E 24 20.18 11.48 -2.83
C ASP E 24 19.26 11.09 -1.67
N LEU E 25 18.02 10.75 -1.99
CA LEU E 25 17.07 10.35 -0.97
C LEU E 25 17.57 9.09 -0.28
N GLY E 26 18.06 8.13 -1.07
CA GLY E 26 18.58 6.91 -0.49
C GLY E 26 19.70 7.19 0.48
N VAL E 27 20.62 8.07 0.08
CA VAL E 27 21.76 8.42 0.94
C VAL E 27 21.29 9.13 2.20
N LEU E 28 20.33 10.06 2.03
CA LEU E 28 19.80 10.81 3.15
C LEU E 28 19.12 9.89 4.15
N TYR E 29 18.41 8.91 3.62
CA TYR E 29 17.69 7.95 4.44
C TYR E 29 18.62 7.34 5.49
N ILE E 30 19.77 6.90 5.05
CA ILE E 30 20.71 6.28 5.98
C ILE E 30 21.43 7.31 6.83
N LYS E 31 21.64 8.49 6.27
CA LYS E 31 22.31 9.55 7.00
C LYS E 31 21.44 9.95 8.19
N LEU E 32 20.13 10.01 7.96
CA LEU E 32 19.20 10.38 9.01
C LEU E 32 19.21 9.33 10.12
N HIS E 33 19.43 8.07 9.77
CA HIS E 33 19.49 7.05 10.80
C HIS E 33 20.73 7.29 11.64
N ASN E 34 21.79 7.71 10.97
CA ASN E 34 23.05 7.99 11.66
C ASN E 34 22.77 8.97 12.79
N TYR E 35 22.18 10.10 12.46
CA TYR E 35 21.88 11.12 13.47
C TYR E 35 20.90 10.55 14.49
N HIS E 36 19.90 9.86 13.95
CA HIS E 36 18.88 9.22 14.76
C HIS E 36 19.51 8.40 15.87
N TRP E 37 20.57 7.67 15.54
CA TRP E 37 21.26 6.81 16.50
C TRP E 37 22.34 7.46 17.35
N HIS E 38 23.07 8.40 16.76
CA HIS E 38 24.20 8.99 17.46
C HIS E 38 24.11 10.36 18.10
N ILE E 39 22.97 11.05 17.96
CA ILE E 39 22.87 12.35 18.60
C ILE E 39 22.83 12.10 20.10
N TYR E 40 23.11 13.13 20.86
CA TYR E 40 23.06 13.05 22.30
C TYR E 40 22.75 14.46 22.79
N GLY E 41 22.21 14.56 24.00
CA GLY E 41 21.86 15.86 24.54
C GLY E 41 20.50 15.77 25.21
N ILE E 42 20.19 16.79 26.00
CA ILE E 42 18.94 16.82 26.73
C ILE E 42 17.69 16.67 25.84
N GLU E 43 17.76 17.15 24.60
CA GLU E 43 16.61 17.06 23.69
C GLU E 43 16.55 15.74 22.91
N PHE E 44 17.41 14.80 23.28
CA PHE E 44 17.50 13.52 22.61
C PHE E 44 16.20 12.89 22.12
N LYS E 45 15.34 12.50 23.05
CA LYS E 45 14.09 11.85 22.70
C LYS E 45 13.28 12.56 21.61
N GLN E 46 13.13 13.87 21.73
CA GLN E 46 12.37 14.63 20.74
C GLN E 46 13.03 14.61 19.37
N VAL E 47 14.34 14.86 19.34
CA VAL E 47 15.06 14.89 18.08
C VAL E 47 15.18 13.48 17.49
N HIS E 48 15.35 12.50 18.37
CA HIS E 48 15.44 11.11 17.96
C HIS E 48 14.18 10.78 17.16
N GLU E 49 13.04 11.18 17.70
CA GLU E 49 11.76 10.93 17.05
C GLU E 49 11.56 11.78 15.80
N LEU E 50 12.01 13.02 15.85
CA LEU E 50 11.88 13.92 14.70
C LEU E 50 12.67 13.32 13.53
N LEU E 51 13.88 12.83 13.82
CA LEU E 51 14.74 12.25 12.79
C LEU E 51 14.04 11.06 12.12
N GLU E 52 13.30 10.29 12.91
CA GLU E 52 12.58 9.14 12.38
C GLU E 52 11.47 9.62 11.46
N GLU E 53 10.75 10.65 11.89
CA GLU E 53 9.68 11.21 11.05
C GLU E 53 10.31 11.57 9.71
N TYR E 54 11.47 12.20 9.77
CA TYR E 54 12.18 12.61 8.57
C TYR E 54 12.54 11.46 7.64
N TYR E 55 13.18 10.43 8.17
CA TYR E 55 13.55 9.34 7.29
C TYR E 55 12.37 8.54 6.77
N VAL E 56 11.26 8.56 7.50
CA VAL E 56 10.06 7.88 7.04
C VAL E 56 9.54 8.71 5.86
N SER E 57 9.56 10.02 6.03
CA SER E 57 9.12 10.92 4.98
C SER E 57 10.06 10.82 3.77
N VAL E 58 11.36 10.75 4.03
CA VAL E 58 12.34 10.66 2.97
C VAL E 58 12.16 9.37 2.16
N THR E 59 11.97 8.25 2.85
CA THR E 59 11.82 6.99 2.14
C THR E 59 10.52 6.97 1.36
N GLU E 60 9.56 7.79 1.77
CA GLU E 60 8.29 7.88 1.08
C GLU E 60 8.53 8.58 -0.25
N ALA E 61 9.26 9.69 -0.23
CA ALA E 61 9.61 10.44 -1.44
C ALA E 61 10.48 9.55 -2.33
N PHE E 62 11.38 8.82 -1.68
CA PHE E 62 12.29 7.89 -2.32
C PHE E 62 11.49 6.95 -3.21
N ASP E 63 10.47 6.33 -2.64
CA ASP E 63 9.65 5.39 -3.39
C ASP E 63 8.74 6.02 -4.44
N THR E 64 8.09 7.15 -4.14
CA THR E 64 7.21 7.74 -5.16
C THR E 64 8.00 8.26 -6.37
N ILE E 65 9.16 8.84 -6.12
CA ILE E 65 9.96 9.35 -7.23
C ILE E 65 10.51 8.19 -8.06
N ALA E 66 10.97 7.14 -7.40
CA ALA E 66 11.50 5.99 -8.12
C ALA E 66 10.41 5.40 -9.02
N GLU E 67 9.18 5.36 -8.51
CA GLU E 67 8.07 4.82 -9.28
C GLU E 67 7.64 5.73 -10.41
N ARG E 68 7.86 7.03 -10.24
CA ARG E 68 7.51 7.96 -11.30
C ARG E 68 8.50 7.70 -12.43
N LEU E 69 9.74 7.43 -12.04
CA LEU E 69 10.80 7.15 -12.98
C LEU E 69 10.42 5.92 -13.79
N LEU E 70 9.89 4.91 -13.11
CA LEU E 70 9.47 3.67 -13.77
C LEU E 70 8.35 3.97 -14.76
N GLN E 71 7.41 4.82 -14.36
CA GLN E 71 6.29 5.16 -15.22
C GLN E 71 6.77 5.87 -16.48
N LEU E 72 7.85 6.64 -16.35
CA LEU E 72 8.37 7.39 -17.49
C LEU E 72 9.16 6.49 -18.43
N GLY E 73 9.14 5.18 -18.17
CA GLY E 73 9.85 4.24 -19.01
C GLY E 73 11.29 3.95 -18.65
N ALA E 74 11.79 4.55 -17.58
CA ALA E 74 13.18 4.32 -17.18
C ALA E 74 13.23 3.30 -16.04
N GLN E 75 14.43 2.87 -15.69
CA GLN E 75 14.59 1.93 -14.59
C GLN E 75 15.23 2.75 -13.49
N ALA E 76 14.85 2.46 -12.25
CA ALA E 76 15.37 3.22 -11.13
C ALA E 76 16.68 2.69 -10.58
N PRO E 77 17.58 3.58 -10.16
CA PRO E 77 18.84 3.10 -9.61
C PRO E 77 18.43 2.34 -8.36
N ALA E 78 18.95 1.12 -8.18
CA ALA E 78 18.55 0.32 -7.04
C ALA E 78 19.69 -0.44 -6.36
N SER E 79 20.71 0.29 -5.93
CA SER E 79 21.84 -0.31 -5.24
C SER E 79 22.61 0.82 -4.60
N MET E 80 23.26 0.52 -3.48
CA MET E 80 24.03 1.55 -2.80
C MET E 80 25.19 1.99 -3.68
N ALA E 81 25.74 1.06 -4.46
CA ALA E 81 26.86 1.39 -5.33
C ALA E 81 26.42 2.50 -6.27
N GLU E 82 25.26 2.35 -6.89
CA GLU E 82 24.76 3.35 -7.82
C GLU E 82 24.47 4.66 -7.10
N TYR E 83 23.86 4.56 -5.93
CA TYR E 83 23.53 5.75 -5.16
C TYR E 83 24.76 6.55 -4.79
N LEU E 84 25.81 5.87 -4.33
CA LEU E 84 27.04 6.56 -3.97
C LEU E 84 27.67 7.22 -5.21
N ALA E 85 27.41 6.63 -6.39
CA ALA E 85 27.95 7.17 -7.62
C ALA E 85 27.16 8.36 -8.15
N LEU E 86 25.85 8.38 -7.87
CA LEU E 86 25.00 9.47 -8.35
C LEU E 86 24.73 10.60 -7.35
N SER E 87 24.72 10.26 -6.07
CA SER E 87 24.41 11.22 -5.02
C SER E 87 25.34 12.41 -4.86
N GLY E 88 24.72 13.56 -4.61
CA GLY E 88 25.44 14.79 -4.37
C GLY E 88 25.46 15.06 -2.88
N ILE E 89 25.00 14.09 -2.09
CA ILE E 89 24.98 14.24 -0.64
C ILE E 89 26.06 13.38 0.00
N ALA E 90 26.87 14.01 0.83
CA ALA E 90 27.95 13.31 1.50
C ALA E 90 27.41 12.50 2.67
N GLU E 91 27.95 11.30 2.87
CA GLU E 91 27.50 10.45 3.96
C GLU E 91 28.14 10.95 5.26
N GLU E 92 27.48 10.70 6.37
CA GLU E 92 27.99 11.11 7.66
C GLU E 92 28.95 10.03 8.11
N THR E 93 30.22 10.41 8.28
CA THR E 93 31.25 9.46 8.69
C THR E 93 31.45 9.43 10.18
N GLU E 94 31.12 10.52 10.85
CA GLU E 94 31.31 10.52 12.29
C GLU E 94 30.06 10.05 13.03
N LYS E 95 30.30 9.50 14.21
CA LYS E 95 29.24 9.00 15.08
C LYS E 95 29.36 9.92 16.29
N GLU E 96 28.39 9.85 17.20
CA GLU E 96 28.43 10.72 18.37
C GLU E 96 28.45 12.14 17.86
N ILE E 97 27.28 12.76 17.79
CA ILE E 97 27.19 14.12 17.30
C ILE E 97 26.19 14.94 18.12
N THR E 98 26.46 16.23 18.25
CA THR E 98 25.58 17.10 19.00
C THR E 98 24.27 17.27 18.25
N ILE E 99 23.22 17.59 19.00
CA ILE E 99 21.91 17.78 18.41
C ILE E 99 21.87 18.95 17.45
N VAL E 100 22.39 20.11 17.85
CA VAL E 100 22.36 21.26 16.96
C VAL E 100 23.21 20.99 15.71
N SER E 101 24.30 20.26 15.88
CA SER E 101 25.13 20.00 14.73
C SER E 101 24.43 19.05 13.75
N ALA E 102 23.73 18.06 14.28
CA ALA E 102 23.01 17.12 13.43
C ALA E 102 21.88 17.83 12.70
N LEU E 103 21.11 18.63 13.43
CA LEU E 103 19.99 19.34 12.80
C LEU E 103 20.48 20.32 11.73
N ALA E 104 21.59 20.99 12.01
CA ALA E 104 22.13 21.95 11.04
C ALA E 104 22.48 21.21 9.77
N ARG E 105 23.01 20.01 9.92
CA ARG E 105 23.37 19.23 8.74
C ARG E 105 22.16 18.75 7.96
N VAL E 106 21.11 18.28 8.64
CA VAL E 106 19.94 17.84 7.88
C VAL E 106 19.30 19.04 7.21
N LYS E 107 19.32 20.19 7.87
CA LYS E 107 18.73 21.39 7.28
C LYS E 107 19.47 21.70 5.99
N ARG E 108 20.78 21.57 6.03
CA ARG E 108 21.61 21.84 4.85
C ARG E 108 21.27 20.87 3.73
N ASP E 109 21.13 19.59 4.07
CA ASP E 109 20.79 18.58 3.05
C ASP E 109 19.39 18.78 2.52
N PHE E 110 18.48 19.23 3.38
CA PHE E 110 17.12 19.49 2.96
C PHE E 110 17.13 20.64 1.96
N GLU E 111 17.95 21.64 2.24
CA GLU E 111 18.02 22.80 1.36
C GLU E 111 18.63 22.40 0.03
N TYR E 112 19.66 21.56 0.07
CA TYR E 112 20.29 21.09 -1.15
C TYR E 112 19.24 20.35 -1.98
N LEU E 113 18.49 19.45 -1.34
CA LEU E 113 17.45 18.71 -2.04
C LEU E 113 16.40 19.66 -2.61
N SER E 114 16.06 20.68 -1.84
CA SER E 114 15.07 21.65 -2.27
C SER E 114 15.46 22.36 -3.57
N THR E 115 16.70 22.82 -3.66
CA THR E 115 17.12 23.49 -4.88
C THR E 115 17.14 22.47 -6.03
N ARG E 116 17.60 21.26 -5.75
CA ARG E 116 17.66 20.22 -6.78
C ARG E 116 16.25 19.87 -7.26
N PHE E 117 15.32 19.71 -6.33
CA PHE E 117 13.93 19.38 -6.70
C PHE E 117 13.28 20.51 -7.48
N SER E 118 13.58 21.75 -7.10
CA SER E 118 13.01 22.89 -7.81
C SER E 118 13.40 22.88 -9.29
N GLN E 119 14.62 22.47 -9.58
CA GLN E 119 15.05 22.44 -10.97
C GLN E 119 14.18 21.46 -11.73
N THR E 120 13.90 20.33 -11.10
CA THR E 120 13.08 19.32 -11.72
C THR E 120 11.67 19.83 -11.91
N GLN E 121 11.13 20.51 -10.90
CA GLN E 121 9.77 21.02 -11.04
C GLN E 121 9.69 22.02 -12.19
N VAL E 122 10.73 22.82 -12.36
CA VAL E 122 10.75 23.78 -13.47
C VAL E 122 10.76 23.03 -14.79
N LEU E 123 11.60 22.00 -14.89
CA LEU E 123 11.68 21.20 -16.11
C LEU E 123 10.33 20.57 -16.44
N ALA E 124 9.73 19.93 -15.43
CA ALA E 124 8.45 19.28 -15.60
C ALA E 124 7.37 20.28 -15.98
N ALA E 125 7.40 21.45 -15.35
CA ALA E 125 6.40 22.48 -15.63
C ALA E 125 6.50 22.99 -17.07
N GLU E 126 7.72 23.28 -17.51
CA GLU E 126 7.91 23.79 -18.85
C GLU E 126 7.65 22.76 -19.95
N SER E 127 7.79 21.47 -19.62
CA SER E 127 7.59 20.42 -20.61
C SER E 127 6.19 19.80 -20.55
N GLY E 128 5.35 20.32 -19.66
CA GLY E 128 4.00 19.79 -19.56
C GLY E 128 3.85 18.48 -18.78
N ASP E 129 4.92 18.04 -18.12
CA ASP E 129 4.84 16.81 -17.32
C ASP E 129 4.13 17.15 -16.01
N ALA E 130 2.82 17.35 -16.08
CA ALA E 130 2.01 17.70 -14.93
C ALA E 130 2.18 16.75 -13.74
N VAL E 131 2.15 15.45 -14.01
CA VAL E 131 2.29 14.47 -12.94
C VAL E 131 3.57 14.61 -12.16
N THR E 132 4.69 14.64 -12.86
CA THR E 132 5.98 14.79 -12.20
C THR E 132 6.02 16.12 -11.44
N ASP E 133 5.43 17.14 -12.04
CA ASP E 133 5.37 18.47 -11.45
C ASP E 133 4.71 18.37 -10.08
N GLY E 134 3.52 17.77 -10.07
CA GLY E 134 2.78 17.61 -8.83
C GLY E 134 3.52 16.79 -7.80
N ILE E 135 4.14 15.71 -8.23
CA ILE E 135 4.88 14.86 -7.32
C ILE E 135 6.01 15.64 -6.65
N ILE E 136 6.84 16.31 -7.45
CA ILE E 136 7.96 17.07 -6.88
C ILE E 136 7.46 18.22 -6.01
N THR E 137 6.46 18.94 -6.49
CA THR E 137 5.93 20.07 -5.72
C THR E 137 5.45 19.61 -4.33
N ASP E 138 4.78 18.45 -4.25
CA ASP E 138 4.30 17.94 -2.96
C ASP E 138 5.49 17.72 -2.02
N ILE E 139 6.57 17.17 -2.56
CA ILE E 139 7.77 16.92 -1.77
C ILE E 139 8.40 18.25 -1.37
N LEU E 140 8.39 19.19 -2.30
CA LEU E 140 8.95 20.51 -2.09
C LEU E 140 8.20 21.18 -0.94
N ARG E 141 6.88 20.95 -0.87
CA ARG E 141 6.09 21.54 0.19
C ARG E 141 6.52 21.02 1.56
N THR E 142 6.69 19.70 1.69
CA THR E 142 7.07 19.16 2.98
C THR E 142 8.50 19.57 3.33
N LEU E 143 9.36 19.70 2.33
CA LEU E 143 10.74 20.12 2.58
C LEU E 143 10.76 21.55 3.11
N GLY E 144 9.96 22.41 2.49
CA GLY E 144 9.88 23.79 2.90
C GLY E 144 9.47 23.94 4.34
N LYS E 145 8.48 23.14 4.76
CA LYS E 145 8.01 23.21 6.14
C LYS E 145 9.11 22.74 7.09
N ALA E 146 9.78 21.65 6.75
CA ALA E 146 10.84 21.13 7.60
C ALA E 146 12.03 22.08 7.68
N ILE E 147 12.41 22.66 6.55
CA ILE E 147 13.53 23.60 6.52
C ILE E 147 13.20 24.78 7.42
N TRP E 148 11.97 25.30 7.31
CA TRP E 148 11.55 26.43 8.14
C TRP E 148 11.59 26.06 9.64
N MET E 149 11.05 24.89 9.99
CA MET E 149 11.06 24.50 11.39
C MET E 149 12.47 24.32 11.91
N LEU E 150 13.33 23.68 11.12
CA LEU E 150 14.71 23.47 11.56
C LEU E 150 15.37 24.83 11.77
N GLY E 151 15.10 25.74 10.85
CA GLY E 151 15.68 27.08 10.97
C GLY E 151 15.24 27.72 12.27
N ALA E 152 13.96 27.57 12.60
CA ALA E 152 13.41 28.14 13.81
C ALA E 152 14.01 27.52 15.06
N THR E 153 14.27 26.21 15.04
CA THR E 153 14.81 25.59 16.24
C THR E 153 16.32 25.82 16.38
N LEU E 154 16.99 26.13 15.28
CA LEU E 154 18.42 26.39 15.31
C LEU E 154 18.76 27.87 15.51
N LYS E 155 17.80 28.74 15.26
CA LYS E 155 18.00 30.18 15.40
C LYS E 155 18.44 30.55 16.81
N ALA E 156 19.45 31.41 16.89
CA ALA E 156 19.96 31.84 18.18
C ALA E 156 19.62 33.30 18.47
N PRO F 6 -25.26 14.22 58.39
CA PRO F 6 -26.18 13.34 57.62
C PRO F 6 -27.61 13.90 57.68
N ASP F 7 -27.94 14.80 56.77
CA ASP F 7 -29.29 15.37 56.78
C ASP F 7 -30.30 14.54 56.02
N ALA F 8 -31.04 13.72 56.76
CA ALA F 8 -32.08 12.87 56.19
C ALA F 8 -33.14 13.73 55.50
N ARG F 9 -33.48 14.85 56.13
CA ARG F 9 -34.49 15.73 55.57
C ARG F 9 -34.15 16.19 54.16
N ALA F 10 -32.91 16.64 53.97
CA ALA F 10 -32.44 17.10 52.66
C ALA F 10 -32.38 15.95 51.67
N ILE F 11 -31.84 14.83 52.12
CA ILE F 11 -31.71 13.63 51.29
C ILE F 11 -33.09 13.17 50.83
N ALA F 12 -34.06 13.26 51.72
CA ALA F 12 -35.42 12.84 51.41
C ALA F 12 -36.03 13.76 50.37
N ALA F 13 -35.80 15.05 50.51
CA ALA F 13 -36.33 16.01 49.56
C ALA F 13 -35.70 15.80 48.20
N ILE F 14 -34.40 15.53 48.19
CA ILE F 14 -33.68 15.31 46.95
C ILE F 14 -34.17 14.05 46.27
N CYS F 15 -34.35 13.00 47.04
CA CYS F 15 -34.84 11.74 46.48
C CYS F 15 -36.20 11.90 45.86
N GLU F 16 -37.04 12.73 46.48
CA GLU F 16 -38.38 12.95 45.98
C GLU F 16 -38.29 13.63 44.62
N GLN F 17 -37.38 14.58 44.50
CA GLN F 17 -37.16 15.30 43.24
C GLN F 17 -36.65 14.32 42.19
N LEU F 18 -35.64 13.54 42.55
CA LEU F 18 -35.05 12.56 41.66
C LEU F 18 -36.09 11.58 41.13
N ARG F 19 -36.97 11.12 42.00
CA ARG F 19 -38.03 10.19 41.67
C ARG F 19 -38.89 10.81 40.56
N GLN F 20 -39.18 12.08 40.70
CA GLN F 20 -40.00 12.75 39.71
C GLN F 20 -39.25 12.92 38.40
N HIS F 21 -37.95 13.22 38.48
CA HIS F 21 -37.16 13.37 37.27
C HIS F 21 -37.17 12.08 36.45
N VAL F 22 -37.02 10.95 37.13
CA VAL F 22 -37.02 9.68 36.43
C VAL F 22 -38.36 9.50 35.72
N ALA F 23 -39.44 9.82 36.41
CA ALA F 23 -40.77 9.69 35.83
C ALA F 23 -40.93 10.60 34.62
N ASP F 24 -40.51 11.86 34.76
CA ASP F 24 -40.63 12.79 33.66
C ASP F 24 -39.77 12.39 32.47
N LEU F 25 -38.54 11.96 32.76
CA LEU F 25 -37.63 11.53 31.71
C LEU F 25 -38.24 10.33 30.99
N GLY F 26 -38.76 9.38 31.76
CA GLY F 26 -39.38 8.21 31.17
C GLY F 26 -40.51 8.58 30.21
N VAL F 27 -41.37 9.49 30.64
CA VAL F 27 -42.48 9.93 29.81
C VAL F 27 -41.96 10.68 28.59
N LEU F 28 -40.94 11.50 28.78
CA LEU F 28 -40.39 12.27 27.67
C LEU F 28 -39.78 11.33 26.64
N TYR F 29 -39.11 10.29 27.12
CA TYR F 29 -38.48 9.31 26.26
C TYR F 29 -39.45 8.78 25.21
N ILE F 30 -40.64 8.38 25.65
CA ILE F 30 -41.62 7.85 24.71
C ILE F 30 -42.27 8.95 23.90
N LYS F 31 -42.45 10.12 24.51
CA LYS F 31 -43.04 11.26 23.83
C LYS F 31 -42.14 11.63 22.65
N LEU F 32 -40.82 11.60 22.86
CA LEU F 32 -39.89 11.94 21.79
C LEU F 32 -39.98 10.92 20.66
N HIS F 33 -40.28 9.67 20.97
CA HIS F 33 -40.42 8.68 19.90
C HIS F 33 -41.66 9.03 19.09
N ASN F 34 -42.70 9.48 19.79
CA ASN F 34 -43.93 9.85 19.12
C ASN F 34 -43.61 10.87 18.03
N TYR F 35 -42.91 11.95 18.40
CA TYR F 35 -42.56 12.97 17.40
C TYR F 35 -41.62 12.38 16.35
N HIS F 36 -40.68 11.57 16.82
CA HIS F 36 -39.71 10.91 15.97
C HIS F 36 -40.42 10.17 14.84
N TRP F 37 -41.51 9.48 15.18
CA TRP F 37 -42.26 8.70 14.20
C TRP F 37 -43.31 9.45 13.40
N HIS F 38 -43.99 10.40 14.04
CA HIS F 38 -45.09 11.08 13.37
C HIS F 38 -44.92 12.47 12.78
N ILE F 39 -43.73 13.05 12.88
CA ILE F 39 -43.54 14.37 12.28
C ILE F 39 -43.54 14.17 10.78
N TYR F 40 -43.76 15.24 10.04
CA TYR F 40 -43.74 15.20 8.60
C TYR F 40 -43.37 16.59 8.14
N GLY F 41 -42.80 16.68 6.95
CA GLY F 41 -42.37 17.97 6.44
C GLY F 41 -41.05 17.82 5.75
N ILE F 42 -40.67 18.83 4.99
CA ILE F 42 -39.44 18.80 4.23
C ILE F 42 -38.18 18.56 5.08
N GLU F 43 -38.21 19.00 6.34
CA GLU F 43 -37.06 18.82 7.23
C GLU F 43 -37.07 17.48 7.96
N PHE F 44 -38.01 16.61 7.58
CA PHE F 44 -38.16 15.31 8.24
C PHE F 44 -36.89 14.58 8.68
N LYS F 45 -36.07 14.17 7.73
CA LYS F 45 -34.86 13.42 8.07
C LYS F 45 -34.00 14.05 9.17
N GLN F 46 -33.75 15.35 9.07
CA GLN F 46 -32.93 16.03 10.06
C GLN F 46 -33.59 16.02 11.44
N VAL F 47 -34.86 16.37 11.50
CA VAL F 47 -35.56 16.39 12.77
C VAL F 47 -35.74 14.99 13.31
N HIS F 48 -36.01 14.05 12.42
CA HIS F 48 -36.20 12.65 12.79
C HIS F 48 -34.95 12.21 13.57
N GLU F 49 -33.79 12.54 13.03
CA GLU F 49 -32.52 12.20 13.67
C GLU F 49 -32.27 13.02 14.93
N LEU F 50 -32.63 14.29 14.91
CA LEU F 50 -32.44 15.13 16.06
C LEU F 50 -33.22 14.56 17.24
N LEU F 51 -34.48 14.17 16.96
CA LEU F 51 -35.34 13.61 17.99
C LEU F 51 -34.72 12.37 18.60
N GLU F 52 -34.05 11.57 17.78
CA GLU F 52 -33.42 10.36 18.27
C GLU F 52 -32.27 10.74 19.20
N GLU F 53 -31.47 11.72 18.78
CA GLU F 53 -30.36 12.18 19.61
C GLU F 53 -30.94 12.55 20.97
N TYR F 54 -32.07 13.26 20.94
CA TYR F 54 -32.74 13.69 22.16
C TYR F 54 -33.16 12.54 23.06
N TYR F 55 -33.87 11.55 22.51
CA TYR F 55 -34.30 10.48 23.39
C TYR F 55 -33.15 9.60 23.86
N VAL F 56 -32.06 9.57 23.11
CA VAL F 56 -30.90 8.80 23.54
C VAL F 56 -30.32 9.54 24.72
N SER F 57 -30.26 10.86 24.60
CA SER F 57 -29.74 11.70 25.66
C SER F 57 -30.67 11.65 26.88
N VAL F 58 -31.97 11.66 26.64
CA VAL F 58 -32.94 11.61 27.72
C VAL F 58 -32.83 10.32 28.49
N THR F 59 -32.70 9.20 27.78
CA THR F 59 -32.63 7.90 28.45
C THR F 59 -31.32 7.77 29.22
N GLU F 60 -30.32 8.54 28.81
CA GLU F 60 -29.03 8.53 29.48
C GLU F 60 -29.23 9.21 30.85
N ALA F 61 -29.88 10.37 30.84
CA ALA F 61 -30.16 11.10 32.06
C ALA F 61 -31.08 10.26 32.94
N PHE F 62 -32.05 9.62 32.29
CA PHE F 62 -33.00 8.74 32.94
C PHE F 62 -32.24 7.75 33.81
N ASP F 63 -31.29 7.05 33.19
CA ASP F 63 -30.52 6.04 33.89
C ASP F 63 -29.54 6.57 34.95
N THR F 64 -28.82 7.66 34.68
CA THR F 64 -27.90 8.13 35.70
C THR F 64 -28.63 8.69 36.92
N ILE F 65 -29.75 9.35 36.71
CA ILE F 65 -30.51 9.89 37.84
C ILE F 65 -31.12 8.76 38.66
N ALA F 66 -31.65 7.75 37.99
CA ALA F 66 -32.24 6.63 38.70
C ALA F 66 -31.18 5.95 39.54
N GLU F 67 -29.98 5.82 39.00
CA GLU F 67 -28.91 5.17 39.75
C GLU F 67 -28.41 6.05 40.89
N ARG F 68 -28.53 7.36 40.76
CA ARG F 68 -28.11 8.24 41.84
C ARG F 68 -29.09 8.02 42.99
N LEU F 69 -30.35 7.84 42.61
CA LEU F 69 -31.42 7.60 43.56
C LEU F 69 -31.08 6.33 44.34
N LEU F 70 -30.65 5.29 43.62
CA LEU F 70 -30.29 4.03 44.24
C LEU F 70 -29.14 4.21 45.21
N GLN F 71 -28.16 5.02 44.81
CA GLN F 71 -27.01 5.28 45.65
C GLN F 71 -27.41 5.97 46.93
N LEU F 72 -28.42 6.83 46.85
CA LEU F 72 -28.89 7.56 48.01
C LEU F 72 -29.73 6.69 48.95
N GLY F 73 -29.81 5.40 48.65
CA GLY F 73 -30.57 4.49 49.50
C GLY F 73 -32.04 4.31 49.16
N ALA F 74 -32.51 4.96 48.10
CA ALA F 74 -33.91 4.82 47.71
C ALA F 74 -34.04 3.85 46.56
N GLN F 75 -35.28 3.52 46.20
CA GLN F 75 -35.52 2.62 45.08
C GLN F 75 -36.10 3.51 44.00
N ALA F 76 -35.78 3.21 42.75
CA ALA F 76 -36.26 4.03 41.66
C ALA F 76 -37.61 3.59 41.12
N PRO F 77 -38.46 4.56 40.73
CA PRO F 77 -39.76 4.18 40.19
C PRO F 77 -39.43 3.43 38.91
N ALA F 78 -40.01 2.26 38.74
CA ALA F 78 -39.69 1.45 37.57
C ALA F 78 -40.88 0.78 36.90
N SER F 79 -41.84 1.59 36.47
CA SER F 79 -43.02 1.08 35.79
C SER F 79 -43.73 2.28 35.19
N MET F 80 -44.41 2.05 34.09
CA MET F 80 -45.14 3.13 33.44
C MET F 80 -46.27 3.62 34.35
N ALA F 81 -46.84 2.71 35.11
CA ALA F 81 -47.91 3.09 36.00
C ALA F 81 -47.40 4.15 36.98
N GLU F 82 -46.24 3.92 37.57
CA GLU F 82 -45.67 4.90 38.52
C GLU F 82 -45.30 6.18 37.81
N TYR F 83 -44.71 6.07 36.63
CA TYR F 83 -44.31 7.26 35.89
C TYR F 83 -45.51 8.13 35.58
N LEU F 84 -46.59 7.52 35.12
CA LEU F 84 -47.77 8.29 34.79
C LEU F 84 -48.34 8.96 36.05
N ALA F 85 -48.11 8.34 37.20
CA ALA F 85 -48.60 8.88 38.45
C ALA F 85 -47.73 10.01 39.00
N LEU F 86 -46.42 9.96 38.70
CA LEU F 86 -45.49 10.98 39.20
C LEU F 86 -45.16 12.09 38.22
N SER F 87 -45.21 11.78 36.92
CA SER F 87 -44.83 12.75 35.91
C SER F 87 -45.68 14.00 35.77
N GLY F 88 -44.99 15.12 35.55
CA GLY F 88 -45.65 16.39 35.36
C GLY F 88 -45.67 16.70 33.88
N ILE F 89 -45.29 15.73 33.06
CA ILE F 89 -45.27 15.89 31.61
C ILE F 89 -46.42 15.13 30.97
N ALA F 90 -47.20 15.84 30.17
CA ALA F 90 -48.34 15.23 29.49
C ALA F 90 -47.87 14.42 28.29
N GLU F 91 -48.49 13.28 28.09
CA GLU F 91 -48.15 12.43 26.97
C GLU F 91 -48.74 12.99 25.69
N GLU F 92 -48.10 12.72 24.56
CA GLU F 92 -48.59 13.20 23.29
C GLU F 92 -49.64 12.20 22.81
N THR F 93 -50.87 12.67 22.69
CA THR F 93 -51.97 11.80 22.26
C THR F 93 -52.18 11.81 20.77
N GLU F 94 -51.74 12.87 20.11
CA GLU F 94 -51.94 12.92 18.68
C GLU F 94 -50.75 12.36 17.93
N LYS F 95 -51.01 11.91 16.72
CA LYS F 95 -50.00 11.36 15.84
C LYS F 95 -50.12 12.26 14.62
N GLU F 96 -49.16 12.19 13.70
CA GLU F 96 -49.19 13.07 12.54
C GLU F 96 -49.12 14.50 13.09
N ILE F 97 -47.91 15.04 13.15
CA ILE F 97 -47.71 16.38 13.68
C ILE F 97 -46.68 17.17 12.88
N THR F 98 -46.90 18.47 12.81
CA THR F 98 -46.01 19.38 12.11
C THR F 98 -44.63 19.40 12.80
N ILE F 99 -43.59 19.67 12.03
CA ILE F 99 -42.25 19.73 12.59
C ILE F 99 -42.11 20.88 13.60
N VAL F 100 -42.57 22.08 13.23
CA VAL F 100 -42.44 23.21 14.16
C VAL F 100 -43.29 22.97 15.40
N SER F 101 -44.42 22.30 15.22
CA SER F 101 -45.31 22.01 16.34
C SER F 101 -44.63 21.02 17.32
N ALA F 102 -43.98 20.00 16.76
CA ALA F 102 -43.29 19.02 17.59
C ALA F 102 -42.11 19.64 18.33
N LEU F 103 -41.28 20.38 17.62
CA LEU F 103 -40.11 21.01 18.23
C LEU F 103 -40.52 21.99 19.32
N ALA F 104 -41.58 22.76 19.08
CA ALA F 104 -42.04 23.73 20.07
C ALA F 104 -42.43 22.98 21.35
N ARG F 105 -43.04 21.81 21.18
CA ARG F 105 -43.46 21.04 22.34
C ARG F 105 -42.28 20.43 23.09
N VAL F 106 -41.25 19.93 22.39
CA VAL F 106 -40.13 19.38 23.14
C VAL F 106 -39.38 20.54 23.81
N LYS F 107 -39.33 21.70 23.17
CA LYS F 107 -38.65 22.85 23.78
C LYS F 107 -39.35 23.16 25.09
N ARG F 108 -40.67 23.14 25.05
CA ARG F 108 -41.51 23.41 26.22
C ARG F 108 -41.22 22.40 27.33
N ASP F 109 -41.16 21.11 26.98
CA ASP F 109 -40.88 20.08 27.98
C ASP F 109 -39.44 20.18 28.48
N PHE F 110 -38.50 20.56 27.61
CA PHE F 110 -37.13 20.71 28.03
C PHE F 110 -37.05 21.85 29.05
N GLU F 111 -37.79 22.92 28.79
CA GLU F 111 -37.80 24.06 29.70
C GLU F 111 -38.41 23.69 31.04
N TYR F 112 -39.47 22.88 31.00
CA TYR F 112 -40.12 22.43 32.22
C TYR F 112 -39.12 21.60 33.02
N LEU F 113 -38.43 20.68 32.36
CA LEU F 113 -37.43 19.85 33.03
C LEU F 113 -36.31 20.71 33.59
N SER F 114 -35.91 21.72 32.83
CA SER F 114 -34.85 22.61 33.25
C SER F 114 -35.17 23.31 34.59
N THR F 115 -36.37 23.86 34.73
CA THR F 115 -36.72 24.51 35.97
C THR F 115 -36.81 23.48 37.07
N ARG F 116 -37.35 22.31 36.77
CA ARG F 116 -37.45 21.26 37.79
C ARG F 116 -36.05 20.82 38.25
N PHE F 117 -35.17 20.59 37.30
CA PHE F 117 -33.81 20.17 37.62
C PHE F 117 -33.07 21.24 38.42
N SER F 118 -33.29 22.50 38.07
CA SER F 118 -32.65 23.61 38.78
C SER F 118 -33.00 23.59 40.26
N GLN F 119 -34.22 23.22 40.58
CA GLN F 119 -34.65 23.18 41.98
C GLN F 119 -33.83 22.13 42.70
N THR F 120 -33.64 21.00 42.04
CA THR F 120 -32.87 19.91 42.63
C THR F 120 -31.42 20.32 42.83
N GLN F 121 -30.88 21.01 41.83
CA GLN F 121 -29.50 21.49 41.85
C GLN F 121 -29.32 22.38 43.09
N VAL F 122 -30.28 23.26 43.32
CA VAL F 122 -30.20 24.15 44.47
C VAL F 122 -30.26 23.35 45.76
N LEU F 123 -31.18 22.38 45.83
CA LEU F 123 -31.31 21.54 47.02
C LEU F 123 -29.99 20.85 47.32
N ALA F 124 -29.44 20.20 46.30
CA ALA F 124 -28.19 19.46 46.43
C ALA F 124 -27.04 20.39 46.83
N ALA F 125 -26.99 21.55 46.20
CA ALA F 125 -25.93 22.50 46.50
C ALA F 125 -26.00 22.99 47.95
N GLU F 126 -27.17 23.36 48.42
CA GLU F 126 -27.33 23.85 49.79
C GLU F 126 -27.13 22.78 50.85
N SER F 127 -27.35 21.51 50.49
CA SER F 127 -27.20 20.42 51.46
C SER F 127 -25.85 19.72 51.36
N GLY F 128 -24.98 20.19 50.48
CA GLY F 128 -23.68 19.59 50.34
C GLY F 128 -23.64 18.29 49.54
N ASP F 129 -24.73 17.94 48.86
CA ASP F 129 -24.75 16.72 48.04
C ASP F 129 -24.06 17.05 46.72
N ALA F 130 -22.73 17.15 46.78
CA ALA F 130 -21.91 17.48 45.61
C ALA F 130 -22.15 16.58 44.39
N VAL F 131 -22.21 15.28 44.63
CA VAL F 131 -22.42 14.34 43.53
C VAL F 131 -23.72 14.58 42.78
N THR F 132 -24.83 14.68 43.51
CA THR F 132 -26.12 14.93 42.87
C THR F 132 -26.08 16.27 42.16
N ASP F 133 -25.41 17.24 42.77
CA ASP F 133 -25.26 18.57 42.21
C ASP F 133 -24.63 18.45 40.82
N GLY F 134 -23.49 17.77 40.78
CA GLY F 134 -22.78 17.61 39.52
C GLY F 134 -23.58 16.87 38.48
N ILE F 135 -24.28 15.83 38.91
CA ILE F 135 -25.09 15.06 37.98
C ILE F 135 -26.19 15.91 37.36
N ILE F 136 -26.95 16.62 38.18
CA ILE F 136 -28.01 17.45 37.64
C ILE F 136 -27.45 18.60 36.79
N THR F 137 -26.37 19.23 37.27
CA THR F 137 -25.79 20.32 36.53
C THR F 137 -25.35 19.89 35.12
N ASP F 138 -24.76 18.70 35.00
CA ASP F 138 -24.35 18.19 33.70
C ASP F 138 -25.55 18.10 32.76
N ILE F 139 -26.66 17.58 33.30
CA ILE F 139 -27.90 17.44 32.54
C ILE F 139 -28.44 18.82 32.19
N LEU F 140 -28.38 19.72 33.16
CA LEU F 140 -28.82 21.09 32.98
C LEU F 140 -28.05 21.73 31.82
N ARG F 141 -26.76 21.42 31.72
CA ARG F 141 -25.95 21.99 30.65
C ARG F 141 -26.41 21.52 29.27
N THR F 142 -26.67 20.23 29.12
CA THR F 142 -27.11 19.74 27.82
C THR F 142 -28.51 20.26 27.50
N LEU F 143 -29.36 20.42 28.53
CA LEU F 143 -30.71 20.93 28.31
C LEU F 143 -30.64 22.37 27.82
N GLY F 144 -29.79 23.16 28.46
CA GLY F 144 -29.63 24.55 28.09
C GLY F 144 -29.22 24.72 26.65
N LYS F 145 -28.31 23.87 26.18
CA LYS F 145 -27.82 23.93 24.82
C LYS F 145 -28.95 23.58 23.85
N ALA F 146 -29.70 22.52 24.16
CA ALA F 146 -30.80 22.09 23.31
C ALA F 146 -31.93 23.11 23.28
N ILE F 147 -32.24 23.70 24.43
CA ILE F 147 -33.29 24.70 24.51
C ILE F 147 -32.91 25.88 23.64
N TRP F 148 -31.66 26.31 23.73
CA TRP F 148 -31.20 27.42 22.93
C TRP F 148 -31.30 27.10 21.43
N MET F 149 -30.83 25.91 21.04
CA MET F 149 -30.86 25.53 19.64
C MET F 149 -32.30 25.45 19.12
N LEU F 150 -33.19 24.85 19.90
CA LEU F 150 -34.58 24.77 19.48
C LEU F 150 -35.16 26.16 19.33
N GLY F 151 -34.80 27.05 20.24
CA GLY F 151 -35.29 28.42 20.17
C GLY F 151 -34.82 29.08 18.91
N ALA F 152 -33.58 28.82 18.52
CA ALA F 152 -33.02 29.42 17.33
C ALA F 152 -33.68 28.87 16.07
N THR F 153 -34.01 27.58 16.07
CA THR F 153 -34.61 27.01 14.87
C THR F 153 -36.10 27.37 14.75
N LEU F 154 -36.73 27.67 15.88
CA LEU F 154 -38.14 28.02 15.86
C LEU F 154 -38.38 29.51 15.73
N LYS F 155 -37.34 30.31 15.96
CA LYS F 155 -37.44 31.76 15.86
C LYS F 155 -37.90 32.21 14.46
N ALA F 156 -38.85 33.15 14.43
CA ALA F 156 -39.36 33.65 13.16
C ALA F 156 -38.95 35.11 12.92
N ASP G 7 -53.85 -7.80 -0.02
CA ASP G 7 -54.88 -8.22 0.97
C ASP G 7 -54.96 -7.16 2.08
N ALA G 8 -55.95 -6.27 1.99
CA ALA G 8 -56.12 -5.20 2.98
C ALA G 8 -56.50 -5.74 4.36
N ARG G 9 -56.84 -7.02 4.42
CA ARG G 9 -57.21 -7.65 5.69
C ARG G 9 -55.99 -8.23 6.41
N ALA G 10 -55.04 -8.78 5.63
CA ALA G 10 -53.82 -9.35 6.18
C ALA G 10 -52.96 -8.21 6.77
N ILE G 11 -52.87 -7.11 6.03
CA ILE G 11 -52.12 -5.95 6.45
C ILE G 11 -52.68 -5.43 7.77
N ALA G 12 -54.00 -5.40 7.86
CA ALA G 12 -54.66 -4.91 9.08
C ALA G 12 -54.36 -5.82 10.27
N ALA G 13 -54.37 -7.13 10.02
CA ALA G 13 -54.09 -8.11 11.07
C ALA G 13 -52.64 -7.97 11.52
N ILE G 14 -51.74 -7.80 10.56
CA ILE G 14 -50.33 -7.65 10.87
C ILE G 14 -50.09 -6.37 11.67
N CYS G 15 -50.72 -5.27 11.26
CA CYS G 15 -50.56 -4.00 11.97
C CYS G 15 -51.04 -4.10 13.40
N GLU G 16 -52.12 -4.85 13.60
CA GLU G 16 -52.65 -5.02 14.94
C GLU G 16 -51.62 -5.75 15.80
N GLN G 17 -50.95 -6.73 15.21
CA GLN G 17 -49.92 -7.49 15.92
C GLN G 17 -48.74 -6.57 16.25
N LEU G 18 -48.30 -5.82 15.24
CA LEU G 18 -47.17 -4.90 15.40
C LEU G 18 -47.46 -3.88 16.50
N ARG G 19 -48.67 -3.34 16.53
CA ARG G 19 -49.05 -2.36 17.54
C ARG G 19 -48.86 -2.98 18.93
N GLN G 20 -49.21 -4.25 19.05
CA GLN G 20 -49.08 -4.95 20.33
C GLN G 20 -47.61 -5.12 20.67
N HIS G 21 -46.82 -5.49 19.68
CA HIS G 21 -45.39 -5.69 19.89
C HIS G 21 -44.74 -4.42 20.44
N VAL G 22 -45.06 -3.29 19.82
CA VAL G 22 -44.50 -2.03 20.27
C VAL G 22 -44.87 -1.81 21.74
N ALA G 23 -46.13 -2.04 22.07
CA ALA G 23 -46.59 -1.85 23.45
C ALA G 23 -45.85 -2.78 24.41
N ASP G 24 -45.72 -4.06 24.03
CA ASP G 24 -45.03 -5.02 24.89
C ASP G 24 -43.55 -4.67 25.04
N LEU G 25 -42.92 -4.31 23.93
CA LEU G 25 -41.51 -3.94 23.95
C LEU G 25 -41.33 -2.72 24.85
N GLY G 26 -42.23 -1.74 24.72
CA GLY G 26 -42.15 -0.55 25.52
C GLY G 26 -42.22 -0.87 27.00
N VAL G 27 -43.15 -1.74 27.36
CA VAL G 27 -43.32 -2.15 28.76
C VAL G 27 -42.11 -2.94 29.24
N LEU G 28 -41.58 -3.81 28.38
CA LEU G 28 -40.44 -4.63 28.74
C LEU G 28 -39.21 -3.74 28.96
N TYR G 29 -39.10 -2.71 28.13
CA TYR G 29 -37.97 -1.79 28.22
C TYR G 29 -37.82 -1.25 29.62
N ILE G 30 -38.91 -0.78 30.18
CA ILE G 30 -38.88 -0.22 31.53
C ILE G 30 -38.76 -1.30 32.59
N LYS G 31 -39.38 -2.44 32.33
CA LYS G 31 -39.32 -3.56 33.26
C LYS G 31 -37.87 -4.01 33.41
N LEU G 32 -37.15 -4.05 32.31
CA LEU G 32 -35.75 -4.46 32.35
C LEU G 32 -34.93 -3.46 33.17
N HIS G 33 -35.30 -2.19 33.14
CA HIS G 33 -34.56 -1.20 33.92
C HIS G 33 -34.79 -1.50 35.40
N ASN G 34 -36.03 -1.90 35.70
CA ASN G 34 -36.40 -2.24 37.06
C ASN G 34 -35.42 -3.27 37.60
N TYR G 35 -35.27 -4.38 36.88
CA TYR G 35 -34.34 -5.42 37.31
C TYR G 35 -32.92 -4.89 37.31
N HIS G 36 -32.57 -4.15 36.26
CA HIS G 36 -31.26 -3.55 36.11
C HIS G 36 -30.88 -2.77 37.38
N TRP G 37 -31.84 -2.03 37.93
CA TRP G 37 -31.61 -1.24 39.13
C TRP G 37 -31.76 -1.94 40.46
N HIS G 38 -32.71 -2.86 40.53
CA HIS G 38 -32.98 -3.50 41.82
C HIS G 38 -32.50 -4.90 42.13
N ILE G 39 -31.81 -5.55 41.21
CA ILE G 39 -31.33 -6.88 41.51
C ILE G 39 -30.20 -6.71 42.52
N TYR G 40 -29.85 -7.80 43.19
CA TYR G 40 -28.77 -7.78 44.15
C TYR G 40 -28.25 -9.20 44.21
N GLY G 41 -27.01 -9.35 44.62
CA GLY G 41 -26.40 -10.66 44.69
C GLY G 41 -24.99 -10.58 44.17
N ILE G 42 -24.22 -11.62 44.44
CA ILE G 42 -22.83 -11.67 44.04
C ILE G 42 -22.61 -11.47 42.53
N GLU G 43 -23.57 -11.89 41.69
CA GLU G 43 -23.43 -11.74 40.23
C GLU G 43 -23.92 -10.40 39.72
N PHE G 44 -24.24 -9.49 40.62
CA PHE G 44 -24.77 -8.17 40.28
C PHE G 44 -24.22 -7.49 39.04
N LYS G 45 -22.94 -7.15 39.06
CA LYS G 45 -22.32 -6.45 37.94
C LYS G 45 -22.58 -7.10 36.57
N GLN G 46 -22.39 -8.41 36.49
CA GLN G 46 -22.61 -9.11 35.23
C GLN G 46 -24.06 -9.05 34.78
N VAL G 47 -24.99 -9.32 35.70
CA VAL G 47 -26.40 -9.31 35.36
C VAL G 47 -26.86 -7.87 35.09
N HIS G 48 -26.33 -6.94 35.87
CA HIS G 48 -26.66 -5.52 35.72
C HIS G 48 -26.37 -5.15 34.27
N GLU G 49 -25.22 -5.58 33.79
CA GLU G 49 -24.80 -5.29 32.43
C GLU G 49 -25.61 -6.06 31.39
N LEU G 50 -25.91 -7.32 31.69
CA LEU G 50 -26.69 -8.15 30.78
C LEU G 50 -28.04 -7.50 30.56
N LEU G 51 -28.67 -7.07 31.66
CA LEU G 51 -29.97 -6.43 31.60
C LEU G 51 -29.94 -5.21 30.70
N GLU G 52 -28.84 -4.46 30.73
CA GLU G 52 -28.71 -3.28 29.90
C GLU G 52 -28.63 -3.70 28.43
N GLU G 53 -27.85 -4.73 28.15
CA GLU G 53 -27.74 -5.23 26.79
C GLU G 53 -29.15 -5.55 26.30
N TYR G 54 -29.93 -6.20 27.16
CA TYR G 54 -31.30 -6.57 26.84
C TYR G 54 -32.19 -5.38 26.51
N TYR G 55 -32.21 -4.37 27.38
CA TYR G 55 -33.09 -3.24 27.10
C TYR G 55 -32.62 -2.39 25.91
N VAL G 56 -31.33 -2.47 25.60
CA VAL G 56 -30.82 -1.74 24.44
C VAL G 56 -31.36 -2.49 23.25
N SER G 57 -31.28 -3.81 23.30
CA SER G 57 -31.76 -4.68 22.23
C SER G 57 -33.28 -4.55 22.09
N VAL G 58 -33.98 -4.49 23.22
CA VAL G 58 -35.43 -4.37 23.21
C VAL G 58 -35.86 -3.05 22.58
N THR G 59 -35.18 -1.96 22.93
CA THR G 59 -35.57 -0.66 22.41
C THR G 59 -35.25 -0.58 20.92
N GLU G 60 -34.32 -1.41 20.47
CA GLU G 60 -33.95 -1.45 19.07
C GLU G 60 -35.10 -2.08 18.31
N ALA G 61 -35.60 -3.21 18.81
CA ALA G 61 -36.72 -3.90 18.19
C ALA G 61 -37.96 -2.99 18.27
N PHE G 62 -38.08 -2.31 19.40
CA PHE G 62 -39.17 -1.38 19.66
C PHE G 62 -39.24 -0.38 18.51
N ASP G 63 -38.09 0.19 18.16
CA ASP G 63 -38.05 1.18 17.11
C ASP G 63 -38.22 0.63 15.70
N THR G 64 -37.58 -0.49 15.37
CA THR G 64 -37.73 -1.01 14.02
C THR G 64 -39.17 -1.49 13.74
N ILE G 65 -39.81 -2.10 14.72
CA ILE G 65 -41.18 -2.56 14.53
C ILE G 65 -42.14 -1.39 14.40
N ALA G 66 -41.94 -0.36 15.23
CA ALA G 66 -42.79 0.82 15.16
C ALA G 66 -42.67 1.44 13.78
N GLU G 67 -41.45 1.48 13.26
CA GLU G 67 -41.23 2.09 11.94
C GLU G 67 -41.81 1.23 10.83
N ARG G 68 -41.86 -0.07 11.03
CA ARG G 68 -42.43 -0.94 10.02
C ARG G 68 -43.93 -0.65 9.98
N LEU G 69 -44.49 -0.43 11.15
CA LEU G 69 -45.90 -0.11 11.29
C LEU G 69 -46.18 1.15 10.49
N LEU G 70 -45.30 2.15 10.64
CA LEU G 70 -45.44 3.42 9.93
C LEU G 70 -45.41 3.20 8.43
N GLN G 71 -44.49 2.34 7.99
CA GLN G 71 -44.35 2.05 6.56
C GLN G 71 -45.61 1.38 6.02
N LEU G 72 -46.28 0.58 6.85
CA LEU G 72 -47.49 -0.11 6.44
C LEU G 72 -48.70 0.83 6.40
N GLY G 73 -48.46 2.11 6.64
CA GLY G 73 -49.55 3.08 6.60
C GLY G 73 -50.26 3.33 7.90
N ALA G 74 -49.84 2.67 8.97
CA ALA G 74 -50.48 2.87 10.26
C ALA G 74 -49.67 3.84 11.12
N GLN G 75 -50.22 4.23 12.26
CA GLN G 75 -49.50 5.12 13.16
C GLN G 75 -49.16 4.25 14.35
N ALA G 76 -48.01 4.49 14.94
CA ALA G 76 -47.56 3.67 16.06
C ALA G 76 -48.05 4.17 17.40
N PRO G 77 -48.38 3.23 18.31
CA PRO G 77 -48.83 3.66 19.63
C PRO G 77 -47.63 4.37 20.23
N ALA G 78 -47.84 5.58 20.75
CA ALA G 78 -46.73 6.35 21.29
C ALA G 78 -47.00 7.05 22.60
N SER G 79 -47.38 6.29 23.62
CA SER G 79 -47.64 6.84 24.93
C SER G 79 -47.73 5.68 25.89
N MET G 80 -47.35 5.92 27.14
CA MET G 80 -47.42 4.86 28.12
C MET G 80 -48.88 4.44 28.34
N ALA G 81 -49.79 5.39 28.24
CA ALA G 81 -51.21 5.10 28.42
C ALA G 81 -51.64 4.03 27.42
N GLU G 82 -51.30 4.21 26.15
CA GLU G 82 -51.65 3.23 25.13
C GLU G 82 -50.93 1.92 25.37
N TYR G 83 -49.65 1.99 25.73
CA TYR G 83 -48.88 0.76 25.96
C TYR G 83 -49.50 -0.07 27.07
N LEU G 84 -49.85 0.57 28.18
CA LEU G 84 -50.45 -0.14 29.29
C LEU G 84 -51.80 -0.75 28.87
N ALA G 85 -52.46 -0.11 27.92
CA ALA G 85 -53.75 -0.59 27.44
C ALA G 85 -53.62 -1.75 26.45
N LEU G 86 -52.52 -1.77 25.71
CA LEU G 86 -52.30 -2.80 24.70
C LEU G 86 -51.41 -3.97 25.13
N SER G 87 -50.49 -3.69 26.04
CA SER G 87 -49.53 -4.71 26.48
C SER G 87 -50.07 -5.91 27.23
N GLY G 88 -49.51 -7.07 26.91
CA GLY G 88 -49.87 -8.30 27.56
C GLY G 88 -48.79 -8.64 28.58
N ILE G 89 -47.88 -7.70 28.82
CA ILE G 89 -46.79 -7.90 29.77
C ILE G 89 -47.04 -7.11 31.03
N ALA G 90 -47.01 -7.78 32.17
CA ALA G 90 -47.24 -7.14 33.45
C ALA G 90 -46.01 -6.37 33.89
N GLU G 91 -46.22 -5.19 34.45
CA GLU G 91 -45.11 -4.39 34.93
C GLU G 91 -44.61 -4.95 36.26
N GLU G 92 -43.34 -4.75 36.54
CA GLU G 92 -42.76 -5.22 37.78
C GLU G 92 -43.08 -4.19 38.84
N THR G 93 -43.84 -4.59 39.85
CA THR G 93 -44.22 -3.68 40.91
C THR G 93 -43.26 -3.72 42.09
N GLU G 94 -42.48 -4.78 42.19
CA GLU G 94 -41.55 -4.85 43.30
C GLU G 94 -40.15 -4.38 42.95
N LYS G 95 -39.46 -3.90 43.98
CA LYS G 95 -38.08 -3.43 43.88
C LYS G 95 -37.35 -4.43 44.73
N GLU G 96 -36.03 -4.39 44.72
CA GLU G 96 -35.26 -5.34 45.51
C GLU G 96 -35.68 -6.75 45.10
N ILE G 97 -34.94 -7.31 44.16
CA ILE G 97 -35.26 -8.64 43.67
C ILE G 97 -34.02 -9.47 43.47
N THR G 98 -34.17 -10.76 43.68
CA THR G 98 -33.10 -11.71 43.54
C THR G 98 -32.67 -11.81 42.07
N ILE G 99 -31.43 -12.17 41.83
CA ILE G 99 -30.94 -12.30 40.47
C ILE G 99 -31.64 -13.44 39.72
N VAL G 100 -31.75 -14.61 40.34
CA VAL G 100 -32.40 -15.72 39.64
C VAL G 100 -33.87 -15.41 39.41
N SER G 101 -34.47 -14.69 40.36
CA SER G 101 -35.87 -14.35 40.22
C SER G 101 -36.07 -13.39 39.06
N ALA G 102 -35.18 -12.41 38.93
CA ALA G 102 -35.27 -11.43 37.86
C ALA G 102 -35.05 -12.08 36.49
N LEU G 103 -34.00 -12.90 36.39
CA LEU G 103 -33.71 -13.57 35.14
C LEU G 103 -34.84 -14.50 34.72
N ALA G 104 -35.42 -15.22 35.68
CA ALA G 104 -36.52 -16.13 35.37
C ALA G 104 -37.68 -15.33 34.78
N ARG G 105 -37.93 -14.15 35.33
CA ARG G 105 -39.01 -13.32 34.83
C ARG G 105 -38.74 -12.78 33.43
N VAL G 106 -37.51 -12.35 33.15
CA VAL G 106 -37.24 -11.85 31.80
C VAL G 106 -37.30 -13.02 30.81
N LYS G 107 -36.85 -14.19 31.24
CA LYS G 107 -36.91 -15.34 30.36
C LYS G 107 -38.38 -15.62 29.99
N ARG G 108 -39.26 -15.52 30.98
CA ARG G 108 -40.68 -15.74 30.74
C ARG G 108 -41.23 -14.69 29.78
N ASP G 109 -40.88 -13.42 29.98
CA ASP G 109 -41.36 -12.36 29.09
C ASP G 109 -40.79 -12.54 27.69
N PHE G 110 -39.54 -13.00 27.60
CA PHE G 110 -38.93 -13.22 26.29
C PHE G 110 -39.69 -14.34 25.58
N GLU G 111 -40.06 -15.38 26.34
CA GLU G 111 -40.80 -16.48 25.75
C GLU G 111 -42.19 -16.04 25.30
N TYR G 112 -42.83 -15.19 26.10
CA TYR G 112 -44.13 -14.68 25.74
C TYR G 112 -43.99 -13.91 24.45
N LEU G 113 -42.99 -13.05 24.36
CA LEU G 113 -42.76 -12.26 23.14
C LEU G 113 -42.47 -13.17 21.96
N SER G 114 -41.70 -14.21 22.19
CA SER G 114 -41.36 -15.14 21.14
C SER G 114 -42.60 -15.78 20.50
N THR G 115 -43.52 -16.27 21.32
CA THR G 115 -44.72 -16.89 20.76
C THR G 115 -45.55 -15.82 20.04
N ARG G 116 -45.63 -14.63 20.63
CA ARG G 116 -46.39 -13.54 20.01
C ARG G 116 -45.78 -13.16 18.65
N PHE G 117 -44.45 -13.00 18.62
CA PHE G 117 -43.77 -12.65 17.37
C PHE G 117 -43.92 -13.73 16.31
N SER G 118 -43.87 -14.98 16.74
CA SER G 118 -44.01 -16.09 15.80
C SER G 118 -45.35 -16.03 15.06
N GLN G 119 -46.40 -15.64 15.77
CA GLN G 119 -47.71 -15.55 15.14
C GLN G 119 -47.64 -14.52 14.03
N THR G 120 -46.97 -13.41 14.30
CA THR G 120 -46.84 -12.35 13.31
C THR G 120 -46.01 -12.83 12.14
N GLN G 121 -44.93 -13.56 12.40
CA GLN G 121 -44.09 -14.03 11.30
C GLN G 121 -44.90 -14.97 10.42
N VAL G 122 -45.76 -15.78 11.02
CA VAL G 122 -46.60 -16.68 10.26
C VAL G 122 -47.56 -15.87 9.38
N LEU G 123 -48.18 -14.84 9.96
CA LEU G 123 -49.10 -14.01 9.20
C LEU G 123 -48.39 -13.36 8.03
N ALA G 124 -47.23 -12.76 8.31
CA ALA G 124 -46.48 -12.08 7.29
C ALA G 124 -46.04 -13.04 6.21
N ALA G 125 -45.61 -14.23 6.60
CA ALA G 125 -45.15 -15.23 5.64
C ALA G 125 -46.27 -15.66 4.71
N GLU G 126 -47.44 -15.96 5.28
CA GLU G 126 -48.57 -16.41 4.48
C GLU G 126 -49.15 -15.33 3.60
N SER G 127 -48.99 -14.06 3.98
CA SER G 127 -49.54 -12.98 3.19
C SER G 127 -48.53 -12.35 2.24
N GLY G 128 -47.32 -12.88 2.21
CA GLY G 128 -46.30 -12.34 1.32
C GLY G 128 -45.60 -11.07 1.79
N ASP G 129 -45.83 -10.67 3.05
CA ASP G 129 -45.18 -9.47 3.58
C ASP G 129 -43.74 -9.87 3.96
N ALA G 130 -42.90 -10.06 2.96
CA ALA G 130 -41.52 -10.46 3.14
C ALA G 130 -40.73 -9.58 4.11
N VAL G 131 -40.86 -8.26 3.96
CA VAL G 131 -40.15 -7.33 4.83
C VAL G 131 -40.50 -7.53 6.29
N THR G 132 -41.79 -7.54 6.62
CA THR G 132 -42.20 -7.73 8.01
C THR G 132 -41.72 -9.07 8.50
N ASP G 133 -41.75 -10.06 7.61
CA ASP G 133 -41.32 -11.41 7.92
C ASP G 133 -39.88 -11.36 8.39
N GLY G 134 -39.02 -10.75 7.57
CA GLY G 134 -37.61 -10.65 7.90
C GLY G 134 -37.34 -9.89 9.18
N ILE G 135 -38.05 -8.79 9.38
CA ILE G 135 -37.87 -7.99 10.58
C ILE G 135 -38.21 -8.80 11.82
N ILE G 136 -39.36 -9.46 11.84
CA ILE G 136 -39.75 -10.26 12.99
C ILE G 136 -38.81 -11.44 13.20
N THR G 137 -38.45 -12.11 12.11
CA THR G 137 -37.57 -13.26 12.22
C THR G 137 -36.23 -12.86 12.82
N ASP G 138 -35.69 -11.70 12.44
CA ASP G 138 -34.41 -11.26 12.99
C ASP G 138 -34.52 -11.11 14.50
N ILE G 139 -35.63 -10.53 14.95
CA ILE G 139 -35.89 -10.33 16.37
C ILE G 139 -36.07 -11.68 17.04
N LEU G 140 -36.76 -12.59 16.35
CA LEU G 140 -37.01 -13.94 16.84
C LEU G 140 -35.67 -14.64 17.07
N ARG G 141 -34.71 -14.39 16.18
CA ARG G 141 -33.41 -15.02 16.31
C ARG G 141 -32.70 -14.56 17.59
N THR G 142 -32.69 -13.25 17.85
CA THR G 142 -32.01 -12.77 19.05
C THR G 142 -32.74 -13.21 20.31
N LEU G 143 -34.06 -13.34 20.23
CA LEU G 143 -34.85 -13.78 21.38
C LEU G 143 -34.51 -15.23 21.69
N GLY G 144 -34.42 -16.04 20.64
CA GLY G 144 -34.11 -17.44 20.80
C GLY G 144 -32.78 -17.66 21.50
N LYS G 145 -31.79 -16.86 21.12
CA LYS G 145 -30.47 -16.98 21.71
C LYS G 145 -30.51 -16.59 23.18
N ALA G 146 -31.18 -15.49 23.48
CA ALA G 146 -31.29 -15.01 24.86
C ALA G 146 -32.06 -15.99 25.73
N ILE G 147 -33.16 -16.51 25.20
CA ILE G 147 -33.97 -17.46 25.95
C ILE G 147 -33.12 -18.68 26.29
N TRP G 148 -32.37 -19.18 25.31
CA TRP G 148 -31.51 -20.33 25.54
C TRP G 148 -30.45 -20.02 26.60
N MET G 149 -29.79 -18.88 26.50
CA MET G 149 -28.76 -18.56 27.47
C MET G 149 -29.34 -18.41 28.87
N LEU G 150 -30.48 -17.72 28.98
CA LEU G 150 -31.12 -17.57 30.29
C LEU G 150 -31.47 -18.94 30.86
N GLY G 151 -31.94 -19.83 30.00
CA GLY G 151 -32.29 -21.17 30.44
C GLY G 151 -31.07 -21.88 30.98
N ALA G 152 -29.95 -21.71 30.31
CA ALA G 152 -28.71 -22.35 30.71
C ALA G 152 -28.19 -21.78 32.03
N THR G 153 -28.34 -20.48 32.25
CA THR G 153 -27.83 -19.93 33.49
C THR G 153 -28.77 -20.19 34.66
N LEU G 154 -30.04 -20.44 34.37
CA LEU G 154 -31.00 -20.71 35.44
C LEU G 154 -31.14 -22.20 35.75
N LYS G 155 -30.66 -23.04 34.85
CA LYS G 155 -30.75 -24.49 35.04
C LYS G 155 -30.05 -24.94 36.31
N ALA G 156 -30.71 -25.80 37.06
CA ALA G 156 -30.14 -26.31 38.30
C ALA G 156 -29.65 -27.74 38.15
N PRO H 6 26.94 -11.20 30.20
CA PRO H 6 27.90 -11.27 29.06
C PRO H 6 29.24 -10.63 29.40
N ASP H 7 30.34 -11.37 29.25
CA ASP H 7 31.67 -10.84 29.53
C ASP H 7 32.05 -9.84 28.43
N ALA H 8 33.14 -9.10 28.64
CA ALA H 8 33.60 -8.11 27.68
C ALA H 8 33.82 -8.69 26.29
N ARG H 9 34.60 -9.77 26.23
CA ARG H 9 34.91 -10.42 24.96
C ARG H 9 33.63 -10.77 24.21
N ALA H 10 32.80 -11.62 24.81
CA ALA H 10 31.52 -12.07 24.23
C ALA H 10 30.75 -10.87 23.67
N ILE H 11 30.73 -9.79 24.43
CA ILE H 11 30.05 -8.57 24.00
C ILE H 11 30.66 -8.04 22.71
N ALA H 12 31.98 -8.09 22.62
CA ALA H 12 32.67 -7.61 21.43
C ALA H 12 32.32 -8.49 20.22
N ALA H 13 32.29 -9.80 20.42
CA ALA H 13 31.98 -10.72 19.35
C ALA H 13 30.54 -10.49 18.88
N ILE H 14 29.64 -10.28 19.84
CA ILE H 14 28.24 -10.04 19.52
C ILE H 14 28.08 -8.73 18.75
N CYS H 15 28.77 -7.69 19.19
CA CYS H 15 28.70 -6.40 18.50
C CYS H 15 29.20 -6.50 17.08
N GLU H 16 30.23 -7.31 16.88
CA GLU H 16 30.78 -7.48 15.55
C GLU H 16 29.71 -8.11 14.65
N GLN H 17 28.99 -9.08 15.20
CA GLN H 17 27.92 -9.76 14.45
C GLN H 17 26.80 -8.76 14.15
N LEU H 18 26.40 -8.01 15.17
CA LEU H 18 25.34 -7.02 15.03
C LEU H 18 25.68 -5.99 13.95
N ARG H 19 26.92 -5.53 13.95
CA ARG H 19 27.40 -4.57 12.97
C ARG H 19 27.19 -5.11 11.56
N GLN H 20 27.49 -6.39 11.38
CA GLN H 20 27.32 -7.00 10.07
C GLN H 20 25.85 -7.13 9.73
N HIS H 21 25.02 -7.46 10.71
CA HIS H 21 23.58 -7.59 10.46
C HIS H 21 23.00 -6.28 9.96
N VAL H 22 23.39 -5.17 10.58
CA VAL H 22 22.91 -3.87 10.17
C VAL H 22 23.30 -3.63 8.72
N ALA H 23 24.55 -3.94 8.40
CA ALA H 23 25.03 -3.77 7.03
C ALA H 23 24.24 -4.62 6.05
N ASP H 24 24.05 -5.90 6.37
CA ASP H 24 23.31 -6.77 5.48
C ASP H 24 21.87 -6.34 5.33
N LEU H 25 21.24 -5.96 6.44
CA LEU H 25 19.86 -5.51 6.41
C LEU H 25 19.76 -4.25 5.55
N GLY H 26 20.71 -3.33 5.74
CA GLY H 26 20.71 -2.11 4.95
C GLY H 26 20.77 -2.42 3.46
N VAL H 27 21.67 -3.32 3.07
CA VAL H 27 21.81 -3.71 1.67
C VAL H 27 20.55 -4.41 1.16
N LEU H 28 19.99 -5.29 1.99
CA LEU H 28 18.79 -6.02 1.59
C LEU H 28 17.63 -5.06 1.39
N TYR H 29 17.57 -4.05 2.25
CA TYR H 29 16.51 -3.05 2.18
C TYR H 29 16.39 -2.45 0.79
N ILE H 30 17.53 -2.07 0.23
CA ILE H 30 17.54 -1.46 -1.09
C ILE H 30 17.37 -2.51 -2.18
N LYS H 31 17.92 -3.69 -1.93
CA LYS H 31 17.82 -4.79 -2.88
C LYS H 31 16.35 -5.13 -3.07
N LEU H 32 15.60 -5.15 -1.96
CA LEU H 32 14.18 -5.48 -2.04
C LEU H 32 13.43 -4.42 -2.86
N HIS H 33 13.88 -3.17 -2.79
CA HIS H 33 13.22 -2.12 -3.56
C HIS H 33 13.46 -2.39 -5.03
N ASN H 34 14.67 -2.85 -5.33
CA ASN H 34 15.03 -3.18 -6.70
C ASN H 34 13.99 -4.13 -7.27
N TYR H 35 13.78 -5.27 -6.60
CA TYR H 35 12.79 -6.24 -7.07
C TYR H 35 11.41 -5.61 -7.06
N HIS H 36 11.14 -4.87 -6.00
CA HIS H 36 9.87 -4.19 -5.81
C HIS H 36 9.51 -3.38 -7.07
N TRP H 37 10.51 -2.69 -7.61
CA TRP H 37 10.32 -1.85 -8.80
C TRP H 37 10.44 -2.54 -10.14
N HIS H 38 11.36 -3.49 -10.25
CA HIS H 38 11.61 -4.12 -11.54
C HIS H 38 11.05 -5.50 -11.89
N ILE H 39 10.32 -6.13 -10.98
CA ILE H 39 9.74 -7.42 -11.33
C ILE H 39 8.65 -7.15 -12.34
N TYR H 40 8.23 -8.18 -13.04
CA TYR H 40 7.17 -8.07 -14.02
C TYR H 40 6.55 -9.45 -14.12
N GLY H 41 5.29 -9.50 -14.54
CA GLY H 41 4.62 -10.77 -14.65
C GLY H 41 3.20 -10.64 -14.15
N ILE H 42 2.38 -11.63 -14.45
CA ILE H 42 0.98 -11.61 -14.05
C ILE H 42 0.77 -11.43 -12.54
N GLU H 43 1.69 -11.93 -11.71
CA GLU H 43 1.54 -11.81 -10.27
C GLU H 43 2.12 -10.50 -9.72
N PHE H 44 2.48 -9.58 -10.61
CA PHE H 44 3.08 -8.30 -10.21
C PHE H 44 2.55 -7.64 -8.94
N LYS H 45 1.31 -7.20 -8.98
CA LYS H 45 0.71 -6.51 -7.83
C LYS H 45 0.93 -7.21 -6.50
N GLN H 46 0.66 -8.51 -6.44
CA GLN H 46 0.82 -9.26 -5.20
C GLN H 46 2.28 -9.30 -4.72
N VAL H 47 3.19 -9.59 -5.64
CA VAL H 47 4.59 -9.68 -5.27
C VAL H 47 5.14 -8.29 -4.97
N HIS H 48 4.68 -7.29 -5.73
CA HIS H 48 5.09 -5.89 -5.55
C HIS H 48 4.81 -5.54 -4.09
N GLU H 49 3.61 -5.88 -3.63
CA GLU H 49 3.20 -5.61 -2.26
C GLU H 49 3.93 -6.47 -1.25
N LEU H 50 4.14 -7.74 -1.58
CA LEU H 50 4.86 -8.63 -0.68
C LEU H 50 6.27 -8.09 -0.43
N LEU H 51 6.93 -7.66 -1.51
CA LEU H 51 8.28 -7.11 -1.41
C LEU H 51 8.30 -5.92 -0.47
N GLU H 52 7.27 -5.09 -0.52
CA GLU H 52 7.20 -3.93 0.35
C GLU H 52 7.07 -4.39 1.80
N GLU H 53 6.23 -5.38 2.05
CA GLU H 53 6.07 -5.90 3.40
C GLU H 53 7.45 -6.30 3.90
N TYR H 54 8.20 -6.98 3.02
CA TYR H 54 9.53 -7.44 3.35
C TYR H 54 10.49 -6.30 3.70
N TYR H 55 10.58 -5.28 2.85
CA TYR H 55 11.51 -4.22 3.18
C TYR H 55 11.09 -3.40 4.38
N VAL H 56 9.80 -3.39 4.69
CA VAL H 56 9.33 -2.66 5.86
C VAL H 56 9.80 -3.48 7.05
N SER H 57 9.62 -4.77 6.96
CA SER H 57 10.04 -5.69 8.01
C SER H 57 11.57 -5.65 8.19
N VAL H 58 12.29 -5.62 7.06
CA VAL H 58 13.74 -5.59 7.08
C VAL H 58 14.26 -4.31 7.75
N THR H 59 13.66 -3.17 7.40
CA THR H 59 14.12 -1.91 7.97
C THR H 59 13.78 -1.84 9.45
N GLU H 60 12.79 -2.64 9.87
CA GLU H 60 12.39 -2.68 11.27
C GLU H 60 13.50 -3.40 12.03
N ALA H 61 13.94 -4.55 11.50
CA ALA H 61 15.00 -5.33 12.12
C ALA H 61 16.30 -4.51 12.07
N PHE H 62 16.46 -3.78 10.97
CA PHE H 62 17.61 -2.91 10.75
C PHE H 62 17.73 -1.96 11.94
N ASP H 63 16.63 -1.31 12.25
CA ASP H 63 16.58 -0.33 13.32
C ASP H 63 16.71 -0.92 14.72
N THR H 64 16.04 -2.03 15.01
CA THR H 64 16.14 -2.58 16.37
C THR H 64 17.52 -3.17 16.65
N ILE H 65 18.15 -3.79 15.65
CA ILE H 65 19.48 -4.35 15.86
C ILE H 65 20.50 -3.22 16.03
N ALA H 66 20.39 -2.18 15.22
CA ALA H 66 21.31 -1.05 15.34
C ALA H 66 21.20 -0.46 16.73
N GLU H 67 19.98 -0.34 17.25
CA GLU H 67 19.81 0.24 18.56
C GLU H 67 20.29 -0.68 19.68
N ARG H 68 20.28 -1.97 19.42
CA ARG H 68 20.76 -2.91 20.43
C ARG H 68 22.27 -2.72 20.50
N LEU H 69 22.88 -2.52 19.34
CA LEU H 69 24.29 -2.29 19.24
C LEU H 69 24.63 -1.03 20.06
N LEU H 70 23.80 0.00 19.93
CA LEU H 70 24.03 1.24 20.67
C LEU H 70 23.96 0.98 22.16
N GLN H 71 22.99 0.18 22.57
CA GLN H 71 22.82 -0.13 23.99
C GLN H 71 24.04 -0.87 24.53
N LEU H 72 24.65 -1.70 23.68
CA LEU H 72 25.82 -2.46 24.11
C LEU H 72 27.07 -1.62 24.19
N GLY H 73 26.92 -0.31 23.96
CA GLY H 73 28.06 0.59 24.04
C GLY H 73 28.81 0.83 22.76
N ALA H 74 28.35 0.24 21.67
CA ALA H 74 29.02 0.42 20.39
C ALA H 74 28.29 1.46 19.55
N GLN H 75 28.88 1.84 18.42
CA GLN H 75 28.25 2.79 17.53
C GLN H 75 27.85 1.95 16.32
N ALA H 76 26.74 2.31 15.70
CA ALA H 76 26.26 1.54 14.57
C ALA H 76 26.79 2.03 13.24
N PRO H 77 27.09 1.10 12.31
CA PRO H 77 27.58 1.53 11.01
C PRO H 77 26.43 2.33 10.42
N ALA H 78 26.72 3.52 9.92
CA ALA H 78 25.66 4.36 9.40
C ALA H 78 25.97 5.08 8.10
N SER H 79 26.33 4.33 7.08
CA SER H 79 26.64 4.91 5.77
C SER H 79 26.67 3.76 4.79
N MET H 80 26.33 4.04 3.54
CA MET H 80 26.33 3.01 2.52
C MET H 80 27.76 2.52 2.31
N ALA H 81 28.73 3.41 2.46
CA ALA H 81 30.13 3.03 2.28
C ALA H 81 30.47 1.92 3.27
N GLU H 82 30.11 2.09 4.53
CA GLU H 82 30.40 1.08 5.54
C GLU H 82 29.62 -0.20 5.27
N TYR H 83 28.35 -0.06 4.89
CA TYR H 83 27.52 -1.23 4.62
C TYR H 83 28.10 -2.06 3.50
N LEU H 84 28.52 -1.41 2.42
CA LEU H 84 29.10 -2.13 1.29
C LEU H 84 30.38 -2.84 1.71
N ALA H 85 31.07 -2.26 2.68
CA ALA H 85 32.32 -2.85 3.17
C ALA H 85 32.09 -4.01 4.11
N LEU H 86 30.98 -3.99 4.85
CA LEU H 86 30.70 -5.05 5.82
C LEU H 86 29.74 -6.13 5.34
N SER H 87 28.84 -5.77 4.45
CA SER H 87 27.83 -6.71 3.97
C SER H 87 28.30 -7.92 3.20
N GLY H 88 27.66 -9.05 3.50
CA GLY H 88 27.97 -10.30 2.82
C GLY H 88 26.90 -10.55 1.78
N ILE H 89 26.06 -9.55 1.55
CA ILE H 89 24.98 -9.67 0.57
C ILE H 89 25.30 -8.84 -0.68
N ALA H 90 25.24 -9.49 -1.83
CA ALA H 90 25.54 -8.82 -3.08
C ALA H 90 24.36 -7.98 -3.53
N GLU H 91 24.64 -6.79 -4.05
CA GLU H 91 23.57 -5.93 -4.51
C GLU H 91 23.05 -6.44 -5.85
N GLU H 92 21.80 -6.13 -6.16
CA GLU H 92 21.21 -6.54 -7.41
C GLU H 92 21.58 -5.50 -8.45
N THR H 93 22.34 -5.92 -9.46
CA THR H 93 22.79 -5.01 -10.50
C THR H 93 21.84 -4.95 -11.68
N GLU H 94 21.06 -6.01 -11.87
CA GLU H 94 20.14 -5.99 -13.00
C GLU H 94 18.78 -5.45 -12.62
N LYS H 95 18.11 -4.87 -13.61
CA LYS H 95 16.77 -4.33 -13.44
C LYS H 95 15.95 -5.21 -14.38
N GLU H 96 14.63 -5.12 -14.31
CA GLU H 96 13.79 -5.97 -15.16
C GLU H 96 14.13 -7.41 -14.81
N ILE H 97 13.35 -7.99 -13.90
CA ILE H 97 13.60 -9.35 -13.48
C ILE H 97 12.30 -10.12 -13.32
N THR H 98 12.38 -11.41 -13.57
CA THR H 98 11.23 -12.29 -13.46
C THR H 98 10.80 -12.41 -12.00
N ILE H 99 9.52 -12.65 -11.77
CA ILE H 99 9.01 -12.80 -10.41
C ILE H 99 9.63 -13.99 -9.69
N VAL H 100 9.67 -15.16 -10.34
CA VAL H 100 10.23 -16.33 -9.67
C VAL H 100 11.73 -16.11 -9.41
N SER H 101 12.39 -15.42 -10.33
CA SER H 101 13.82 -15.15 -10.17
C SER H 101 14.06 -14.26 -8.95
N ALA H 102 13.25 -13.21 -8.84
CA ALA H 102 13.36 -12.27 -7.73
C ALA H 102 13.09 -12.95 -6.40
N LEU H 103 11.99 -13.69 -6.31
CA LEU H 103 11.64 -14.39 -5.09
C LEU H 103 12.69 -15.40 -4.67
N ALA H 104 13.24 -16.11 -5.65
CA ALA H 104 14.28 -17.11 -5.37
C ALA H 104 15.47 -16.40 -4.73
N ARG H 105 15.78 -15.21 -5.23
CA ARG H 105 16.91 -14.46 -4.70
C ARG H 105 16.66 -13.95 -3.29
N VAL H 106 15.45 -13.44 -3.01
CA VAL H 106 15.22 -12.96 -1.66
C VAL H 106 15.20 -14.14 -0.70
N LYS H 107 14.69 -15.28 -1.16
CA LYS H 107 14.65 -16.47 -0.33
C LYS H 107 16.09 -16.82 0.06
N ARG H 108 16.98 -16.77 -0.93
CA ARG H 108 18.39 -17.07 -0.72
C ARG H 108 19.01 -16.09 0.30
N ASP H 109 18.72 -14.80 0.14
CA ASP H 109 19.25 -13.81 1.08
C ASP H 109 18.65 -13.99 2.47
N PHE H 110 17.36 -14.34 2.53
CA PHE H 110 16.73 -14.56 3.83
C PHE H 110 17.41 -15.73 4.52
N GLU H 111 17.73 -16.76 3.74
CA GLU H 111 18.39 -17.94 4.29
C GLU H 111 19.79 -17.60 4.78
N TYR H 112 20.50 -16.78 4.02
CA TYR H 112 21.83 -16.37 4.41
C TYR H 112 21.72 -15.60 5.72
N LEU H 113 20.76 -14.67 5.81
CA LEU H 113 20.56 -13.90 7.03
C LEU H 113 20.21 -14.81 8.19
N SER H 114 19.38 -15.80 7.92
CA SER H 114 18.97 -16.74 8.95
C SER H 114 20.15 -17.47 9.58
N THR H 115 21.07 -18.00 8.77
CA THR H 115 22.22 -18.70 9.33
C THR H 115 23.10 -17.72 10.10
N ARG H 116 23.26 -16.53 9.54
CA ARG H 116 24.07 -15.50 10.19
C ARG H 116 23.46 -15.11 11.54
N PHE H 117 22.16 -14.86 11.57
CA PHE H 117 21.48 -14.49 12.81
C PHE H 117 21.55 -15.61 13.83
N SER H 118 21.44 -16.85 13.38
CA SER H 118 21.50 -18.00 14.28
C SER H 118 22.82 -18.05 15.03
N GLN H 119 23.91 -17.68 14.36
CA GLN H 119 25.21 -17.69 15.02
C GLN H 119 25.20 -16.66 16.16
N THR H 120 24.57 -15.52 15.90
CA THR H 120 24.51 -14.49 16.92
C THR H 120 23.63 -14.95 18.07
N GLN H 121 22.51 -15.59 17.78
CA GLN H 121 21.64 -16.04 18.86
C GLN H 121 22.38 -17.05 19.73
N VAL H 122 23.19 -17.90 19.11
CA VAL H 122 23.97 -18.87 19.87
C VAL H 122 24.96 -18.13 20.79
N LEU H 123 25.65 -17.15 20.22
CA LEU H 123 26.62 -16.38 21.01
C LEU H 123 25.93 -15.70 22.18
N ALA H 124 24.82 -15.02 21.91
CA ALA H 124 24.09 -14.32 22.96
C ALA H 124 23.58 -15.31 24.01
N ALA H 125 23.07 -16.44 23.56
CA ALA H 125 22.55 -17.44 24.47
C ALA H 125 23.63 -17.97 25.41
N GLU H 126 24.78 -18.32 24.85
CA GLU H 126 25.87 -18.86 25.65
C GLU H 126 26.51 -17.83 26.57
N SER H 127 26.44 -16.56 26.21
CA SER H 127 27.04 -15.52 27.05
C SER H 127 26.06 -14.84 27.98
N GLY H 128 24.81 -15.30 28.00
CA GLY H 128 23.81 -14.72 28.88
C GLY H 128 23.20 -13.40 28.44
N ASP H 129 23.46 -12.99 27.19
CA ASP H 129 22.89 -11.74 26.68
C ASP H 129 21.45 -12.04 26.28
N ALA H 130 20.59 -12.18 27.28
CA ALA H 130 19.18 -12.51 27.06
C ALA H 130 18.47 -11.56 26.11
N VAL H 131 18.70 -10.26 26.29
CA VAL H 131 18.05 -9.27 25.44
C VAL H 131 18.40 -9.45 23.97
N THR H 132 19.68 -9.54 23.65
CA THR H 132 20.09 -9.71 22.26
C THR H 132 19.53 -11.01 21.73
N ASP H 133 19.51 -12.02 22.59
CA ASP H 133 18.99 -13.34 22.24
C ASP H 133 17.54 -13.19 21.77
N GLY H 134 16.72 -12.57 22.61
CA GLY H 134 15.33 -12.37 22.27
C GLY H 134 15.13 -11.56 21.00
N ILE H 135 15.92 -10.50 20.85
CA ILE H 135 15.82 -9.65 19.67
C ILE H 135 16.10 -10.45 18.39
N ILE H 136 17.21 -11.18 18.37
CA ILE H 136 17.55 -11.96 17.18
C ILE H 136 16.55 -13.10 16.94
N THR H 137 16.14 -13.78 18.02
CA THR H 137 15.19 -14.86 17.89
C THR H 137 13.87 -14.36 17.27
N ASP H 138 13.40 -13.17 17.68
CA ASP H 138 12.17 -12.64 17.11
C ASP H 138 12.31 -12.46 15.60
N ILE H 139 13.46 -11.95 15.18
CA ILE H 139 13.74 -11.73 13.77
C ILE H 139 13.84 -13.10 13.07
N LEU H 140 14.48 -14.04 13.76
CA LEU H 140 14.66 -15.38 13.24
C LEU H 140 13.28 -16.00 12.97
N ARG H 141 12.33 -15.70 13.84
CA ARG H 141 10.99 -16.24 13.68
C ARG H 141 10.33 -15.72 12.42
N THR H 142 10.39 -14.41 12.19
CA THR H 142 9.76 -13.86 11.00
C THR H 142 10.48 -14.32 9.73
N LEU H 143 11.79 -14.51 9.81
CA LEU H 143 12.55 -14.97 8.66
C LEU H 143 12.13 -16.40 8.32
N GLY H 144 12.00 -17.23 9.34
CA GLY H 144 11.61 -18.61 9.12
C GLY H 144 10.28 -18.72 8.42
N LYS H 145 9.34 -17.88 8.82
CA LYS H 145 8.01 -17.87 8.24
C LYS H 145 8.08 -17.46 6.77
N ALA H 146 8.82 -16.39 6.48
CA ALA H 146 8.96 -15.90 5.11
C ALA H 146 9.69 -16.90 4.23
N ILE H 147 10.74 -17.51 4.76
CA ILE H 147 11.50 -18.49 4.00
C ILE H 147 10.58 -19.65 3.61
N TRP H 148 9.79 -20.12 4.57
CA TRP H 148 8.87 -21.22 4.32
C TRP H 148 7.85 -20.82 3.26
N MET H 149 7.26 -19.64 3.38
CA MET H 149 6.27 -19.22 2.39
C MET H 149 6.87 -19.07 1.01
N LEU H 150 8.07 -18.48 0.93
CA LEU H 150 8.72 -18.32 -0.36
C LEU H 150 8.97 -19.71 -0.96
N GLY H 151 9.40 -20.64 -0.12
CA GLY H 151 9.67 -22.00 -0.58
C GLY H 151 8.41 -22.61 -1.17
N ALA H 152 7.29 -22.40 -0.50
CA ALA H 152 6.03 -22.94 -0.94
C ALA H 152 5.55 -22.30 -2.24
N THR H 153 5.79 -21.00 -2.42
CA THR H 153 5.33 -20.38 -3.65
C THR H 153 6.26 -20.67 -4.83
N LEU H 154 7.52 -21.01 -4.54
CA LEU H 154 8.49 -21.32 -5.59
C LEU H 154 8.54 -22.80 -5.95
N LYS H 155 7.99 -23.65 -5.08
CA LYS H 155 7.97 -25.09 -5.29
C LYS H 155 7.27 -25.46 -6.59
N ALA H 156 7.89 -26.36 -7.35
CA ALA H 156 7.31 -26.81 -8.62
C ALA H 156 6.81 -28.26 -8.53
N PRO I 6 -35.75 -27.30 -8.71
CA PRO I 6 -35.30 -28.05 -9.91
C PRO I 6 -35.97 -27.54 -11.19
N ASP I 7 -37.13 -26.91 -11.07
CA ASP I 7 -37.86 -26.38 -12.22
C ASP I 7 -37.05 -25.30 -12.94
N ALA I 8 -36.29 -25.70 -13.96
CA ALA I 8 -35.48 -24.77 -14.72
C ALA I 8 -36.29 -23.55 -15.13
N ARG I 9 -37.60 -23.71 -15.27
CA ARG I 9 -38.45 -22.60 -15.66
C ARG I 9 -38.46 -21.50 -14.61
N ALA I 10 -38.46 -21.88 -13.33
CA ALA I 10 -38.47 -20.91 -12.24
C ALA I 10 -37.16 -20.13 -12.23
N ILE I 11 -36.03 -20.82 -12.35
CA ILE I 11 -34.76 -20.12 -12.34
C ILE I 11 -34.63 -19.18 -13.53
N ALA I 12 -35.19 -19.58 -14.67
CA ALA I 12 -35.12 -18.75 -15.85
C ALA I 12 -35.97 -17.50 -15.65
N ALA I 13 -37.13 -17.65 -15.04
CA ALA I 13 -38.01 -16.51 -14.79
C ALA I 13 -37.34 -15.57 -13.79
N ILE I 14 -36.70 -16.14 -12.78
CA ILE I 14 -36.02 -15.34 -11.77
C ILE I 14 -34.86 -14.58 -12.38
N CYS I 15 -34.08 -15.25 -13.23
CA CYS I 15 -32.95 -14.60 -13.88
C CYS I 15 -33.41 -13.45 -14.75
N GLU I 16 -34.55 -13.61 -15.40
CA GLU I 16 -35.08 -12.58 -16.26
C GLU I 16 -35.41 -11.35 -15.40
N GLN I 17 -35.97 -11.60 -14.23
CA GLN I 17 -36.30 -10.52 -13.30
C GLN I 17 -35.02 -9.84 -12.81
N LEU I 18 -34.04 -10.65 -12.40
CA LEU I 18 -32.76 -10.14 -11.92
C LEU I 18 -32.08 -9.26 -12.97
N ARG I 19 -32.07 -9.72 -14.22
CA ARG I 19 -31.45 -8.95 -15.28
C ARG I 19 -32.11 -7.58 -15.38
N GLN I 20 -33.43 -7.53 -15.22
CA GLN I 20 -34.14 -6.27 -15.29
C GLN I 20 -33.75 -5.38 -14.10
N HIS I 21 -33.64 -5.99 -12.92
CA HIS I 21 -33.27 -5.25 -11.72
C HIS I 21 -31.92 -4.57 -11.90
N VAL I 22 -30.95 -5.32 -12.42
CA VAL I 22 -29.63 -4.77 -12.65
C VAL I 22 -29.74 -3.55 -13.56
N ALA I 23 -30.50 -3.70 -14.64
CA ALA I 23 -30.69 -2.61 -15.59
C ALA I 23 -31.34 -1.40 -14.93
N ASP I 24 -32.42 -1.63 -14.18
CA ASP I 24 -33.09 -0.52 -13.51
C ASP I 24 -32.19 0.14 -12.48
N LEU I 25 -31.47 -0.66 -11.70
CA LEU I 25 -30.56 -0.12 -10.68
C LEU I 25 -29.49 0.72 -11.36
N GLY I 26 -28.94 0.20 -12.44
CA GLY I 26 -27.92 0.92 -13.17
C GLY I 26 -28.43 2.27 -13.61
N VAL I 27 -29.62 2.30 -14.18
CA VAL I 27 -30.23 3.54 -14.65
C VAL I 27 -30.49 4.50 -13.48
N LEU I 28 -30.99 3.95 -12.37
CA LEU I 28 -31.29 4.76 -11.20
C LEU I 28 -30.02 5.37 -10.63
N TYR I 29 -28.95 4.59 -10.66
CA TYR I 29 -27.66 5.02 -10.15
C TYR I 29 -27.24 6.35 -10.75
N ILE I 30 -27.34 6.45 -12.06
CA ILE I 30 -26.97 7.67 -12.73
C ILE I 30 -28.04 8.76 -12.58
N LYS I 31 -29.29 8.34 -12.53
CA LYS I 31 -30.38 9.28 -12.36
C LYS I 31 -30.20 9.99 -11.01
N LEU I 32 -29.81 9.23 -9.98
CA LEU I 32 -29.61 9.81 -8.65
C LEU I 32 -28.48 10.83 -8.66
N HIS I 33 -27.46 10.59 -9.50
CA HIS I 33 -26.37 11.55 -9.59
C HIS I 33 -26.91 12.83 -10.19
N ASN I 34 -27.79 12.70 -11.17
CA ASN I 34 -28.40 13.84 -11.83
C ASN I 34 -29.02 14.75 -10.76
N TYR I 35 -29.87 14.19 -9.91
CA TYR I 35 -30.51 15.00 -8.86
C TYR I 35 -29.44 15.49 -7.90
N HIS I 36 -28.51 14.61 -7.59
CA HIS I 36 -27.40 14.90 -6.70
C HIS I 36 -26.71 16.18 -7.12
N TRP I 37 -26.49 16.31 -8.43
CA TRP I 37 -25.80 17.46 -8.99
C TRP I 37 -26.65 18.68 -9.29
N HIS I 38 -27.87 18.46 -9.75
CA HIS I 38 -28.71 19.57 -10.17
C HIS I 38 -29.82 20.11 -9.28
N ILE I 39 -30.01 19.54 -8.09
CA ILE I 39 -31.04 20.07 -7.23
C ILE I 39 -30.56 21.43 -6.74
N TYR I 40 -31.49 22.23 -6.22
CA TYR I 40 -31.14 23.53 -5.69
C TYR I 40 -32.21 23.84 -4.67
N GLY I 41 -31.89 24.70 -3.72
CA GLY I 41 -32.84 25.05 -2.68
C GLY I 41 -32.14 25.07 -1.34
N ILE I 42 -32.80 25.68 -0.36
CA ILE I 42 -32.24 25.83 0.97
C ILE I 42 -31.79 24.50 1.59
N GLU I 43 -32.46 23.40 1.26
CA GLU I 43 -32.10 22.09 1.84
C GLU I 43 -31.04 21.35 1.04
N PHE I 44 -30.45 22.04 0.06
CA PHE I 44 -29.43 21.44 -0.81
C PHE I 44 -28.44 20.47 -0.18
N LYS I 45 -27.61 20.95 0.75
CA LYS I 45 -26.59 20.09 1.36
C LYS I 45 -27.14 18.76 1.91
N GLN I 46 -28.24 18.82 2.65
CA GLN I 46 -28.83 17.62 3.22
C GLN I 46 -29.31 16.65 2.14
N VAL I 47 -30.04 17.16 1.16
CA VAL I 47 -30.55 16.32 0.09
C VAL I 47 -29.42 15.83 -0.80
N HIS I 48 -28.44 16.70 -1.03
CA HIS I 48 -27.27 16.37 -1.84
C HIS I 48 -26.65 15.12 -1.24
N GLU I 49 -26.49 15.12 0.08
CA GLU I 49 -25.90 13.99 0.78
C GLU I 49 -26.83 12.78 0.83
N LEU I 50 -28.13 13.03 0.98
CA LEU I 50 -29.09 11.93 1.02
C LEU I 50 -29.05 11.19 -0.32
N LEU I 51 -29.03 11.94 -1.41
CA LEU I 51 -28.99 11.37 -2.75
C LEU I 51 -27.76 10.48 -2.91
N GLU I 52 -26.64 10.90 -2.33
CA GLU I 52 -25.41 10.10 -2.42
C GLU I 52 -25.59 8.80 -1.62
N GLU I 53 -26.18 8.88 -0.44
CA GLU I 53 -26.43 7.68 0.35
C GLU I 53 -27.23 6.73 -0.52
N TYR I 54 -28.25 7.27 -1.21
CA TYR I 54 -29.09 6.47 -2.09
C TYR I 54 -28.33 5.80 -3.22
N TYR I 55 -27.54 6.55 -3.97
CA TYR I 55 -26.86 5.89 -5.07
C TYR I 55 -25.77 4.93 -4.61
N VAL I 56 -25.27 5.12 -3.40
CA VAL I 56 -24.27 4.21 -2.85
C VAL I 56 -25.02 2.91 -2.55
N SER I 57 -26.20 3.07 -1.96
CA SER I 57 -27.05 1.94 -1.61
C SER I 57 -27.52 1.23 -2.88
N VAL I 58 -27.92 2.01 -3.88
CA VAL I 58 -28.38 1.47 -5.15
C VAL I 58 -27.29 0.64 -5.83
N THR I 59 -26.08 1.18 -5.85
CA THR I 59 -24.99 0.48 -6.53
C THR I 59 -24.61 -0.78 -5.77
N GLU I 60 -24.96 -0.81 -4.49
CA GLU I 60 -24.67 -1.98 -3.66
C GLU I 60 -25.62 -3.09 -4.09
N ALA I 61 -26.90 -2.74 -4.22
CA ALA I 61 -27.92 -3.69 -4.63
C ALA I 61 -27.61 -4.12 -6.06
N PHE I 62 -27.15 -3.16 -6.85
CA PHE I 62 -26.78 -3.38 -8.24
C PHE I 62 -25.79 -4.52 -8.31
N ASP I 63 -24.77 -4.43 -7.47
CA ASP I 63 -23.73 -5.43 -7.45
C ASP I 63 -24.13 -6.79 -6.88
N THR I 64 -24.86 -6.81 -5.78
CA THR I 64 -25.22 -8.10 -5.20
C THR I 64 -26.21 -8.86 -6.08
N ILE I 65 -27.14 -8.15 -6.72
CA ILE I 65 -28.11 -8.80 -7.60
C ILE I 65 -27.43 -9.33 -8.84
N ALA I 66 -26.50 -8.56 -9.40
CA ALA I 66 -25.78 -9.00 -10.58
C ALA I 66 -25.01 -10.27 -10.26
N GLU I 67 -24.39 -10.31 -9.08
CA GLU I 67 -23.62 -11.48 -8.69
C GLU I 67 -24.49 -12.68 -8.40
N ARG I 68 -25.73 -12.43 -7.97
CA ARG I 68 -26.64 -13.54 -7.71
C ARG I 68 -26.98 -14.16 -9.06
N LEU I 69 -27.13 -13.29 -10.04
CA LEU I 69 -27.44 -13.69 -11.40
C LEU I 69 -26.32 -14.58 -11.89
N LEU I 70 -25.09 -14.17 -11.62
CA LEU I 70 -23.93 -14.97 -12.02
C LEU I 70 -23.95 -16.33 -11.34
N GLN I 71 -24.30 -16.35 -10.06
CA GLN I 71 -24.33 -17.61 -9.33
C GLN I 71 -25.37 -18.56 -9.91
N LEU I 72 -26.48 -17.99 -10.40
CA LEU I 72 -27.55 -18.80 -10.99
C LEU I 72 -27.18 -19.32 -12.37
N GLY I 73 -25.94 -19.08 -12.79
CA GLY I 73 -25.48 -19.57 -14.08
C GLY I 73 -25.71 -18.66 -15.27
N ALA I 74 -26.26 -17.47 -15.03
CA ALA I 74 -26.51 -16.51 -16.10
C ALA I 74 -25.40 -15.47 -16.14
N GLN I 75 -25.40 -14.63 -17.18
CA GLN I 75 -24.42 -13.58 -17.29
C GLN I 75 -25.19 -12.31 -17.05
N ALA I 76 -24.56 -11.34 -16.41
CA ALA I 76 -25.24 -10.09 -16.08
C ALA I 76 -25.14 -9.05 -17.17
N PRO I 77 -26.22 -8.31 -17.40
CA PRO I 77 -26.17 -7.27 -18.43
C PRO I 77 -25.10 -6.29 -17.94
N ALA I 78 -24.15 -5.95 -18.79
CA ALA I 78 -23.07 -5.07 -18.38
C ALA I 78 -22.67 -3.98 -19.38
N SER I 79 -23.64 -3.16 -19.75
CA SER I 79 -23.40 -2.08 -20.68
C SER I 79 -24.59 -1.16 -20.60
N MET I 80 -24.37 0.13 -20.85
CA MET I 80 -25.48 1.07 -20.79
C MET I 80 -26.47 0.77 -21.90
N ALA I 81 -25.97 0.28 -23.03
CA ALA I 81 -26.85 -0.04 -24.15
C ALA I 81 -27.88 -1.08 -23.69
N GLU I 82 -27.39 -2.14 -23.04
CA GLU I 82 -28.29 -3.18 -22.54
C GLU I 82 -29.24 -2.63 -21.49
N TYR I 83 -28.71 -1.83 -20.57
CA TYR I 83 -29.55 -1.27 -19.51
C TYR I 83 -30.67 -0.42 -20.08
N LEU I 84 -30.35 0.43 -21.06
CA LEU I 84 -31.37 1.28 -21.66
C LEU I 84 -32.43 0.43 -22.36
N ALA I 85 -32.01 -0.74 -22.83
CA ALA I 85 -32.93 -1.64 -23.53
C ALA I 85 -33.81 -2.44 -22.57
N LEU I 86 -33.29 -2.74 -21.38
CA LEU I 86 -34.05 -3.52 -20.40
C LEU I 86 -34.77 -2.72 -19.33
N SER I 87 -34.25 -1.55 -18.99
CA SER I 87 -34.81 -0.74 -17.93
C SER I 87 -36.21 -0.18 -18.13
N GLY I 88 -36.99 -0.22 -17.05
CA GLY I 88 -38.34 0.31 -17.09
C GLY I 88 -38.33 1.67 -16.41
N ILE I 89 -37.13 2.18 -16.15
CA ILE I 89 -36.98 3.49 -15.50
C ILE I 89 -36.49 4.52 -16.51
N ALA I 90 -37.24 5.62 -16.62
CA ALA I 90 -36.89 6.69 -17.54
C ALA I 90 -35.76 7.53 -16.99
N GLU I 91 -34.82 7.90 -17.85
CA GLU I 91 -33.70 8.71 -17.41
C GLU I 91 -34.14 10.15 -17.23
N GLU I 92 -33.45 10.88 -16.36
CA GLU I 92 -33.78 12.27 -16.11
C GLU I 92 -33.09 13.09 -17.19
N THR I 93 -33.89 13.76 -18.02
CA THR I 93 -33.34 14.56 -19.11
C THR I 93 -33.11 16.00 -18.72
N GLU I 94 -33.84 16.47 -17.72
CA GLU I 94 -33.66 17.85 -17.31
C GLU I 94 -32.61 17.99 -16.21
N LYS I 95 -32.01 19.17 -16.17
CA LYS I 95 -31.02 19.49 -15.15
C LYS I 95 -31.69 20.66 -14.45
N GLU I 96 -31.12 21.10 -13.33
CA GLU I 96 -31.72 22.19 -12.58
C GLU I 96 -33.14 21.75 -12.20
N ILE I 97 -33.25 21.18 -11.01
CA ILE I 97 -34.53 20.70 -10.55
C ILE I 97 -34.77 21.02 -9.08
N THR I 98 -36.04 21.26 -8.73
CA THR I 98 -36.35 21.58 -7.35
C THR I 98 -36.14 20.36 -6.48
N ILE I 99 -35.92 20.60 -5.19
CA ILE I 99 -35.69 19.51 -4.26
C ILE I 99 -36.92 18.63 -4.10
N VAL I 100 -38.10 19.21 -3.90
CA VAL I 100 -39.29 18.40 -3.73
C VAL I 100 -39.59 17.62 -5.00
N SER I 101 -39.30 18.23 -6.14
CA SER I 101 -39.56 17.55 -7.40
C SER I 101 -38.63 16.36 -7.58
N ALA I 102 -37.35 16.53 -7.21
CA ALA I 102 -36.39 15.44 -7.34
C ALA I 102 -36.73 14.31 -6.38
N LEU I 103 -37.03 14.65 -5.12
CA LEU I 103 -37.36 13.62 -4.14
C LEU I 103 -38.62 12.87 -4.52
N ALA I 104 -39.62 13.58 -5.06
CA ALA I 104 -40.86 12.94 -5.47
C ALA I 104 -40.56 11.91 -6.57
N ARG I 105 -39.64 12.26 -7.45
CA ARG I 105 -39.27 11.34 -8.53
C ARG I 105 -38.51 10.13 -8.01
N VAL I 106 -37.58 10.30 -7.08
CA VAL I 106 -36.87 9.12 -6.60
C VAL I 106 -37.85 8.24 -5.82
N LYS I 107 -38.79 8.86 -5.10
CA LYS I 107 -39.76 8.09 -4.34
C LYS I 107 -40.54 7.23 -5.33
N ARG I 108 -40.92 7.83 -6.45
CA ARG I 108 -41.67 7.11 -7.48
C ARG I 108 -40.85 5.94 -8.02
N ASP I 109 -39.58 6.17 -8.32
CA ASP I 109 -38.74 5.10 -8.83
C ASP I 109 -38.50 4.04 -7.78
N PHE I 110 -38.40 4.44 -6.52
CA PHE I 110 -38.19 3.46 -5.45
C PHE I 110 -39.43 2.58 -5.34
N GLU I 111 -40.60 3.19 -5.48
CA GLU I 111 -41.84 2.44 -5.40
C GLU I 111 -41.95 1.48 -6.59
N TYR I 112 -41.54 1.95 -7.78
CA TYR I 112 -41.57 1.10 -8.96
C TYR I 112 -40.65 -0.10 -8.71
N LEU I 113 -39.45 0.16 -8.21
CA LEU I 113 -38.51 -0.92 -7.93
C LEU I 113 -39.08 -1.86 -6.88
N SER I 114 -39.77 -1.31 -5.89
CA SER I 114 -40.35 -2.11 -4.82
C SER I 114 -41.34 -3.13 -5.36
N THR I 115 -42.26 -2.69 -6.21
CA THR I 115 -43.24 -3.63 -6.75
C THR I 115 -42.53 -4.65 -7.62
N ARG I 116 -41.54 -4.20 -8.40
CA ARG I 116 -40.80 -5.11 -9.26
C ARG I 116 -40.03 -6.16 -8.44
N PHE I 117 -39.37 -5.71 -7.38
CA PHE I 117 -38.62 -6.62 -6.52
C PHE I 117 -39.54 -7.58 -5.80
N SER I 118 -40.72 -7.12 -5.42
CA SER I 118 -41.67 -7.97 -4.72
C SER I 118 -42.08 -9.15 -5.58
N GLN I 119 -42.22 -8.92 -6.88
CA GLN I 119 -42.60 -10.01 -7.80
C GLN I 119 -41.51 -11.07 -7.77
N THR I 120 -40.26 -10.63 -7.78
CA THR I 120 -39.15 -11.54 -7.75
C THR I 120 -39.11 -12.30 -6.44
N GLN I 121 -39.36 -11.62 -5.32
CA GLN I 121 -39.32 -12.31 -4.03
C GLN I 121 -40.41 -13.38 -3.98
N VAL I 122 -41.57 -13.10 -4.58
CA VAL I 122 -42.64 -14.09 -4.62
C VAL I 122 -42.19 -15.29 -5.45
N LEU I 123 -41.57 -15.03 -6.60
CA LEU I 123 -41.09 -16.10 -7.46
C LEU I 123 -40.09 -16.96 -6.72
N ALA I 124 -39.10 -16.31 -6.13
CA ALA I 124 -38.05 -17.00 -5.40
C ALA I 124 -38.63 -17.80 -4.23
N ALA I 125 -39.59 -17.20 -3.53
CA ALA I 125 -40.20 -17.87 -2.39
C ALA I 125 -40.95 -19.13 -2.81
N GLU I 126 -41.75 -19.02 -3.85
CA GLU I 126 -42.53 -20.15 -4.32
C GLU I 126 -41.69 -21.26 -4.95
N SER I 127 -40.52 -20.92 -5.49
CA SER I 127 -39.67 -21.90 -6.12
C SER I 127 -38.57 -22.43 -5.19
N GLY I 128 -38.57 -21.98 -3.95
CA GLY I 128 -37.57 -22.45 -3.01
C GLY I 128 -36.18 -21.81 -3.14
N ASP I 129 -36.06 -20.76 -3.95
CA ASP I 129 -34.77 -20.08 -4.09
C ASP I 129 -34.57 -19.18 -2.87
N ALA I 130 -34.27 -19.80 -1.75
CA ALA I 130 -34.09 -19.10 -0.48
C ALA I 130 -33.08 -17.95 -0.55
N VAL I 131 -31.93 -18.21 -1.15
CA VAL I 131 -30.90 -17.18 -1.26
C VAL I 131 -31.40 -15.93 -1.99
N THR I 132 -31.96 -16.10 -3.18
CA THR I 132 -32.45 -14.95 -3.93
C THR I 132 -33.56 -14.25 -3.12
N ASP I 133 -34.36 -15.04 -2.44
CA ASP I 133 -35.44 -14.53 -1.62
C ASP I 133 -34.86 -13.55 -0.59
N GLY I 134 -33.87 -14.03 0.16
CA GLY I 134 -33.24 -13.21 1.17
C GLY I 134 -32.58 -11.97 0.61
N ILE I 135 -31.91 -12.11 -0.52
CA ILE I 135 -31.24 -10.97 -1.13
C ILE I 135 -32.24 -9.90 -1.50
N ILE I 136 -33.30 -10.27 -2.21
CA ILE I 136 -34.29 -9.29 -2.61
C ILE I 136 -35.01 -8.70 -1.39
N THR I 137 -35.36 -9.53 -0.43
CA THR I 137 -36.05 -9.05 0.75
C THR I 137 -35.21 -8.01 1.50
N ASP I 138 -33.90 -8.23 1.59
CA ASP I 138 -33.03 -7.27 2.26
C ASP I 138 -33.13 -5.91 1.57
N ILE I 139 -33.11 -5.93 0.24
CA ILE I 139 -33.20 -4.73 -0.57
C ILE I 139 -34.59 -4.11 -0.40
N LEU I 140 -35.61 -4.97 -0.35
CA LEU I 140 -36.98 -4.53 -0.17
C LEU I 140 -37.09 -3.79 1.17
N ARG I 141 -36.37 -4.26 2.18
CA ARG I 141 -36.42 -3.62 3.49
C ARG I 141 -35.87 -2.20 3.43
N THR I 142 -34.70 -2.02 2.81
CA THR I 142 -34.12 -0.69 2.74
C THR I 142 -34.97 0.22 1.86
N LEU I 143 -35.61 -0.33 0.82
CA LEU I 143 -36.47 0.48 -0.04
C LEU I 143 -37.67 0.96 0.73
N GLY I 144 -38.25 0.06 1.53
CA GLY I 144 -39.42 0.41 2.31
C GLY I 144 -39.14 1.56 3.25
N LYS I 145 -37.97 1.52 3.89
CA LYS I 145 -37.57 2.55 4.82
C LYS I 145 -37.43 3.88 4.10
N ALA I 146 -36.73 3.85 2.96
CA ALA I 146 -36.51 5.07 2.20
C ALA I 146 -37.82 5.65 1.65
N ILE I 147 -38.70 4.78 1.15
CA ILE I 147 -39.97 5.23 0.60
C ILE I 147 -40.77 5.91 1.71
N TRP I 148 -40.78 5.30 2.88
CA TRP I 148 -41.50 5.88 4.01
C TRP I 148 -40.92 7.25 4.37
N MET I 149 -39.60 7.34 4.48
CA MET I 149 -38.97 8.62 4.84
C MET I 149 -39.23 9.69 3.79
N LEU I 150 -39.11 9.34 2.52
CA LEU I 150 -39.38 10.30 1.46
C LEU I 150 -40.83 10.79 1.55
N GLY I 151 -41.74 9.86 1.83
CA GLY I 151 -43.14 10.20 1.94
C GLY I 151 -43.34 11.19 3.08
N ALA I 152 -42.64 10.96 4.18
CA ALA I 152 -42.76 11.83 5.34
C ALA I 152 -42.20 13.22 5.06
N THR I 153 -41.10 13.30 4.31
CA THR I 153 -40.51 14.60 4.02
C THR I 153 -41.28 15.36 2.94
N LEU I 154 -42.00 14.64 2.08
CA LEU I 154 -42.78 15.27 1.01
C LEU I 154 -44.22 15.58 1.42
N LYS I 155 -44.68 14.97 2.51
CA LYS I 155 -46.03 15.19 2.99
C LYS I 155 -46.31 16.66 3.30
N ALA I 156 -47.46 17.16 2.85
CA ALA I 156 -47.82 18.55 3.08
C ALA I 156 -48.96 18.67 4.08
N PRO J 6 -7.86 36.91 48.77
CA PRO J 6 -8.35 35.51 48.88
C PRO J 6 -8.51 35.07 50.34
N ASP J 7 -8.06 33.86 50.64
CA ASP J 7 -8.14 33.31 51.99
C ASP J 7 -7.16 32.15 52.12
N ALA J 8 -5.89 32.49 52.36
CA ALA J 8 -4.83 31.50 52.49
C ALA J 8 -5.11 30.45 53.55
N ARG J 9 -5.85 30.82 54.60
CA ARG J 9 -6.18 29.88 55.66
C ARG J 9 -6.85 28.63 55.10
N ALA J 10 -7.80 28.86 54.22
CA ALA J 10 -8.59 27.83 53.56
C ALA J 10 -7.72 26.97 52.65
N ILE J 11 -6.83 27.62 51.92
CA ILE J 11 -5.95 26.90 51.01
C ILE J 11 -5.07 25.93 51.77
N ALA J 12 -4.60 26.34 52.94
CA ALA J 12 -3.74 25.48 53.75
C ALA J 12 -4.53 24.27 54.25
N ALA J 13 -5.77 24.51 54.66
CA ALA J 13 -6.60 23.45 55.16
C ALA J 13 -6.91 22.47 54.03
N ILE J 14 -7.17 23.00 52.85
CA ILE J 14 -7.48 22.15 51.70
C ILE J 14 -6.25 21.33 51.31
N CYS J 15 -5.08 21.95 51.30
CA CYS J 15 -3.86 21.24 50.96
C CYS J 15 -3.59 20.11 51.94
N GLU J 16 -3.88 20.33 53.21
CA GLU J 16 -3.67 19.31 54.21
C GLU J 16 -4.58 18.11 53.90
N GLN J 17 -5.80 18.38 53.47
CA GLN J 17 -6.74 17.33 53.13
C GLN J 17 -6.23 16.60 51.88
N LEU J 18 -5.84 17.35 50.87
CA LEU J 18 -5.33 16.78 49.63
C LEU J 18 -4.14 15.86 49.90
N ARG J 19 -3.22 16.30 50.75
CA ARG J 19 -2.04 15.51 51.10
C ARG J 19 -2.47 14.17 51.64
N GLN J 20 -3.49 14.19 52.49
CA GLN J 20 -3.99 12.96 53.07
C GLN J 20 -4.65 12.07 52.02
N HIS J 21 -5.36 12.68 51.08
CA HIS J 21 -6.02 11.92 50.03
C HIS J 21 -4.99 11.18 49.20
N VAL J 22 -3.91 11.87 48.84
CA VAL J 22 -2.85 11.24 48.05
C VAL J 22 -2.33 10.03 48.79
N ALA J 23 -2.07 10.22 50.09
CA ALA J 23 -1.56 9.13 50.92
C ALA J 23 -2.53 7.96 50.95
N ASP J 24 -3.80 8.25 51.19
CA ASP J 24 -4.81 7.18 51.26
C ASP J 24 -4.95 6.47 49.92
N LEU J 25 -4.99 7.25 48.85
CA LEU J 25 -5.12 6.69 47.51
C LEU J 25 -3.93 5.80 47.24
N GLY J 26 -2.74 6.28 47.59
CA GLY J 26 -1.54 5.49 47.37
C GLY J 26 -1.63 4.14 48.07
N VAL J 27 -2.05 4.16 49.33
CA VAL J 27 -2.18 2.95 50.11
C VAL J 27 -3.25 2.03 49.52
N LEU J 28 -4.38 2.62 49.12
CA LEU J 28 -5.47 1.84 48.53
C LEU J 28 -5.01 1.17 47.24
N TYR J 29 -4.24 1.91 46.45
CA TYR J 29 -3.74 1.39 45.19
C TYR J 29 -3.08 0.03 45.36
N ILE J 30 -2.20 -0.08 46.34
CA ILE J 30 -1.49 -1.32 46.58
C ILE J 30 -2.39 -2.36 47.26
N LYS J 31 -3.26 -1.88 48.15
CA LYS J 31 -4.19 -2.74 48.83
C LYS J 31 -5.08 -3.43 47.80
N LEU J 32 -5.52 -2.70 46.78
CA LEU J 32 -6.36 -3.28 45.74
C LEU J 32 -5.60 -4.36 44.96
N HIS J 33 -4.29 -4.17 44.80
CA HIS J 33 -3.51 -5.18 44.09
C HIS J 33 -3.50 -6.44 44.95
N ASN J 34 -3.43 -6.26 46.26
CA ASN J 34 -3.41 -7.37 47.18
C ASN J 34 -4.64 -8.24 46.92
N TYR J 35 -5.82 -7.64 46.94
CA TYR J 35 -7.04 -8.40 46.69
C TYR J 35 -7.03 -8.94 45.28
N HIS J 36 -6.61 -8.09 44.35
CA HIS J 36 -6.52 -8.45 42.95
C HIS J 36 -5.76 -9.78 42.77
N TRP J 37 -4.67 -9.93 43.53
CA TRP J 37 -3.83 -11.14 43.44
C TRP J 37 -4.25 -12.31 44.31
N HIS J 38 -4.75 -12.02 45.50
CA HIS J 38 -5.08 -13.09 46.44
C HIS J 38 -6.51 -13.55 46.65
N ILE J 39 -7.47 -12.97 45.95
CA ILE J 39 -8.83 -13.44 46.11
C ILE J 39 -8.90 -14.80 45.44
N TYR J 40 -9.92 -15.57 45.79
CA TYR J 40 -10.15 -16.88 45.20
C TYR J 40 -11.64 -17.13 45.29
N GLY J 41 -12.14 -17.96 44.41
CA GLY J 41 -13.56 -18.26 44.42
C GLY J 41 -14.05 -18.32 42.99
N ILE J 42 -15.24 -18.87 42.81
CA ILE J 42 -15.82 -19.03 41.49
C ILE J 42 -15.92 -17.74 40.68
N GLU J 43 -16.10 -16.60 41.36
CA GLU J 43 -16.21 -15.31 40.66
C GLU J 43 -14.85 -14.65 40.39
N PHE J 44 -13.76 -15.36 40.68
CA PHE J 44 -12.42 -14.83 40.52
C PHE J 44 -12.15 -13.88 39.35
N LYS J 45 -12.26 -14.41 38.13
CA LYS J 45 -12.00 -13.62 36.94
C LYS J 45 -12.70 -12.26 36.93
N GLN J 46 -13.99 -12.26 37.22
CA GLN J 46 -14.75 -11.01 37.21
C GLN J 46 -14.27 -10.03 38.27
N VAL J 47 -14.06 -10.51 39.49
CA VAL J 47 -13.61 -9.63 40.57
C VAL J 47 -12.16 -9.22 40.34
N HIS J 48 -11.36 -10.15 39.83
CA HIS J 48 -9.96 -9.88 39.54
C HIS J 48 -9.92 -8.65 38.64
N GLU J 49 -10.73 -8.67 37.59
CA GLU J 49 -10.80 -7.56 36.65
C GLU J 49 -11.43 -6.30 37.25
N LEU J 50 -12.45 -6.48 38.08
CA LEU J 50 -13.09 -5.34 38.73
C LEU J 50 -12.07 -4.61 39.59
N LEU J 51 -11.29 -5.37 40.36
CA LEU J 51 -10.27 -4.80 41.23
C LEU J 51 -9.27 -3.98 40.43
N GLU J 52 -8.93 -4.45 39.24
CA GLU J 52 -7.99 -3.73 38.39
C GLU J 52 -8.62 -2.41 37.95
N GLU J 53 -9.90 -2.45 37.54
CA GLU J 53 -10.59 -1.23 37.15
C GLU J 53 -10.48 -0.25 38.30
N TYR J 54 -10.68 -0.76 39.52
CA TYR J 54 -10.61 0.08 40.71
C TYR J 54 -9.25 0.72 40.93
N TYR J 55 -8.18 -0.07 40.90
CA TYR J 55 -6.88 0.54 41.14
C TYR J 55 -6.44 1.46 40.01
N VAL J 56 -6.96 1.23 38.80
CA VAL J 56 -6.63 2.11 37.68
C VAL J 56 -7.30 3.43 37.99
N SER J 57 -8.56 3.35 38.42
CA SER J 57 -9.33 4.52 38.78
C SER J 57 -8.71 5.24 39.98
N VAL J 58 -8.29 4.46 40.96
CA VAL J 58 -7.67 5.02 42.15
C VAL J 58 -6.38 5.76 41.83
N THR J 59 -5.54 5.18 40.99
CA THR J 59 -4.28 5.83 40.63
C THR J 59 -4.53 7.08 39.80
N GLU J 60 -5.67 7.12 39.13
CA GLU J 60 -6.03 8.28 38.32
C GLU J 60 -6.35 9.42 39.29
N ALA J 61 -7.15 9.14 40.31
CA ALA J 61 -7.52 10.15 41.30
C ALA J 61 -6.26 10.55 42.05
N PHE J 62 -5.40 9.56 42.30
CA PHE J 62 -4.13 9.75 42.97
C PHE J 62 -3.36 10.85 42.28
N ASP J 63 -3.23 10.71 40.95
CA ASP J 63 -2.48 11.66 40.16
C ASP J 63 -3.14 13.03 40.02
N THR J 64 -4.45 13.08 39.77
CA THR J 64 -5.08 14.39 39.61
C THR J 64 -5.07 15.19 40.91
N ILE J 65 -5.28 14.52 42.05
CA ILE J 65 -5.28 15.23 43.33
C ILE J 65 -3.88 15.73 43.68
N ALA J 66 -2.88 14.90 43.43
CA ALA J 66 -1.51 15.30 43.71
C ALA J 66 -1.16 16.52 42.87
N GLU J 67 -1.58 16.53 41.61
CA GLU J 67 -1.29 17.67 40.75
C GLU J 67 -2.06 18.92 41.15
N ARG J 68 -3.23 18.75 41.76
CA ARG J 68 -4.01 19.90 42.18
C ARG J 68 -3.23 20.51 43.35
N LEU J 69 -2.67 19.63 44.16
CA LEU J 69 -1.88 20.05 45.31
C LEU J 69 -0.71 20.89 44.80
N LEU J 70 -0.07 20.42 43.73
CA LEU J 70 1.06 21.14 43.15
C LEU J 70 0.61 22.51 42.65
N GLN J 71 -0.54 22.56 42.00
CA GLN J 71 -1.07 23.82 41.49
C GLN J 71 -1.34 24.81 42.62
N LEU J 72 -1.75 24.29 43.78
CA LEU J 72 -2.04 25.14 44.93
C LEU J 72 -0.78 25.66 45.62
N GLY J 73 0.38 25.34 45.03
CA GLY J 73 1.64 25.81 45.59
C GLY J 73 2.31 24.88 46.58
N ALA J 74 1.71 23.72 46.83
CA ALA J 74 2.30 22.79 47.78
C ALA J 74 3.05 21.69 47.04
N GLN J 75 3.74 20.85 47.79
CA GLN J 75 4.46 19.73 47.18
C GLN J 75 3.69 18.50 47.61
N ALA J 76 3.62 17.51 46.75
CA ALA J 76 2.86 16.32 47.08
C ALA J 76 3.68 15.27 47.80
N PRO J 77 3.06 14.56 48.75
CA PRO J 77 3.79 13.51 49.47
C PRO J 77 4.14 12.49 48.38
N ALA J 78 5.41 12.09 48.31
CA ALA J 78 5.82 11.18 47.27
C ALA J 78 6.76 10.06 47.71
N SER J 79 6.33 9.29 48.70
CA SER J 79 7.12 8.17 49.17
C SER J 79 6.20 7.32 50.03
N MET J 80 6.45 6.01 50.06
CA MET J 80 5.62 5.12 50.85
C MET J 80 5.76 5.47 52.32
N ALA J 81 6.95 5.92 52.72
CA ALA J 81 7.18 6.28 54.11
C ALA J 81 6.17 7.37 54.52
N GLU J 82 6.05 8.41 53.69
CA GLU J 82 5.12 9.50 53.98
C GLU J 82 3.68 9.01 53.94
N TYR J 83 3.35 8.18 52.95
CA TYR J 83 1.99 7.68 52.84
C TYR J 83 1.59 6.89 54.06
N LEU J 84 2.47 6.02 54.54
CA LEU J 84 2.16 5.23 55.72
C LEU J 84 1.99 6.13 56.93
N ALA J 85 2.67 7.27 56.93
CA ALA J 85 2.58 8.20 58.04
C ALA J 85 1.33 9.07 58.00
N LEU J 86 0.83 9.33 56.80
CA LEU J 86 -0.35 10.17 56.63
C LEU J 86 -1.67 9.40 56.45
N SER J 87 -1.59 8.21 55.87
CA SER J 87 -2.79 7.44 55.57
C SER J 87 -3.63 6.96 56.73
N GLY J 88 -4.94 7.05 56.54
CA GLY J 88 -5.87 6.59 57.55
C GLY J 88 -6.42 5.24 57.13
N ILE J 89 -5.81 4.67 56.07
CA ILE J 89 -6.22 3.37 55.58
C ILE J 89 -5.21 2.30 55.97
N ALA J 90 -5.70 1.24 56.59
CA ALA J 90 -4.83 0.16 57.02
C ALA J 90 -4.48 -0.73 55.85
N GLU J 91 -3.23 -1.17 55.79
CA GLU J 91 -2.80 -2.04 54.71
C GLU J 91 -3.32 -3.44 54.95
N GLU J 92 -3.49 -4.20 53.88
CA GLU J 92 -3.96 -5.57 54.00
C GLU J 92 -2.75 -6.44 54.27
N THR J 93 -2.72 -7.07 55.45
CA THR J 93 -1.59 -7.93 55.81
C THR J 93 -1.77 -9.38 55.42
N GLU J 94 -3.00 -9.81 55.18
CA GLU J 94 -3.21 -11.19 54.82
C GLU J 94 -3.30 -11.38 53.32
N LYS J 95 -2.96 -12.59 52.89
CA LYS J 95 -3.02 -12.98 51.49
C LYS J 95 -4.07 -14.09 51.49
N GLU J 96 -4.49 -14.54 50.33
CA GLU J 96 -5.51 -15.59 50.28
C GLU J 96 -6.72 -15.07 51.03
N ILE J 97 -7.65 -14.47 50.31
CA ILE J 97 -8.84 -13.91 50.93
C ILE J 97 -10.09 -14.22 50.11
N THR J 98 -11.22 -14.37 50.78
CA THR J 98 -12.46 -14.66 50.07
C THR J 98 -12.90 -13.44 49.28
N ILE J 99 -13.66 -13.69 48.22
CA ILE J 99 -14.14 -12.61 47.39
C ILE J 99 -15.08 -11.66 48.14
N VAL J 100 -16.05 -12.19 48.87
CA VAL J 100 -16.96 -11.30 49.59
C VAL J 100 -16.20 -10.53 50.68
N SER J 101 -15.20 -11.16 51.27
CA SER J 101 -14.45 -10.48 52.31
C SER J 101 -13.63 -9.34 51.70
N ALA J 102 -13.03 -9.58 50.54
CA ALA J 102 -12.24 -8.55 49.86
C ALA J 102 -13.11 -7.38 49.44
N LEU J 103 -14.24 -7.69 48.80
CA LEU J 103 -15.15 -6.64 48.35
C LEU J 103 -15.72 -5.81 49.51
N ALA J 104 -16.02 -6.48 50.62
CA ALA J 104 -16.55 -5.77 51.78
C ALA J 104 -15.50 -4.78 52.27
N ARG J 105 -14.24 -5.19 52.22
CA ARG J 105 -13.18 -4.30 52.66
C ARG J 105 -12.97 -3.13 51.73
N VAL J 106 -13.03 -3.35 50.42
CA VAL J 106 -12.82 -2.20 49.55
C VAL J 106 -14.02 -1.27 49.68
N LYS J 107 -15.22 -1.83 49.87
CA LYS J 107 -16.40 -0.99 50.02
C LYS J 107 -16.21 -0.08 51.24
N ARG J 108 -15.69 -0.67 52.31
CA ARG J 108 -15.44 0.06 53.54
C ARG J 108 -14.42 1.19 53.29
N ASP J 109 -13.33 0.88 52.59
CA ASP J 109 -12.31 1.90 52.29
C ASP J 109 -12.88 2.97 51.36
N PHE J 110 -13.71 2.57 50.41
CA PHE J 110 -14.31 3.53 49.50
C PHE J 110 -15.22 4.48 50.30
N GLU J 111 -15.93 3.94 51.28
CA GLU J 111 -16.81 4.76 52.10
C GLU J 111 -15.98 5.70 52.97
N TYR J 112 -14.87 5.20 53.50
CA TYR J 112 -14.01 6.06 54.31
C TYR J 112 -13.50 7.21 53.43
N LEU J 113 -13.05 6.89 52.22
CA LEU J 113 -12.57 7.91 51.30
C LEU J 113 -13.68 8.90 50.95
N SER J 114 -14.88 8.38 50.77
CA SER J 114 -16.01 9.21 50.42
C SER J 114 -16.28 10.27 51.49
N THR J 115 -16.31 9.88 52.76
CA THR J 115 -16.56 10.86 53.81
C THR J 115 -15.40 11.85 53.87
N ARG J 116 -14.17 11.36 53.72
CA ARG J 116 -13.00 12.23 53.74
C ARG J 116 -13.03 13.24 52.59
N PHE J 117 -13.33 12.75 51.39
CA PHE J 117 -13.40 13.63 50.23
C PHE J 117 -14.51 14.66 50.37
N SER J 118 -15.64 14.26 50.96
CA SER J 118 -16.76 15.17 51.14
C SER J 118 -16.37 16.35 52.00
N GLN J 119 -15.53 16.12 53.00
CA GLN J 119 -15.10 17.22 53.87
C GLN J 119 -14.32 18.21 53.03
N THR J 120 -13.47 17.69 52.16
CA THR J 120 -12.68 18.56 51.30
C THR J 120 -13.58 19.33 50.35
N GLN J 121 -14.57 18.66 49.76
CA GLN J 121 -15.46 19.35 48.83
C GLN J 121 -16.19 20.48 49.55
N VAL J 122 -16.56 20.26 50.81
CA VAL J 122 -17.24 21.29 51.57
C VAL J 122 -16.28 22.47 51.79
N LEU J 123 -15.04 22.16 52.14
CA LEU J 123 -14.04 23.19 52.35
C LEU J 123 -13.84 24.01 51.09
N ALA J 124 -13.64 23.31 49.98
CA ALA J 124 -13.41 23.97 48.69
C ALA J 124 -14.61 24.81 48.28
N ALA J 125 -15.80 24.26 48.50
CA ALA J 125 -17.03 24.96 48.15
C ALA J 125 -17.18 26.25 48.94
N GLU J 126 -16.99 26.18 50.25
CA GLU J 126 -17.15 27.35 51.10
C GLU J 126 -16.07 28.40 50.88
N SER J 127 -14.90 28.00 50.40
CA SER J 127 -13.81 28.94 50.19
C SER J 127 -13.70 29.43 48.76
N GLY J 128 -14.60 28.97 47.90
CA GLY J 128 -14.56 29.39 46.52
C GLY J 128 -13.55 28.69 45.64
N ASP J 129 -12.93 27.61 46.13
CA ASP J 129 -11.96 26.86 45.33
C ASP J 129 -12.77 25.97 44.38
N ALA J 130 -13.34 26.59 43.36
CA ALA J 130 -14.15 25.87 42.38
C ALA J 130 -13.45 24.68 41.73
N VAL J 131 -12.20 24.88 41.31
CA VAL J 131 -11.44 23.81 40.67
C VAL J 131 -11.29 22.58 41.57
N THR J 132 -10.83 22.78 42.81
CA THR J 132 -10.68 21.66 43.73
C THR J 132 -12.03 21.01 43.97
N ASP J 133 -13.07 21.83 44.07
CA ASP J 133 -14.43 21.37 44.29
C ASP J 133 -14.81 20.38 43.17
N GLY J 134 -14.66 20.84 41.93
CA GLY J 134 -14.97 19.99 40.80
C GLY J 134 -14.17 18.71 40.75
N ILE J 135 -12.87 18.81 41.04
CA ILE J 135 -12.01 17.64 41.03
C ILE J 135 -12.48 16.60 42.04
N ILE J 136 -12.69 17.02 43.29
CA ILE J 136 -13.14 16.09 44.32
C ILE J 136 -14.52 15.54 44.01
N THR J 137 -15.42 16.41 43.56
CA THR J 137 -16.78 15.96 43.26
C THR J 137 -16.77 14.88 42.19
N ASP J 138 -15.91 15.02 41.18
CA ASP J 138 -15.84 14.03 40.12
C ASP J 138 -15.46 12.68 40.70
N ILE J 139 -14.50 12.70 41.60
CA ILE J 139 -14.05 11.49 42.26
C ILE J 139 -15.16 10.94 43.15
N LEU J 140 -15.84 11.85 43.85
CA LEU J 140 -16.93 11.48 44.72
C LEU J 140 -18.01 10.76 43.91
N ARG J 141 -18.24 11.21 42.68
CA ARG J 141 -19.24 10.59 41.83
C ARG J 141 -18.87 9.14 41.52
N THR J 142 -17.63 8.89 41.10
CA THR J 142 -17.24 7.54 40.77
C THR J 142 -17.23 6.66 42.02
N LEU J 143 -16.88 7.24 43.17
CA LEU J 143 -16.89 6.46 44.41
C LEU J 143 -18.32 6.05 44.76
N GLY J 144 -19.25 6.99 44.62
CA GLY J 144 -20.64 6.71 44.92
C GLY J 144 -21.19 5.56 44.10
N LYS J 145 -20.84 5.54 42.82
CA LYS J 145 -21.31 4.49 41.94
C LYS J 145 -20.71 3.15 42.35
N ALA J 146 -19.42 3.14 42.67
CA ALA J 146 -18.75 1.91 43.07
C ALA J 146 -19.27 1.40 44.40
N ILE J 147 -19.49 2.31 45.35
CA ILE J 147 -19.99 1.92 46.65
C ILE J 147 -21.37 1.30 46.51
N TRP J 148 -22.21 1.90 45.67
CA TRP J 148 -23.54 1.37 45.43
C TRP J 148 -23.47 -0.02 44.80
N MET J 149 -22.62 -0.19 43.79
CA MET J 149 -22.52 -1.49 43.12
C MET J 149 -21.98 -2.54 44.08
N LEU J 150 -20.97 -2.21 44.87
CA LEU J 150 -20.44 -3.17 45.81
C LEU J 150 -21.52 -3.57 46.81
N GLY J 151 -22.29 -2.59 47.25
CA GLY J 151 -23.36 -2.86 48.19
C GLY J 151 -24.37 -3.84 47.59
N ALA J 152 -24.67 -3.64 46.31
CA ALA J 152 -25.62 -4.50 45.63
C ALA J 152 -25.09 -5.91 45.45
N THR J 153 -23.81 -6.05 45.20
CA THR J 153 -23.28 -7.40 45.00
C THR J 153 -23.05 -8.12 46.32
N LEU J 154 -22.89 -7.36 47.40
CA LEU J 154 -22.67 -7.96 48.72
C LEU J 154 -23.96 -8.21 49.48
N LYS J 155 -25.04 -7.56 49.05
CA LYS J 155 -26.35 -7.70 49.70
C LYS J 155 -26.81 -9.15 49.72
N ALA J 156 -27.30 -9.59 50.88
CA ALA J 156 -27.77 -10.95 51.05
C ALA J 156 -29.29 -10.99 51.16
N PRO K 6 17.20 -27.20 39.61
CA PRO K 6 17.21 -27.60 41.04
C PRO K 6 15.80 -27.93 41.53
N ASP K 7 14.85 -27.80 40.62
CA ASP K 7 13.45 -28.08 40.90
C ASP K 7 12.89 -27.20 42.04
N ALA K 8 12.59 -27.82 43.18
CA ALA K 8 12.02 -27.09 44.32
C ALA K 8 12.93 -26.01 44.91
N ARG K 9 14.24 -26.22 44.79
CA ARG K 9 15.22 -25.28 45.33
C ARG K 9 15.38 -24.06 44.43
N ALA K 10 15.41 -24.30 43.12
CA ALA K 10 15.53 -23.24 42.12
C ALA K 10 14.28 -22.36 42.12
N ILE K 11 13.12 -22.99 42.22
CA ILE K 11 11.86 -22.26 42.24
C ILE K 11 11.81 -21.33 43.45
N ALA K 12 12.33 -21.78 44.59
CA ALA K 12 12.33 -20.96 45.78
C ALA K 12 13.25 -19.76 45.61
N ALA K 13 14.40 -19.99 44.98
CA ALA K 13 15.36 -18.90 44.74
C ALA K 13 14.76 -17.88 43.80
N ILE K 14 14.09 -18.37 42.75
CA ILE K 14 13.46 -17.50 41.77
C ILE K 14 12.34 -16.68 42.44
N CYS K 15 11.53 -17.33 43.26
CA CYS K 15 10.43 -16.64 43.94
C CYS K 15 10.97 -15.54 44.83
N GLU K 16 12.10 -15.80 45.48
CA GLU K 16 12.70 -14.81 46.36
C GLU K 16 13.12 -13.58 45.54
N GLN K 17 13.65 -13.83 44.35
CA GLN K 17 14.06 -12.74 43.46
C GLN K 17 12.83 -11.97 43.01
N LEU K 18 11.81 -12.70 42.57
CA LEU K 18 10.57 -12.09 42.11
C LEU K 18 9.94 -11.22 43.18
N ARG K 19 9.95 -11.71 44.43
CA ARG K 19 9.37 -10.94 45.53
C ARG K 19 10.09 -9.61 45.66
N GLN K 20 11.40 -9.63 45.47
CA GLN K 20 12.19 -8.41 45.57
C GLN K 20 11.87 -7.48 44.40
N HIS K 21 11.71 -8.05 43.21
CA HIS K 21 11.40 -7.24 42.04
C HIS K 21 10.09 -6.49 42.24
N VAL K 22 9.09 -7.17 42.76
CA VAL K 22 7.80 -6.55 43.00
C VAL K 22 7.98 -5.37 43.96
N ALA K 23 8.74 -5.61 45.03
CA ALA K 23 9.00 -4.57 46.01
C ALA K 23 9.71 -3.38 45.38
N ASP K 24 10.76 -3.64 44.60
CA ASP K 24 11.50 -2.55 43.97
C ASP K 24 10.65 -1.81 42.95
N LEU K 25 9.90 -2.55 42.14
CA LEU K 25 9.04 -1.93 41.15
C LEU K 25 8.01 -1.05 41.86
N GLY K 26 7.46 -1.57 42.96
CA GLY K 26 6.47 -0.81 43.71
C GLY K 26 7.06 0.50 44.19
N VAL K 27 8.25 0.44 44.77
CA VAL K 27 8.92 1.64 45.24
C VAL K 27 9.24 2.60 44.10
N LEU K 28 9.72 2.05 42.97
CA LEU K 28 10.06 2.87 41.81
C LEU K 28 8.83 3.58 41.27
N TYR K 29 7.71 2.87 41.28
CA TYR K 29 6.45 3.40 40.78
C TYR K 29 6.14 4.74 41.44
N ILE K 30 6.25 4.79 42.75
CA ILE K 30 5.97 6.03 43.47
C ILE K 30 7.11 7.03 43.32
N LYS K 31 8.34 6.54 43.25
CA LYS K 31 9.49 7.39 43.07
C LYS K 31 9.35 8.15 41.75
N LEU K 32 8.90 7.45 40.71
CA LEU K 32 8.72 8.08 39.41
C LEU K 32 7.66 9.16 39.46
N HIS K 33 6.64 8.98 40.30
CA HIS K 33 5.61 10.00 40.43
C HIS K 33 6.24 11.24 41.05
N ASN K 34 7.12 11.00 42.02
CA ASN K 34 7.79 12.08 42.70
C ASN K 34 8.46 12.97 41.67
N TYR K 35 9.29 12.39 40.81
CA TYR K 35 9.95 13.17 39.77
C TYR K 35 8.92 13.78 38.83
N HIS K 36 7.94 12.96 38.46
CA HIS K 36 6.84 13.37 37.58
C HIS K 36 6.24 14.69 38.06
N TRP K 37 6.03 14.80 39.38
CA TRP K 37 5.43 15.98 39.98
C TRP K 37 6.36 17.13 40.32
N HIS K 38 7.57 16.83 40.74
CA HIS K 38 8.48 17.86 41.19
C HIS K 38 9.61 18.34 40.32
N ILE K 39 9.77 17.79 39.12
CA ILE K 39 10.83 18.28 38.27
C ILE K 39 10.42 19.67 37.82
N TYR K 40 11.39 20.43 37.33
CA TYR K 40 11.13 21.76 36.83
C TYR K 40 12.23 22.03 35.82
N GLY K 41 11.96 22.92 34.88
CA GLY K 41 12.93 23.22 33.85
C GLY K 41 12.23 23.36 32.51
N ILE K 42 12.92 23.95 31.56
CA ILE K 42 12.37 24.17 30.23
C ILE K 42 11.84 22.90 29.57
N GLU K 43 12.43 21.75 29.89
CA GLU K 43 12.02 20.48 29.29
C GLU K 43 10.89 19.78 30.08
N PHE K 44 10.34 20.48 31.06
CA PHE K 44 9.28 19.92 31.90
C PHE K 44 8.23 19.03 31.23
N LYS K 45 7.42 19.60 30.35
CA LYS K 45 6.37 18.82 29.70
C LYS K 45 6.83 17.49 29.12
N GLN K 46 7.93 17.49 28.36
CA GLN K 46 8.43 16.26 27.77
C GLN K 46 8.87 15.24 28.81
N VAL K 47 9.60 15.68 29.81
CA VAL K 47 10.07 14.77 30.84
C VAL K 47 8.92 14.35 31.73
N HIS K 48 7.99 15.26 31.98
CA HIS K 48 6.82 14.98 32.80
C HIS K 48 6.10 13.78 32.17
N GLU K 49 5.94 13.85 30.85
CA GLU K 49 5.28 12.78 30.10
C GLU K 49 6.12 11.51 30.03
N LEU K 50 7.43 11.66 29.87
CA LEU K 50 8.32 10.51 29.79
C LEU K 50 8.23 9.74 31.12
N LEU K 51 8.27 10.47 32.23
CA LEU K 51 8.19 9.85 33.54
C LEU K 51 6.89 9.05 33.70
N GLU K 52 5.81 9.55 33.12
CA GLU K 52 4.54 8.85 33.19
C GLU K 52 4.64 7.55 32.39
N GLU K 53 5.23 7.63 31.21
CA GLU K 53 5.41 6.44 30.38
C GLU K 53 6.14 5.41 31.22
N TYR K 54 7.16 5.88 31.93
CA TYR K 54 7.96 5.00 32.77
C TYR K 54 7.18 4.33 33.88
N TYR K 55 6.43 5.10 34.67
CA TYR K 55 5.71 4.45 35.75
C TYR K 55 4.57 3.57 35.24
N VAL K 56 4.05 3.86 34.05
CA VAL K 56 3.01 3.01 33.49
C VAL K 56 3.68 1.68 33.15
N SER K 57 4.86 1.78 32.53
CA SER K 57 5.61 0.59 32.18
C SER K 57 6.06 -0.17 33.43
N VAL K 58 6.48 0.57 34.45
CA VAL K 58 6.92 -0.05 35.69
C VAL K 58 5.79 -0.81 36.38
N THR K 59 4.61 -0.20 36.42
CA THR K 59 3.50 -0.85 37.07
C THR K 59 3.05 -2.07 36.26
N GLU K 60 3.34 -2.06 34.97
CA GLU K 60 2.98 -3.17 34.12
C GLU K 60 3.88 -4.35 34.51
N ALA K 61 5.18 -4.10 34.62
CA ALA K 61 6.12 -5.15 35.02
C ALA K 61 5.79 -5.59 36.44
N PHE K 62 5.40 -4.64 37.26
CA PHE K 62 5.02 -4.87 38.65
C PHE K 62 3.95 -5.95 38.69
N ASP K 63 2.93 -5.77 37.88
CA ASP K 63 1.83 -6.71 37.86
C ASP K 63 2.15 -8.05 37.21
N THR K 64 2.88 -8.07 36.09
CA THR K 64 3.17 -9.37 35.48
C THR K 64 4.11 -10.23 36.33
N ILE K 65 5.07 -9.60 37.00
CA ILE K 65 5.99 -10.35 37.84
C ILE K 65 5.27 -10.87 39.07
N ALA K 66 4.40 -10.06 39.65
CA ALA K 66 3.66 -10.48 40.83
C ALA K 66 2.80 -11.68 40.48
N GLU K 67 2.20 -11.64 39.29
CA GLU K 67 1.34 -12.73 38.88
C GLU K 67 2.13 -13.98 38.54
N ARG K 68 3.38 -13.82 38.11
CA ARG K 68 4.21 -14.98 37.81
C ARG K 68 4.51 -15.65 39.15
N LEU K 69 4.74 -14.83 40.16
CA LEU K 69 5.03 -15.30 41.50
C LEU K 69 3.84 -16.14 41.97
N LEU K 70 2.63 -15.64 41.72
CA LEU K 70 1.41 -16.35 42.11
C LEU K 70 1.34 -17.69 41.39
N GLN K 71 1.69 -17.69 40.11
CA GLN K 71 1.65 -18.91 39.33
C GLN K 71 2.64 -19.95 39.86
N LEU K 72 3.76 -19.47 40.39
CA LEU K 72 4.79 -20.37 40.94
C LEU K 72 4.39 -20.92 42.31
N GLY K 73 3.18 -20.60 42.75
CA GLY K 73 2.71 -21.10 44.03
C GLY K 73 2.97 -20.22 45.24
N ALA K 74 3.59 -19.07 45.03
CA ALA K 74 3.88 -18.17 46.14
C ALA K 74 2.84 -17.06 46.21
N GLN K 75 2.91 -16.26 47.26
CA GLN K 75 1.99 -15.14 47.39
C GLN K 75 2.87 -13.91 47.19
N ALA K 76 2.31 -12.89 46.57
CA ALA K 76 3.07 -11.70 46.30
C ALA K 76 3.05 -10.69 47.42
N PRO K 77 4.18 -10.00 47.64
CA PRO K 77 4.20 -8.99 48.72
C PRO K 77 3.19 -7.93 48.27
N ALA K 78 2.27 -7.55 49.15
CA ALA K 78 1.24 -6.61 48.76
C ALA K 78 0.93 -5.52 49.78
N SER K 79 1.95 -4.78 50.17
CA SER K 79 1.76 -3.70 51.11
C SER K 79 3.03 -2.86 51.06
N MET K 80 2.88 -1.57 51.35
CA MET K 80 4.04 -0.69 51.33
C MET K 80 5.01 -1.09 52.43
N ALA K 81 4.49 -1.58 53.55
CA ALA K 81 5.34 -1.99 54.65
C ALA K 81 6.29 -3.09 54.17
N GLU K 82 5.76 -4.08 53.46
CA GLU K 82 6.60 -5.16 52.94
C GLU K 82 7.57 -4.66 51.89
N TYR K 83 7.09 -3.77 51.01
CA TYR K 83 7.95 -3.25 49.97
C TYR K 83 9.14 -2.49 50.56
N LEU K 84 8.89 -1.65 51.55
CA LEU K 84 9.96 -0.89 52.17
C LEU K 84 10.94 -1.85 52.85
N ALA K 85 10.45 -2.99 53.28
CA ALA K 85 11.29 -3.96 53.95
C ALA K 85 12.12 -4.79 52.96
N LEU K 86 11.59 -5.02 51.77
CA LEU K 86 12.30 -5.83 50.77
C LEU K 86 13.07 -5.06 49.71
N SER K 87 12.62 -3.84 49.41
CA SER K 87 13.23 -3.04 48.36
C SER K 87 14.67 -2.58 48.59
N GLY K 88 15.44 -2.64 47.51
CA GLY K 88 16.82 -2.20 47.53
C GLY K 88 16.90 -0.81 46.90
N ILE K 89 15.74 -0.21 46.64
CA ILE K 89 15.68 1.11 46.05
C ILE K 89 15.27 2.15 47.08
N ALA K 90 16.09 3.18 47.22
CA ALA K 90 15.80 4.23 48.18
C ALA K 90 14.72 5.15 47.64
N GLU K 91 13.83 5.59 48.53
CA GLU K 91 12.75 6.48 48.14
C GLU K 91 13.29 7.89 48.00
N GLU K 92 12.68 8.69 47.14
CA GLU K 92 13.10 10.06 46.94
C GLU K 92 12.46 10.90 48.03
N THR K 93 13.28 11.49 48.88
CA THR K 93 12.79 12.29 49.99
C THR K 93 12.65 13.75 49.64
N GLU K 94 13.39 14.19 48.64
CA GLU K 94 13.30 15.59 48.28
C GLU K 94 12.26 15.87 47.20
N LYS K 95 11.76 17.09 47.22
CA LYS K 95 10.78 17.55 46.28
C LYS K 95 11.53 18.66 45.55
N GLU K 96 10.97 19.15 44.46
CA GLU K 96 11.64 20.20 43.70
C GLU K 96 13.01 19.69 43.30
N ILE K 97 13.11 19.14 42.10
CA ILE K 97 14.36 18.59 41.61
C ILE K 97 14.60 18.94 40.15
N THR K 98 15.88 19.10 39.80
CA THR K 98 16.21 19.43 38.42
C THR K 98 15.92 18.24 37.51
N ILE K 99 15.71 18.53 36.24
CA ILE K 99 15.42 17.50 35.27
C ILE K 99 16.59 16.54 35.07
N VAL K 100 17.79 17.05 34.89
CA VAL K 100 18.94 16.16 34.70
C VAL K 100 19.18 15.32 35.94
N SER K 101 18.94 15.92 37.10
CA SER K 101 19.15 15.20 38.36
C SER K 101 18.14 14.06 38.50
N ALA K 102 16.89 14.32 38.13
CA ALA K 102 15.85 13.31 38.22
C ALA K 102 16.12 12.18 37.23
N LEU K 103 16.43 12.53 35.98
CA LEU K 103 16.71 11.51 34.97
C LEU K 103 17.93 10.66 35.35
N ALA K 104 18.97 11.30 35.89
CA ALA K 104 20.15 10.56 36.30
C ALA K 104 19.77 9.54 37.35
N ARG K 105 18.88 9.93 38.24
CA ARG K 105 18.47 9.00 39.29
C ARG K 105 17.63 7.84 38.77
N VAL K 106 16.71 8.09 37.83
CA VAL K 106 15.92 6.98 37.32
C VAL K 106 16.82 6.07 36.49
N LYS K 107 17.81 6.64 35.79
CA LYS K 107 18.73 5.83 35.01
C LYS K 107 19.45 4.88 35.96
N ARG K 108 19.88 5.42 37.10
CA ARG K 108 20.58 4.64 38.10
C ARG K 108 19.70 3.51 38.62
N ASP K 109 18.44 3.82 38.91
CA ASP K 109 17.51 2.80 39.42
C ASP K 109 17.20 1.77 38.34
N PHE K 110 17.12 2.22 37.09
CA PHE K 110 16.85 1.30 36.00
C PHE K 110 18.02 0.33 35.86
N GLU K 111 19.24 0.85 36.02
CA GLU K 111 20.43 0.01 35.93
C GLU K 111 20.46 -0.96 37.08
N TYR K 112 20.07 -0.50 38.27
CA TYR K 112 20.06 -1.38 39.43
C TYR K 112 19.06 -2.52 39.16
N LEU K 113 17.89 -2.16 38.65
CA LEU K 113 16.88 -3.16 38.34
C LEU K 113 17.41 -4.13 37.29
N SER K 114 18.09 -3.58 36.29
CA SER K 114 18.61 -4.38 35.20
C SER K 114 19.56 -5.48 35.70
N THR K 115 20.50 -5.13 36.58
CA THR K 115 21.42 -6.15 37.07
C THR K 115 20.65 -7.16 37.92
N ARG K 116 19.71 -6.67 38.73
CA ARG K 116 18.91 -7.56 39.55
C ARG K 116 18.07 -8.51 38.70
N PHE K 117 17.43 -7.99 37.66
CA PHE K 117 16.62 -8.81 36.78
C PHE K 117 17.47 -9.83 36.04
N SER K 118 18.68 -9.44 35.65
CA SER K 118 19.58 -10.34 34.94
C SER K 118 19.92 -11.56 35.78
N GLN K 119 20.04 -11.38 37.08
CA GLN K 119 20.36 -12.50 37.93
C GLN K 119 19.22 -13.49 37.88
N THR K 120 18.00 -12.95 37.90
CA THR K 120 16.82 -13.80 37.86
C THR K 120 16.73 -14.52 36.53
N GLN K 121 17.01 -13.82 35.44
CA GLN K 121 16.93 -14.45 34.14
C GLN K 121 17.94 -15.60 34.06
N VAL K 122 19.11 -15.43 34.66
CA VAL K 122 20.12 -16.47 34.67
C VAL K 122 19.60 -17.68 35.47
N LEU K 123 19.01 -17.41 36.63
CA LEU K 123 18.45 -18.47 37.45
C LEU K 123 17.40 -19.25 36.69
N ALA K 124 16.46 -18.50 36.09
CA ALA K 124 15.37 -19.10 35.35
C ALA K 124 15.88 -19.91 34.18
N ALA K 125 16.86 -19.35 33.47
CA ALA K 125 17.44 -20.03 32.31
C ALA K 125 18.12 -21.35 32.70
N GLU K 126 18.93 -21.32 33.76
CA GLU K 126 19.63 -22.52 34.20
C GLU K 126 18.71 -23.59 34.79
N SER K 127 17.57 -23.18 35.34
CA SER K 127 16.66 -24.14 35.95
C SER K 127 15.53 -24.56 35.01
N GLY K 128 15.54 -24.07 33.78
CA GLY K 128 14.51 -24.43 32.83
C GLY K 128 13.18 -23.71 32.97
N ASP K 129 13.11 -22.68 33.81
CA ASP K 129 11.88 -21.92 33.99
C ASP K 129 11.75 -20.99 32.80
N ALA K 130 11.42 -21.55 31.64
CA ALA K 130 11.29 -20.79 30.41
C ALA K 130 10.36 -19.59 30.51
N VAL K 131 9.18 -19.79 31.12
CA VAL K 131 8.22 -18.70 31.25
C VAL K 131 8.77 -17.50 32.03
N THR K 132 9.36 -17.75 33.19
CA THR K 132 9.92 -16.65 33.98
C THR K 132 11.03 -15.99 33.18
N ASP K 133 11.79 -16.82 32.49
CA ASP K 133 12.91 -16.36 31.67
C ASP K 133 12.39 -15.33 30.69
N GLY K 134 11.37 -15.73 29.92
CA GLY K 134 10.78 -14.84 28.93
C GLY K 134 10.22 -13.57 29.54
N ILE K 135 9.54 -13.70 30.68
CA ILE K 135 8.95 -12.54 31.32
C ILE K 135 10.03 -11.54 31.70
N ILE K 136 11.07 -11.99 32.41
CA ILE K 136 12.13 -11.08 32.83
C ILE K 136 12.90 -10.52 31.63
N THR K 137 13.16 -11.35 30.64
CA THR K 137 13.89 -10.88 29.45
C THR K 137 13.12 -9.78 28.74
N ASP K 138 11.79 -9.90 28.64
CA ASP K 138 11.00 -8.85 27.99
C ASP K 138 11.16 -7.53 28.75
N ILE K 139 11.17 -7.60 30.07
CA ILE K 139 11.33 -6.43 30.92
C ILE K 139 12.75 -5.89 30.75
N LEU K 140 13.71 -6.80 30.68
CA LEU K 140 15.11 -6.44 30.49
C LEU K 140 15.26 -5.68 29.18
N ARG K 141 14.53 -6.09 28.15
CA ARG K 141 14.61 -5.41 26.87
C ARG K 141 14.14 -3.96 26.96
N THR K 142 12.99 -3.72 27.60
CA THR K 142 12.51 -2.35 27.71
C THR K 142 13.43 -1.52 28.61
N LEU K 143 14.00 -2.14 29.64
CA LEU K 143 14.91 -1.42 30.52
C LEU K 143 16.15 -0.99 29.74
N GLY K 144 16.68 -1.91 28.95
CA GLY K 144 17.86 -1.62 28.16
C GLY K 144 17.66 -0.43 27.25
N LYS K 145 16.50 -0.38 26.61
CA LYS K 145 16.19 0.71 25.71
C LYS K 145 16.10 2.02 26.46
N ALA K 146 15.43 2.01 27.61
CA ALA K 146 15.28 3.22 28.41
C ALA K 146 16.61 3.70 28.96
N ILE K 147 17.42 2.76 29.46
CA ILE K 147 18.73 3.09 30.00
C ILE K 147 19.55 3.76 28.92
N TRP K 148 19.54 3.19 27.72
CA TRP K 148 20.29 3.77 26.62
C TRP K 148 19.81 5.19 26.28
N MET K 149 18.49 5.38 26.19
CA MET K 149 17.96 6.69 25.87
C MET K 149 18.29 7.70 26.94
N LEU K 150 18.15 7.32 28.21
CA LEU K 150 18.48 8.24 29.29
C LEU K 150 19.95 8.61 29.19
N GLY K 151 20.80 7.61 28.90
CA GLY K 151 22.22 7.88 28.79
C GLY K 151 22.49 8.89 27.69
N ALA K 152 21.77 8.74 26.58
CA ALA K 152 21.94 9.63 25.45
C ALA K 152 21.46 11.06 25.76
N THR K 153 20.38 11.19 26.51
CA THR K 153 19.88 12.52 26.83
C THR K 153 20.70 13.20 27.92
N LEU K 154 21.36 12.41 28.76
CA LEU K 154 22.18 12.95 29.84
C LEU K 154 23.64 13.19 29.44
N LYS K 155 24.06 12.60 28.33
CA LYS K 155 25.42 12.74 27.85
C LYS K 155 25.79 14.19 27.59
N ALA K 156 26.97 14.59 28.05
CA ALA K 156 27.42 15.96 27.86
C ALA K 156 28.59 16.04 26.86
N PRO L 6 -7.70 33.42 -24.97
CA PRO L 6 -9.04 32.85 -24.73
C PRO L 6 -9.47 32.86 -23.25
N ASP L 7 -10.63 33.46 -23.00
CA ASP L 7 -11.17 33.56 -21.66
C ASP L 7 -12.47 32.77 -21.56
N ALA L 8 -13.57 33.36 -22.01
CA ALA L 8 -14.86 32.67 -22.00
C ALA L 8 -14.73 31.56 -23.03
N ARG L 9 -13.68 31.68 -23.85
CA ARG L 9 -13.37 30.72 -24.91
C ARG L 9 -12.62 29.55 -24.29
N ALA L 10 -11.84 29.84 -23.24
CA ALA L 10 -11.07 28.81 -22.56
C ALA L 10 -11.96 27.99 -21.63
N ILE L 11 -12.80 28.66 -20.85
CA ILE L 11 -13.69 27.96 -19.93
C ILE L 11 -14.65 27.07 -20.70
N ALA L 12 -15.10 27.54 -21.87
CA ALA L 12 -16.02 26.76 -22.69
C ALA L 12 -15.31 25.51 -23.22
N ALA L 13 -14.06 25.67 -23.64
CA ALA L 13 -13.30 24.55 -24.17
C ALA L 13 -13.06 23.53 -23.07
N ILE L 14 -12.73 24.01 -21.88
CA ILE L 14 -12.48 23.15 -20.74
C ILE L 14 -13.76 22.40 -20.35
N CYS L 15 -14.89 23.10 -20.31
CA CYS L 15 -16.16 22.47 -19.96
C CYS L 15 -16.50 21.38 -20.95
N GLU L 16 -16.19 21.61 -22.22
CA GLU L 16 -16.48 20.61 -23.25
C GLU L 16 -15.66 19.35 -22.97
N GLN L 17 -14.40 19.54 -22.58
CA GLN L 17 -13.52 18.43 -22.25
C GLN L 17 -14.04 17.70 -21.03
N LEU L 18 -14.41 18.46 -20.01
CA LEU L 18 -14.94 17.89 -18.76
C LEU L 18 -16.18 17.07 -19.03
N ARG L 19 -17.08 17.58 -19.87
CA ARG L 19 -18.32 16.86 -20.21
C ARG L 19 -17.97 15.50 -20.79
N GLN L 20 -16.95 15.47 -21.63
CA GLN L 20 -16.52 14.22 -22.26
C GLN L 20 -15.94 13.28 -21.21
N HIS L 21 -15.15 13.83 -20.30
CA HIS L 21 -14.54 13.00 -19.25
C HIS L 21 -15.61 12.31 -18.41
N VAL L 22 -16.65 13.06 -18.04
CA VAL L 22 -17.73 12.49 -17.23
C VAL L 22 -18.33 11.33 -18.00
N ALA L 23 -18.60 11.55 -19.28
CA ALA L 23 -19.17 10.53 -20.13
C ALA L 23 -18.27 9.30 -20.21
N ASP L 24 -16.98 9.51 -20.45
CA ASP L 24 -16.05 8.38 -20.55
C ASP L 24 -15.94 7.64 -19.24
N LEU L 25 -15.83 8.38 -18.14
CA LEU L 25 -15.73 7.77 -16.83
C LEU L 25 -16.99 6.95 -16.57
N GLY L 26 -18.14 7.53 -16.88
CA GLY L 26 -19.39 6.81 -16.67
C GLY L 26 -19.40 5.48 -17.41
N VAL L 27 -18.98 5.52 -18.68
CA VAL L 27 -18.94 4.30 -19.48
C VAL L 27 -17.93 3.32 -18.93
N LEU L 28 -16.76 3.82 -18.53
CA LEU L 28 -15.71 2.96 -17.97
C LEU L 28 -16.18 2.29 -16.69
N TYR L 29 -16.91 3.06 -15.87
CA TYR L 29 -17.44 2.56 -14.60
C TYR L 29 -18.20 1.25 -14.79
N ILE L 30 -19.07 1.22 -15.78
CA ILE L 30 -19.85 0.02 -16.03
C ILE L 30 -19.03 -1.04 -16.74
N LYS L 31 -18.13 -0.61 -17.61
CA LYS L 31 -17.27 -1.52 -18.33
C LYS L 31 -16.43 -2.30 -17.33
N LEU L 32 -15.94 -1.61 -16.30
CA LEU L 32 -15.13 -2.26 -15.28
C LEU L 32 -15.92 -3.31 -14.52
N HIS L 33 -17.22 -3.06 -14.35
CA HIS L 33 -18.06 -4.03 -13.65
C HIS L 33 -18.15 -5.27 -14.53
N ASN L 34 -18.25 -5.06 -15.83
CA ASN L 34 -18.34 -6.14 -16.78
C ASN L 34 -17.15 -7.09 -16.54
N TYR L 35 -15.94 -6.56 -16.56
CA TYR L 35 -14.76 -7.39 -16.35
C TYR L 35 -14.81 -7.97 -14.94
N HIS L 36 -15.19 -7.12 -13.99
CA HIS L 36 -15.29 -7.51 -12.60
C HIS L 36 -16.10 -8.80 -12.46
N TRP L 37 -17.21 -8.86 -13.17
CA TRP L 37 -18.11 -10.00 -13.13
C TRP L 37 -17.77 -11.19 -14.02
N HIS L 38 -17.28 -10.91 -15.22
CA HIS L 38 -17.03 -11.99 -16.17
C HIS L 38 -15.63 -12.52 -16.40
N ILE L 39 -14.63 -12.01 -15.70
CA ILE L 39 -13.30 -12.55 -15.91
C ILE L 39 -13.30 -13.93 -15.28
N TYR L 40 -12.31 -14.75 -15.63
CA TYR L 40 -12.18 -16.08 -15.08
C TYR L 40 -10.71 -16.42 -15.20
N GLY L 41 -10.24 -17.31 -14.33
CA GLY L 41 -8.85 -17.69 -14.36
C GLY L 41 -8.35 -17.82 -12.93
N ILE L 42 -7.19 -18.44 -12.79
CA ILE L 42 -6.62 -18.67 -11.47
C ILE L 42 -6.43 -17.40 -10.64
N GLU L 43 -6.20 -16.26 -11.29
CA GLU L 43 -5.99 -14.98 -10.58
C GLU L 43 -7.30 -14.24 -10.31
N PHE L 44 -8.43 -14.89 -10.57
CA PHE L 44 -9.73 -14.29 -10.38
C PHE L 44 -9.93 -13.36 -9.19
N LYS L 45 -9.85 -13.90 -7.98
CA LYS L 45 -10.06 -13.10 -6.78
C LYS L 45 -9.27 -11.79 -6.75
N GLN L 46 -7.98 -11.86 -7.04
CA GLN L 46 -7.14 -10.67 -7.02
C GLN L 46 -7.59 -9.65 -8.06
N VAL L 47 -7.81 -10.11 -9.28
CA VAL L 47 -8.23 -9.21 -10.32
C VAL L 47 -9.64 -8.70 -10.08
N HIS L 48 -10.49 -9.57 -9.57
CA HIS L 48 -11.88 -9.23 -9.27
C HIS L 48 -11.84 -8.02 -8.34
N GLU L 49 -10.98 -8.11 -7.33
CA GLU L 49 -10.83 -7.04 -6.37
C GLU L 49 -10.16 -5.80 -6.95
N LEU L 50 -9.15 -6.01 -7.77
CA LEU L 50 -8.44 -4.90 -8.41
C LEU L 50 -9.44 -4.08 -9.23
N LEU L 51 -10.25 -4.77 -10.01
CA LEU L 51 -11.26 -4.13 -10.85
C LEU L 51 -12.20 -3.27 -10.03
N GLU L 52 -12.55 -3.74 -8.83
CA GLU L 52 -13.44 -2.98 -7.97
C GLU L 52 -12.73 -1.71 -7.50
N GLU L 53 -11.46 -1.85 -7.12
CA GLU L 53 -10.67 -0.68 -6.71
C GLU L 53 -10.74 0.35 -7.84
N TYR L 54 -10.57 -0.14 -9.08
CA TYR L 54 -10.60 0.72 -10.24
C TYR L 54 -11.93 1.44 -10.43
N TYR L 55 -13.04 0.71 -10.39
CA TYR L 55 -14.30 1.41 -10.60
C TYR L 55 -14.69 2.33 -9.46
N VAL L 56 -14.16 2.06 -8.27
CA VAL L 56 -14.42 2.92 -7.12
C VAL L 56 -13.65 4.21 -7.40
N SER L 57 -12.42 4.04 -7.84
CA SER L 57 -11.57 5.17 -8.17
C SER L 57 -12.15 5.94 -9.37
N VAL L 58 -12.67 5.22 -10.35
CA VAL L 58 -13.24 5.85 -11.54
C VAL L 58 -14.47 6.66 -11.18
N THR L 59 -15.34 6.11 -10.33
CA THR L 59 -16.55 6.82 -9.96
C THR L 59 -16.22 8.05 -9.11
N GLU L 60 -15.06 8.01 -8.46
CA GLU L 60 -14.60 9.11 -7.63
C GLU L 60 -14.24 10.26 -8.57
N ALA L 61 -13.45 9.96 -9.59
CA ALA L 61 -13.05 10.96 -10.58
C ALA L 61 -14.31 11.45 -11.31
N PHE L 62 -15.21 10.50 -11.56
CA PHE L 62 -16.48 10.79 -12.23
C PHE L 62 -17.18 11.93 -11.49
N ASP L 63 -17.30 11.78 -10.18
CA ASP L 63 -17.99 12.79 -9.39
C ASP L 63 -17.24 14.10 -9.20
N THR L 64 -15.92 14.05 -8.99
CA THR L 64 -15.21 15.32 -8.78
C THR L 64 -15.18 16.16 -10.06
N ILE L 65 -15.03 15.52 -11.21
CA ILE L 65 -14.99 16.25 -12.46
C ILE L 65 -16.36 16.82 -12.78
N ALA L 66 -17.41 16.04 -12.54
CA ALA L 66 -18.75 16.52 -12.80
C ALA L 66 -19.04 17.75 -11.95
N GLU L 67 -18.58 17.71 -10.70
CA GLU L 67 -18.81 18.84 -9.80
C GLU L 67 -17.97 20.04 -10.18
N ARG L 68 -16.82 19.81 -10.79
CA ARG L 68 -15.99 20.92 -11.22
C ARG L 68 -16.73 21.62 -12.35
N LEU L 69 -17.34 20.81 -13.19
CA LEU L 69 -18.11 21.31 -14.33
C LEU L 69 -19.24 22.20 -13.78
N LEU L 70 -19.89 21.74 -12.72
CA LEU L 70 -20.97 22.50 -12.10
C LEU L 70 -20.44 23.83 -11.58
N GLN L 71 -19.26 23.80 -10.96
CA GLN L 71 -18.66 25.02 -10.42
C GLN L 71 -18.35 26.01 -11.53
N LEU L 72 -17.98 25.50 -12.71
CA LEU L 72 -17.66 26.36 -13.84
C LEU L 72 -18.90 26.94 -14.49
N GLY L 73 -20.05 26.72 -13.89
CA GLY L 73 -21.29 27.25 -14.43
C GLY L 73 -22.03 26.38 -15.44
N ALA L 74 -21.50 25.20 -15.71
CA ALA L 74 -22.16 24.30 -16.67
C ALA L 74 -22.96 23.24 -15.95
N GLN L 75 -23.73 22.47 -16.71
CA GLN L 75 -24.51 21.39 -16.13
C GLN L 75 -23.83 20.13 -16.61
N ALA L 76 -23.80 19.11 -15.76
CA ALA L 76 -23.12 17.88 -16.11
C ALA L 76 -24.01 16.89 -16.85
N PRO L 77 -23.44 16.17 -17.82
CA PRO L 77 -24.24 15.19 -18.54
C PRO L 77 -24.64 14.17 -17.47
N ALA L 78 -25.93 13.85 -17.39
CA ALA L 78 -26.39 12.93 -16.37
C ALA L 78 -27.40 11.88 -16.82
N SER L 79 -27.03 11.10 -17.82
CA SER L 79 -27.89 10.04 -18.32
C SER L 79 -27.03 9.16 -19.19
N MET L 80 -27.38 7.89 -19.26
CA MET L 80 -26.62 6.96 -20.09
C MET L 80 -26.74 7.34 -21.55
N ALA L 81 -27.89 7.87 -21.94
CA ALA L 81 -28.10 8.29 -23.32
C ALA L 81 -27.03 9.32 -23.70
N GLU L 82 -26.84 10.33 -22.86
CA GLU L 82 -25.86 11.37 -23.13
C GLU L 82 -24.46 10.78 -23.11
N TYR L 83 -24.18 9.92 -22.14
CA TYR L 83 -22.85 9.34 -22.05
C TYR L 83 -22.51 8.55 -23.30
N LEU L 84 -23.44 7.74 -23.77
CA LEU L 84 -23.21 6.96 -24.97
C LEU L 84 -22.97 7.87 -26.18
N ALA L 85 -23.59 9.04 -26.14
CA ALA L 85 -23.45 9.99 -27.23
C ALA L 85 -22.14 10.77 -27.18
N LEU L 86 -21.60 10.98 -25.98
CA LEU L 86 -20.37 11.74 -25.83
C LEU L 86 -19.11 10.91 -25.66
N SER L 87 -19.26 9.71 -25.12
CA SER L 87 -18.11 8.86 -24.85
C SER L 87 -17.31 8.35 -26.04
N GLY L 88 -16.00 8.36 -25.87
CA GLY L 88 -15.09 7.87 -26.88
C GLY L 88 -14.64 6.47 -26.49
N ILE L 89 -15.27 5.92 -25.45
CA ILE L 89 -14.93 4.58 -24.98
C ILE L 89 -16.01 3.59 -25.37
N ALA L 90 -15.61 2.51 -26.03
CA ALA L 90 -16.55 1.50 -26.48
C ALA L 90 -16.93 0.61 -25.32
N GLU L 91 -18.20 0.24 -25.24
CA GLU L 91 -18.67 -0.61 -24.16
C GLU L 91 -18.27 -2.04 -24.46
N GLU L 92 -18.11 -2.84 -23.40
CA GLU L 92 -17.73 -4.24 -23.56
C GLU L 92 -19.01 -5.03 -23.83
N THR L 93 -19.08 -5.64 -25.00
CA THR L 93 -20.25 -6.40 -25.40
C THR L 93 -20.17 -7.87 -25.04
N GLU L 94 -18.95 -8.38 -24.89
CA GLU L 94 -18.81 -9.79 -24.56
C GLU L 94 -18.71 -10.06 -23.07
N LYS L 95 -19.16 -11.25 -22.69
CA LYS L 95 -19.12 -11.70 -21.31
C LYS L 95 -18.14 -12.86 -21.35
N GLU L 96 -17.74 -13.36 -20.19
CA GLU L 96 -16.77 -14.45 -20.15
C GLU L 96 -15.52 -14.00 -20.89
N ILE L 97 -14.57 -13.43 -20.16
CA ILE L 97 -13.35 -12.94 -20.76
C ILE L 97 -12.13 -13.31 -19.94
N THR L 98 -11.01 -13.55 -20.63
CA THR L 98 -9.77 -13.90 -19.96
C THR L 98 -9.26 -12.74 -19.12
N ILE L 99 -8.48 -13.06 -18.09
CA ILE L 99 -7.93 -12.03 -17.23
C ILE L 99 -6.95 -11.11 -17.95
N VAL L 100 -6.01 -11.68 -18.70
CA VAL L 100 -5.06 -10.83 -19.41
C VAL L 100 -5.78 -10.00 -20.46
N SER L 101 -6.82 -10.55 -21.06
CA SER L 101 -7.55 -9.80 -22.07
C SER L 101 -8.28 -8.62 -21.45
N ALA L 102 -8.88 -8.85 -20.27
CA ALA L 102 -9.61 -7.79 -19.58
C ALA L 102 -8.64 -6.69 -19.14
N LEU L 103 -7.54 -7.08 -18.51
CA LEU L 103 -6.56 -6.10 -18.04
C LEU L 103 -5.98 -5.30 -19.20
N ALA L 104 -5.68 -5.97 -20.31
CA ALA L 104 -5.13 -5.26 -21.47
C ALA L 104 -6.12 -4.19 -21.93
N ARG L 105 -7.41 -4.53 -21.90
CA ARG L 105 -8.42 -3.56 -22.32
C ARG L 105 -8.55 -2.39 -21.36
N VAL L 106 -8.51 -2.64 -20.05
CA VAL L 106 -8.62 -1.52 -19.13
C VAL L 106 -7.38 -0.64 -19.25
N LYS L 107 -6.22 -1.26 -19.47
CA LYS L 107 -4.99 -0.49 -19.61
C LYS L 107 -5.16 0.44 -20.82
N ARG L 108 -5.71 -0.10 -21.91
CA ARG L 108 -5.91 0.71 -23.11
C ARG L 108 -6.87 1.86 -22.84
N ASP L 109 -7.95 1.62 -22.11
CA ASP L 109 -8.89 2.68 -21.80
C ASP L 109 -8.26 3.70 -20.84
N PHE L 110 -7.42 3.22 -19.93
CA PHE L 110 -6.77 4.12 -19.00
C PHE L 110 -5.83 5.03 -19.79
N GLU L 111 -5.15 4.46 -20.77
CA GLU L 111 -4.23 5.23 -21.58
C GLU L 111 -5.01 6.25 -22.42
N TYR L 112 -6.15 5.84 -22.96
CA TYR L 112 -6.97 6.76 -23.74
C TYR L 112 -7.41 7.92 -22.83
N LEU L 113 -7.84 7.61 -21.62
CA LEU L 113 -8.26 8.64 -20.68
C LEU L 113 -7.09 9.55 -20.34
N SER L 114 -5.92 8.94 -20.18
CA SER L 114 -4.73 9.70 -19.84
C SER L 114 -4.41 10.77 -20.89
N THR L 115 -4.42 10.40 -22.15
CA THR L 115 -4.13 11.39 -23.19
C THR L 115 -5.23 12.44 -23.23
N ARG L 116 -6.47 12.01 -23.05
CA ARG L 116 -7.60 12.94 -23.04
C ARG L 116 -7.50 13.92 -21.88
N PHE L 117 -7.19 13.41 -20.70
CA PHE L 117 -7.06 14.26 -19.50
C PHE L 117 -5.89 15.22 -19.64
N SER L 118 -4.80 14.77 -20.23
CA SER L 118 -3.63 15.63 -20.41
C SER L 118 -3.98 16.85 -21.26
N GLN L 119 -4.84 16.68 -22.26
CA GLN L 119 -5.21 17.81 -23.09
C GLN L 119 -5.91 18.84 -22.23
N THR L 120 -6.78 18.36 -21.34
CA THR L 120 -7.52 19.26 -20.47
C THR L 120 -6.56 19.97 -19.49
N GLN L 121 -5.61 19.21 -18.96
CA GLN L 121 -4.58 19.71 -18.05
C GLN L 121 -3.87 20.90 -18.73
N VAL L 122 -3.47 20.69 -19.98
CA VAL L 122 -2.80 21.73 -20.74
C VAL L 122 -3.69 22.95 -20.91
N LEU L 123 -4.95 22.73 -21.28
CA LEU L 123 -5.89 23.83 -21.45
C LEU L 123 -6.02 24.63 -20.16
N ALA L 124 -6.26 23.92 -19.06
CA ALA L 124 -6.43 24.56 -17.77
C ALA L 124 -5.17 25.32 -17.36
N ALA L 125 -4.02 24.69 -17.59
CA ALA L 125 -2.74 25.31 -17.23
C ALA L 125 -2.53 26.62 -18.01
N GLU L 126 -2.72 26.58 -19.31
CA GLU L 126 -2.51 27.76 -20.13
C GLU L 126 -3.54 28.87 -19.90
N SER L 127 -4.72 28.52 -19.42
CA SER L 127 -5.75 29.53 -19.18
C SER L 127 -5.81 29.99 -17.73
N GLY L 128 -4.91 29.48 -16.90
CA GLY L 128 -4.92 29.86 -15.50
C GLY L 128 -5.96 29.20 -14.61
N ASP L 129 -6.65 28.18 -15.12
CA ASP L 129 -7.66 27.47 -14.34
C ASP L 129 -6.92 26.51 -13.42
N ALA L 130 -6.28 27.07 -12.39
CA ALA L 130 -5.51 26.28 -11.43
C ALA L 130 -6.27 25.13 -10.80
N VAL L 131 -7.50 25.38 -10.36
CA VAL L 131 -8.30 24.34 -9.72
C VAL L 131 -8.53 23.14 -10.65
N THR L 132 -9.00 23.39 -11.86
CA THR L 132 -9.23 22.30 -12.80
C THR L 132 -7.92 21.57 -13.07
N ASP L 133 -6.84 22.34 -13.16
CA ASP L 133 -5.51 21.81 -13.42
C ASP L 133 -5.18 20.78 -12.36
N GLY L 134 -5.31 21.20 -11.10
CA GLY L 134 -5.01 20.32 -9.98
C GLY L 134 -5.90 19.09 -9.94
N ILE L 135 -7.19 19.27 -10.22
CA ILE L 135 -8.10 18.13 -10.20
C ILE L 135 -7.71 17.10 -11.25
N ILE L 136 -7.50 17.54 -12.50
CA ILE L 136 -7.12 16.60 -13.56
C ILE L 136 -5.74 15.99 -13.28
N THR L 137 -4.81 16.80 -12.83
CA THR L 137 -3.47 16.28 -12.54
C THR L 137 -3.52 15.18 -11.48
N ASP L 138 -4.35 15.34 -10.45
CA ASP L 138 -4.47 14.33 -9.41
C ASP L 138 -4.93 13.02 -10.02
N ILE L 139 -5.91 13.10 -10.91
CA ILE L 139 -6.48 11.94 -11.61
C ILE L 139 -5.41 11.35 -12.52
N LEU L 140 -4.67 12.22 -13.19
CA LEU L 140 -3.59 11.80 -14.09
C LEU L 140 -2.55 11.02 -13.30
N ARG L 141 -2.31 11.41 -12.05
CA ARG L 141 -1.33 10.71 -11.24
C ARG L 141 -1.78 9.28 -10.93
N THR L 142 -3.04 9.10 -10.53
CA THR L 142 -3.49 7.75 -10.22
C THR L 142 -3.58 6.91 -11.49
N LEU L 143 -3.89 7.52 -12.62
CA LEU L 143 -3.96 6.79 -13.88
C LEU L 143 -2.58 6.29 -14.26
N GLY L 144 -1.58 7.17 -14.11
CA GLY L 144 -0.22 6.81 -14.45
C GLY L 144 0.27 5.62 -13.65
N LYS L 145 -0.06 5.60 -12.37
CA LYS L 145 0.35 4.51 -11.49
C LYS L 145 -0.32 3.21 -11.95
N ALA L 146 -1.63 3.27 -12.22
CA ALA L 146 -2.38 2.10 -12.65
C ALA L 146 -1.88 1.58 -13.99
N ILE L 147 -1.67 2.48 -14.94
CA ILE L 147 -1.19 2.10 -16.26
C ILE L 147 0.14 1.39 -16.13
N TRP L 148 1.03 1.92 -15.30
CA TRP L 148 2.33 1.31 -15.09
C TRP L 148 2.18 -0.09 -14.48
N MET L 149 1.34 -0.22 -13.46
CA MET L 149 1.17 -1.52 -12.83
C MET L 149 0.57 -2.53 -13.79
N LEU L 150 -0.44 -2.12 -14.56
CA LEU L 150 -1.06 -3.01 -15.52
C LEU L 150 -0.01 -3.47 -16.53
N GLY L 151 0.81 -2.53 -16.97
CA GLY L 151 1.86 -2.84 -17.93
C GLY L 151 2.81 -3.87 -17.36
N ALA L 152 3.14 -3.73 -16.08
CA ALA L 152 4.06 -4.66 -15.41
C ALA L 152 3.44 -6.05 -15.25
N THR L 153 2.14 -6.12 -14.98
CA THR L 153 1.52 -7.43 -14.81
C THR L 153 1.24 -8.10 -16.16
N LEU L 154 1.12 -7.31 -17.22
CA LEU L 154 0.85 -7.87 -18.56
C LEU L 154 2.12 -8.17 -19.35
N LYS L 155 3.24 -7.62 -18.90
CA LYS L 155 4.53 -7.82 -19.55
C LYS L 155 4.90 -9.30 -19.62
N ALA L 156 5.34 -9.73 -20.79
CA ALA L 156 5.74 -11.12 -20.99
C ALA L 156 7.25 -11.26 -21.13
N PRO M 6 42.00 9.60 -20.91
CA PRO M 6 41.43 9.48 -22.28
C PRO M 6 41.32 10.84 -23.01
N ASP M 7 40.44 11.70 -22.52
CA ASP M 7 40.20 13.04 -23.11
C ASP M 7 39.19 12.99 -24.25
N ALA M 8 37.93 13.20 -23.89
CA ALA M 8 36.82 13.16 -24.84
C ALA M 8 36.76 14.32 -25.83
N ARG M 9 37.40 15.44 -25.49
CA ARG M 9 37.36 16.58 -26.39
C ARG M 9 38.06 16.33 -27.71
N ALA M 10 39.25 15.74 -27.66
CA ALA M 10 39.98 15.45 -28.89
C ALA M 10 39.18 14.48 -29.74
N ILE M 11 38.71 13.41 -29.11
CA ILE M 11 37.94 12.41 -29.85
C ILE M 11 36.65 13.01 -30.41
N ALA M 12 36.05 13.94 -29.69
CA ALA M 12 34.82 14.57 -30.16
C ALA M 12 35.11 15.46 -31.36
N ALA M 13 36.24 16.15 -31.32
CA ALA M 13 36.63 17.03 -32.42
C ALA M 13 36.94 16.17 -33.65
N ILE M 14 37.62 15.06 -33.43
CA ILE M 14 37.97 14.17 -34.52
C ILE M 14 36.71 13.57 -35.14
N CYS M 15 35.77 13.14 -34.30
CA CYS M 15 34.53 12.57 -34.80
C CYS M 15 33.77 13.57 -35.63
N GLU M 16 33.79 14.83 -35.22
CA GLU M 16 33.08 15.86 -35.95
C GLU M 16 33.70 16.00 -37.34
N GLN M 17 35.03 15.92 -37.41
CA GLN M 17 35.73 16.01 -38.69
C GLN M 17 35.38 14.80 -39.55
N LEU M 18 35.45 13.61 -38.95
CA LEU M 18 35.14 12.38 -39.65
C LEU M 18 33.73 12.42 -40.24
N ARG M 19 32.78 12.91 -39.45
CA ARG M 19 31.39 13.00 -39.89
C ARG M 19 31.31 13.85 -41.15
N GLN M 20 32.07 14.94 -41.18
CA GLN M 20 32.05 15.79 -42.36
C GLN M 20 32.72 15.10 -43.53
N HIS M 21 33.79 14.36 -43.28
CA HIS M 21 34.47 13.65 -44.37
C HIS M 21 33.52 12.66 -45.04
N VAL M 22 32.77 11.92 -44.23
CA VAL M 22 31.83 10.96 -44.78
C VAL M 22 30.84 11.69 -45.69
N ALA M 23 30.32 12.81 -45.20
CA ALA M 23 29.36 13.60 -45.97
C ALA M 23 29.96 14.10 -47.28
N ASP M 24 31.18 14.64 -47.20
CA ASP M 24 31.83 15.15 -48.40
C ASP M 24 32.14 14.04 -49.38
N LEU M 25 32.62 12.92 -48.88
CA LEU M 25 32.92 11.77 -49.72
C LEU M 25 31.64 11.29 -50.40
N GLY M 26 30.56 11.23 -49.64
CA GLY M 26 29.30 10.77 -50.18
C GLY M 26 28.86 11.66 -51.33
N VAL M 27 28.98 12.96 -51.12
CA VAL M 27 28.58 13.92 -52.15
C VAL M 27 29.50 13.80 -53.36
N LEU M 28 30.80 13.64 -53.11
CA LEU M 28 31.76 13.53 -54.19
C LEU M 28 31.49 12.28 -55.02
N TYR M 29 31.15 11.20 -54.33
CA TYR M 29 30.86 9.92 -54.98
C TYR M 29 29.85 10.09 -56.11
N ILE M 30 28.77 10.81 -55.83
CA ILE M 30 27.75 11.02 -56.83
C ILE M 30 28.16 12.06 -57.85
N LYS M 31 28.89 13.07 -57.39
CA LYS M 31 29.36 14.11 -58.28
C LYS M 31 30.27 13.50 -59.34
N LEU M 32 31.11 12.56 -58.93
CA LEU M 32 32.00 11.89 -59.86
C LEU M 32 31.22 11.09 -60.90
N HIS M 33 30.07 10.54 -60.51
CA HIS M 33 29.24 9.79 -61.45
C HIS M 33 28.72 10.78 -62.49
N ASN M 34 28.36 11.96 -62.02
CA ASN M 34 27.84 13.00 -62.89
C ASN M 34 28.83 13.22 -64.03
N TYR M 35 30.09 13.49 -63.69
CA TYR M 35 31.10 13.71 -64.70
C TYR M 35 31.31 12.43 -65.52
N HIS M 36 31.34 11.31 -64.82
CA HIS M 36 31.50 10.00 -65.44
C HIS M 36 30.51 9.83 -66.59
N TRP M 37 29.27 10.24 -66.35
CA TRP M 37 28.20 10.11 -67.34
C TRP M 37 28.08 11.22 -68.37
N HIS M 38 28.36 12.45 -67.95
CA HIS M 38 28.15 13.58 -68.84
C HIS M 38 29.30 14.26 -69.53
N ILE M 39 30.53 13.79 -69.33
CA ILE M 39 31.65 14.41 -70.02
C ILE M 39 31.53 14.01 -71.48
N TYR M 40 32.22 14.74 -72.33
CA TYR M 40 32.25 14.44 -73.75
C TYR M 40 33.55 15.00 -74.28
N GLY M 41 34.02 14.43 -75.38
CA GLY M 41 35.27 14.87 -75.95
C GLY M 41 36.06 13.66 -76.41
N ILE M 42 37.07 13.91 -77.20
CA ILE M 42 37.90 12.86 -77.76
C ILE M 42 38.52 11.94 -76.70
N GLU M 43 38.80 12.47 -75.51
CA GLU M 43 39.41 11.67 -74.45
C GLU M 43 38.37 10.94 -73.58
N PHE M 44 37.12 10.96 -74.00
CA PHE M 44 36.02 10.35 -73.25
C PHE M 44 36.28 9.04 -72.55
N LYS M 45 36.59 8.00 -73.31
CA LYS M 45 36.81 6.68 -72.73
C LYS M 45 37.82 6.66 -71.58
N GLN M 46 38.98 7.29 -71.78
CA GLN M 46 39.99 7.33 -70.74
C GLN M 46 39.52 8.07 -69.48
N VAL M 47 38.90 9.24 -69.66
CA VAL M 47 38.44 10.00 -68.52
C VAL M 47 37.25 9.32 -67.86
N HIS M 48 36.39 8.72 -68.69
CA HIS M 48 35.22 8.02 -68.21
C HIS M 48 35.70 6.96 -67.22
N GLU M 49 36.76 6.24 -67.61
CA GLU M 49 37.31 5.21 -66.77
C GLU M 49 38.06 5.76 -65.56
N LEU M 50 38.78 6.87 -65.75
CA LEU M 50 39.50 7.50 -64.67
C LEU M 50 38.50 7.91 -63.58
N LEU M 51 37.40 8.54 -64.00
CA LEU M 51 36.36 8.97 -63.08
C LEU M 51 35.82 7.80 -62.25
N GLU M 52 35.70 6.63 -62.88
CA GLU M 52 35.22 5.46 -62.18
C GLU M 52 36.25 5.03 -61.13
N GLU M 53 37.52 5.04 -61.50
CA GLU M 53 38.58 4.69 -60.57
C GLU M 53 38.45 5.61 -59.35
N TYR M 54 38.24 6.90 -59.61
CA TYR M 54 38.07 7.87 -58.54
C TYR M 54 36.89 7.59 -57.62
N TYR M 55 35.69 7.37 -58.17
CA TYR M 55 34.58 7.13 -57.27
C TYR M 55 34.68 5.80 -56.55
N VAL M 56 35.40 4.84 -57.12
CA VAL M 56 35.57 3.56 -56.44
C VAL M 56 36.49 3.85 -55.25
N SER M 57 37.54 4.63 -55.51
CA SER M 57 38.48 5.01 -54.47
C SER M 57 37.79 5.87 -53.40
N VAL M 58 36.93 6.79 -53.84
CA VAL M 58 36.22 7.67 -52.94
C VAL M 58 35.30 6.88 -52.03
N THR M 59 34.55 5.93 -52.60
CA THR M 59 33.62 5.13 -51.82
C THR M 59 34.38 4.23 -50.83
N GLU M 60 35.63 3.93 -51.15
CA GLU M 60 36.46 3.11 -50.29
C GLU M 60 36.80 3.94 -49.05
N ALA M 61 37.24 5.18 -49.29
CA ALA M 61 37.59 6.07 -48.18
C ALA M 61 36.31 6.37 -47.38
N PHE M 62 35.20 6.51 -48.11
CA PHE M 62 33.89 6.76 -47.52
C PHE M 62 33.61 5.71 -46.46
N ASP M 63 33.79 4.45 -46.83
CA ASP M 63 33.52 3.36 -45.92
C ASP M 63 34.52 3.19 -44.78
N THR M 64 35.81 3.34 -45.04
CA THR M 64 36.77 3.15 -43.95
C THR M 64 36.65 4.27 -42.92
N ILE M 65 36.40 5.49 -43.37
CA ILE M 65 36.27 6.61 -42.43
C ILE M 65 34.99 6.46 -41.61
N ALA M 66 33.91 6.04 -42.26
CA ALA M 66 32.66 5.85 -41.55
C ALA M 66 32.83 4.79 -40.47
N GLU M 67 33.56 3.72 -40.81
CA GLU M 67 33.79 2.66 -39.84
C GLU M 67 34.73 3.09 -38.71
N ARG M 68 35.64 4.01 -38.99
CA ARG M 68 36.52 4.48 -37.95
C ARG M 68 35.66 5.27 -36.97
N LEU M 69 34.72 6.01 -37.51
CA LEU M 69 33.80 6.81 -36.71
C LEU M 69 33.04 5.87 -35.79
N LEU M 70 32.58 4.74 -36.33
CA LEU M 70 31.86 3.76 -35.53
C LEU M 70 32.73 3.23 -34.42
N GLN M 71 34.00 2.95 -34.73
CA GLN M 71 34.93 2.44 -33.74
C GLN M 71 35.14 3.43 -32.61
N LEU M 72 35.10 4.72 -32.94
CA LEU M 72 35.30 5.77 -31.96
C LEU M 72 34.09 5.98 -31.07
N GLY M 73 33.08 5.13 -31.24
CA GLY M 73 31.88 5.23 -30.43
C GLY M 73 30.79 6.11 -30.97
N ALA M 74 31.00 6.70 -32.15
CA ALA M 74 29.98 7.55 -32.76
C ALA M 74 29.17 6.80 -33.81
N GLN M 75 28.12 7.43 -34.32
CA GLN M 75 27.32 6.80 -35.35
C GLN M 75 27.61 7.62 -36.59
N ALA M 76 27.66 6.96 -37.73
CA ALA M 76 27.98 7.65 -38.97
C ALA M 76 26.76 8.26 -39.65
N PRO M 77 26.94 9.43 -40.27
CA PRO M 77 25.81 10.05 -40.96
C PRO M 77 25.50 9.08 -42.09
N ALA M 78 24.23 8.72 -42.24
CA ALA M 78 23.87 7.73 -43.27
C ALA M 78 22.61 8.04 -44.03
N SER M 79 22.57 9.21 -44.67
CA SER M 79 21.43 9.60 -45.46
C SER M 79 21.86 10.79 -46.29
N MET M 80 21.28 10.93 -47.47
CA MET M 80 21.64 12.05 -48.33
C MET M 80 21.23 13.37 -47.68
N ALA M 81 20.15 13.33 -46.90
CA ALA M 81 19.68 14.52 -46.22
C ALA M 81 20.79 15.02 -45.29
N GLU M 82 21.38 14.13 -44.51
CA GLU M 82 22.45 14.50 -43.61
C GLU M 82 23.68 14.97 -44.36
N TYR M 83 24.03 14.26 -45.43
CA TYR M 83 25.21 14.61 -46.20
C TYR M 83 25.07 16.00 -46.80
N LEU M 84 23.91 16.31 -47.35
CA LEU M 84 23.71 17.63 -47.94
C LEU M 84 23.78 18.70 -46.85
N ALA M 85 23.45 18.34 -45.63
CA ALA M 85 23.48 19.27 -44.53
C ALA M 85 24.89 19.48 -43.97
N LEU M 86 25.73 18.45 -44.06
CA LEU M 86 27.09 18.52 -43.53
C LEU M 86 28.18 18.83 -44.55
N SER M 87 27.95 18.43 -45.79
CA SER M 87 28.94 18.61 -46.84
C SER M 87 29.32 20.02 -47.22
N GLY M 88 30.61 20.21 -47.44
CA GLY M 88 31.13 21.49 -47.86
C GLY M 88 31.40 21.44 -49.35
N ILE M 89 30.95 20.36 -49.99
CA ILE M 89 31.13 20.21 -51.44
C ILE M 89 29.82 20.43 -52.17
N ALA M 90 29.84 21.31 -53.15
CA ALA M 90 28.65 21.63 -53.93
C ALA M 90 28.40 20.53 -54.95
N GLU M 91 27.14 20.17 -55.13
CA GLU M 91 26.80 19.14 -56.10
C GLU M 91 26.84 19.74 -57.48
N GLU M 92 27.09 18.90 -58.48
CA GLU M 92 27.14 19.35 -59.87
C GLU M 92 25.71 19.38 -60.38
N THR M 93 25.24 20.56 -60.76
CA THR M 93 23.88 20.71 -61.25
C THR M 93 23.78 20.62 -62.75
N GLU M 94 24.87 20.87 -63.44
CA GLU M 94 24.81 20.79 -64.89
C GLU M 94 25.20 19.42 -65.40
N LYS M 95 24.67 19.11 -66.58
CA LYS M 95 24.93 17.86 -67.26
C LYS M 95 25.66 18.33 -68.52
N GLU M 96 26.21 17.40 -69.29
CA GLU M 96 26.94 17.78 -70.50
C GLU M 96 28.04 18.75 -70.08
N ILE M 97 29.23 18.21 -69.88
CA ILE M 97 30.34 19.04 -69.47
C ILE M 97 31.63 18.65 -70.17
N THR M 98 32.46 19.65 -70.40
CA THR M 98 33.74 19.46 -71.05
C THR M 98 34.66 18.60 -70.17
N ILE M 99 35.58 17.88 -70.80
CA ILE M 99 36.50 17.05 -70.05
C ILE M 99 37.44 17.88 -69.17
N VAL M 100 38.02 18.95 -69.71
CA VAL M 100 38.93 19.75 -68.91
C VAL M 100 38.17 20.43 -67.78
N SER M 101 36.93 20.80 -68.04
CA SER M 101 36.14 21.46 -67.04
C SER M 101 35.79 20.51 -65.89
N ALA M 102 35.47 19.26 -66.24
CA ALA M 102 35.14 18.27 -65.23
C ALA M 102 36.38 17.94 -64.39
N LEU M 103 37.50 17.70 -65.05
CA LEU M 103 38.73 17.37 -64.33
C LEU M 103 39.18 18.50 -63.43
N ALA M 104 39.04 19.74 -63.88
CA ALA M 104 39.43 20.88 -63.07
C ALA M 104 38.56 20.91 -61.81
N ARG M 105 37.29 20.57 -61.95
CA ARG M 105 36.40 20.56 -60.80
C ARG M 105 36.73 19.44 -59.82
N VAL M 106 37.07 18.25 -60.31
CA VAL M 106 37.38 17.18 -59.36
C VAL M 106 38.72 17.51 -58.67
N LYS M 107 39.64 18.13 -59.41
CA LYS M 107 40.93 18.50 -58.80
C LYS M 107 40.66 19.47 -57.67
N ARG M 108 39.76 20.40 -57.92
CA ARG M 108 39.36 21.41 -56.94
C ARG M 108 38.80 20.72 -55.68
N ASP M 109 37.87 19.78 -55.89
CA ASP M 109 37.27 19.06 -54.78
C ASP M 109 38.29 18.19 -54.05
N PHE M 110 39.21 17.59 -54.80
CA PHE M 110 40.25 16.76 -54.20
C PHE M 110 41.12 17.63 -53.29
N GLU M 111 41.43 18.84 -53.76
CA GLU M 111 42.24 19.76 -52.98
C GLU M 111 41.50 20.20 -51.74
N TYR M 112 40.20 20.45 -51.87
CA TYR M 112 39.40 20.85 -50.73
C TYR M 112 39.43 19.72 -49.69
N LEU M 113 39.25 18.48 -50.16
CA LEU M 113 39.26 17.32 -49.26
C LEU M 113 40.63 17.19 -48.61
N SER M 114 41.67 17.42 -49.39
CA SER M 114 43.02 17.31 -48.90
C SER M 114 43.29 18.25 -47.70
N THR M 115 42.87 19.51 -47.82
CA THR M 115 43.11 20.43 -46.73
C THR M 115 42.26 20.02 -45.53
N ARG M 116 41.03 19.58 -45.80
CA ARG M 116 40.13 19.13 -44.75
C ARG M 116 40.69 17.91 -44.02
N PHE M 117 41.17 16.94 -44.78
CA PHE M 117 41.74 15.73 -44.20
C PHE M 117 43.01 16.04 -43.40
N SER M 118 43.83 16.97 -43.90
CA SER M 118 45.05 17.33 -43.21
C SER M 118 44.77 17.88 -41.81
N GLN M 119 43.68 18.61 -41.66
CA GLN M 119 43.34 19.15 -40.35
C GLN M 119 43.06 17.98 -39.42
N THR M 120 42.36 16.98 -39.92
CA THR M 120 42.04 15.83 -39.11
C THR M 120 43.31 15.08 -38.75
N GLN M 121 44.21 14.90 -39.71
CA GLN M 121 45.43 14.18 -39.42
C GLN M 121 46.22 14.91 -38.32
N VAL M 122 46.23 16.24 -38.37
CA VAL M 122 46.94 17.00 -37.34
C VAL M 122 46.28 16.76 -35.97
N LEU M 123 44.95 16.81 -35.93
CA LEU M 123 44.23 16.58 -34.68
C LEU M 123 44.54 15.18 -34.13
N ALA M 124 44.45 14.18 -34.99
CA ALA M 124 44.72 12.82 -34.58
C ALA M 124 46.15 12.64 -34.13
N ALA M 125 47.08 13.26 -34.84
CA ALA M 125 48.50 13.16 -34.48
C ALA M 125 48.77 13.77 -33.11
N GLU M 126 48.25 14.97 -32.88
CA GLU M 126 48.46 15.65 -31.62
C GLU M 126 47.79 14.99 -30.44
N SER M 127 46.70 14.26 -30.68
CA SER M 127 45.97 13.61 -29.60
C SER M 127 46.33 12.14 -29.42
N GLY M 128 47.28 11.66 -30.21
CA GLY M 128 47.69 10.27 -30.08
C GLY M 128 46.79 9.24 -30.73
N ASP M 129 45.82 9.70 -31.53
CA ASP M 129 44.92 8.77 -32.22
C ASP M 129 45.68 8.23 -33.43
N ALA M 130 46.65 7.36 -33.18
CA ALA M 130 47.46 6.76 -34.22
C ALA M 130 46.66 6.12 -35.36
N VAL M 131 45.65 5.33 -35.02
CA VAL M 131 44.83 4.67 -36.02
C VAL M 131 44.16 5.64 -36.99
N THR M 132 43.49 6.65 -36.45
CA THR M 132 42.83 7.63 -37.30
C THR M 132 43.88 8.36 -38.15
N ASP M 133 45.02 8.62 -37.54
CA ASP M 133 46.12 9.29 -38.21
C ASP M 133 46.50 8.51 -39.46
N GLY M 134 46.75 7.21 -39.27
CA GLY M 134 47.14 6.34 -40.37
C GLY M 134 46.09 6.26 -41.44
N ILE M 135 44.82 6.16 -41.03
CA ILE M 135 43.73 6.06 -41.96
C ILE M 135 43.66 7.31 -42.84
N ILE M 136 43.64 8.49 -42.23
CA ILE M 136 43.56 9.72 -43.01
C ILE M 136 44.83 9.93 -43.86
N THR M 137 46.00 9.61 -43.31
CA THR M 137 47.23 9.79 -44.07
C THR M 137 47.24 8.93 -45.32
N ASP M 138 46.73 7.70 -45.22
CA ASP M 138 46.67 6.80 -46.38
C ASP M 138 45.83 7.45 -47.48
N ILE M 139 44.70 8.03 -47.08
CA ILE M 139 43.79 8.69 -48.00
C ILE M 139 44.48 9.93 -48.57
N LEU M 140 45.18 10.64 -47.69
CA LEU M 140 45.90 11.84 -48.09
C LEU M 140 46.92 11.48 -49.17
N ARG M 141 47.54 10.32 -49.02
CA ARG M 141 48.53 9.90 -50.00
C ARG M 141 47.90 9.69 -51.38
N THR M 142 46.78 8.99 -51.46
CA THR M 142 46.15 8.76 -52.75
C THR M 142 45.60 10.06 -53.33
N LEU M 143 45.14 10.97 -52.48
CA LEU M 143 44.64 12.25 -52.96
C LEU M 143 45.79 13.06 -53.57
N GLY M 144 46.93 13.05 -52.89
CA GLY M 144 48.08 13.80 -53.36
C GLY M 144 48.51 13.36 -54.74
N LYS M 145 48.52 12.05 -54.96
CA LYS M 145 48.91 11.50 -56.24
C LYS M 145 47.91 11.90 -57.32
N ALA M 146 46.61 11.83 -57.01
CA ALA M 146 45.57 12.18 -57.96
C ALA M 146 45.59 13.67 -58.29
N ILE M 147 45.78 14.49 -57.27
CA ILE M 147 45.83 15.93 -57.46
C ILE M 147 46.99 16.27 -58.40
N TRP M 148 48.14 15.66 -58.15
CA TRP M 148 49.31 15.89 -58.98
C TRP M 148 49.06 15.46 -60.43
N MET M 149 48.49 14.27 -60.62
CA MET M 149 48.22 13.80 -61.97
C MET M 149 47.23 14.70 -62.69
N LEU M 150 46.16 15.11 -62.00
CA LEU M 150 45.18 16.00 -62.61
C LEU M 150 45.84 17.31 -63.00
N GLY M 151 46.71 17.81 -62.13
CA GLY M 151 47.40 19.05 -62.42
C GLY M 151 48.25 18.92 -63.67
N ALA M 152 48.92 17.78 -63.82
CA ALA M 152 49.75 17.52 -64.97
C ALA M 152 48.93 17.40 -66.25
N THR M 153 47.75 16.78 -66.18
CA THR M 153 46.96 16.65 -67.39
C THR M 153 46.23 17.93 -67.77
N LEU M 154 46.03 18.83 -66.80
CA LEU M 154 45.33 20.09 -67.05
C LEU M 154 46.30 21.23 -67.38
N LYS M 155 47.57 21.04 -67.08
CA LYS M 155 48.59 22.04 -67.33
C LYS M 155 48.67 22.41 -68.81
N ALA M 156 48.72 23.71 -69.09
CA ALA M 156 48.79 24.17 -70.46
C ALA M 156 50.17 24.75 -70.78
N ASP N 7 8.97 4.46 -81.20
CA ASP N 7 8.47 5.86 -81.30
C ASP N 7 8.99 6.69 -80.11
N ALA N 8 9.07 8.00 -80.30
CA ALA N 8 9.59 8.87 -79.25
C ALA N 8 8.78 8.92 -77.96
N ARG N 9 7.47 8.77 -78.06
CA ARG N 9 6.64 8.82 -76.86
C ARG N 9 7.07 7.78 -75.81
N ALA N 10 6.90 6.49 -76.13
CA ALA N 10 7.30 5.37 -75.28
C ALA N 10 8.68 5.58 -74.67
N ILE N 11 9.60 6.09 -75.49
CA ILE N 11 10.96 6.36 -75.05
C ILE N 11 10.98 7.38 -73.91
N ALA N 12 10.10 8.38 -73.99
CA ALA N 12 10.02 9.39 -72.96
C ALA N 12 9.49 8.80 -71.67
N ALA N 13 8.50 7.92 -71.78
CA ALA N 13 7.91 7.29 -70.62
C ALA N 13 8.96 6.39 -69.97
N ILE N 14 9.71 5.66 -70.79
CA ILE N 14 10.76 4.77 -70.28
C ILE N 14 11.85 5.57 -69.59
N CYS N 15 12.27 6.68 -70.20
CA CYS N 15 13.29 7.52 -69.59
C CYS N 15 12.85 8.06 -68.24
N GLU N 16 11.57 8.40 -68.12
CA GLU N 16 11.04 8.92 -66.88
C GLU N 16 11.14 7.85 -65.80
N GLN N 17 10.87 6.60 -66.17
CA GLN N 17 10.97 5.49 -65.24
C GLN N 17 12.43 5.29 -64.85
N LEU N 18 13.30 5.25 -65.84
CA LEU N 18 14.73 5.07 -65.61
C LEU N 18 15.28 6.13 -64.67
N ARG N 19 14.87 7.38 -64.87
CA ARG N 19 15.34 8.46 -64.01
C ARG N 19 14.97 8.17 -62.57
N GLN N 20 13.76 7.67 -62.36
CA GLN N 20 13.36 7.37 -61.01
C GLN N 20 14.15 6.20 -60.44
N HIS N 21 14.42 5.19 -61.27
CA HIS N 21 15.19 4.05 -60.81
C HIS N 21 16.57 4.48 -60.32
N VAL N 22 17.21 5.37 -61.07
CA VAL N 22 18.52 5.86 -60.68
C VAL N 22 18.42 6.50 -59.31
N ALA N 23 17.40 7.35 -59.15
CA ALA N 23 17.17 8.04 -57.90
C ALA N 23 16.97 7.06 -56.76
N ASP N 24 16.09 6.08 -56.97
CA ASP N 24 15.82 5.10 -55.92
C ASP N 24 17.06 4.27 -55.59
N LEU N 25 17.76 3.84 -56.63
CA LEU N 25 18.97 3.05 -56.42
C LEU N 25 19.98 3.87 -55.64
N GLY N 26 20.13 5.15 -55.99
CA GLY N 26 21.06 6.01 -55.30
C GLY N 26 20.72 6.09 -53.82
N VAL N 27 19.45 6.31 -53.52
CA VAL N 27 19.00 6.40 -52.15
C VAL N 27 19.21 5.07 -51.41
N LEU N 28 18.90 3.97 -52.08
CA LEU N 28 19.04 2.65 -51.47
C LEU N 28 20.51 2.37 -51.17
N TYR N 29 21.38 2.79 -52.08
CA TYR N 29 22.81 2.59 -51.91
C TYR N 29 23.28 3.09 -50.56
N ILE N 30 22.89 4.31 -50.21
CA ILE N 30 23.31 4.88 -48.95
C ILE N 30 22.55 4.28 -47.77
N LYS N 31 21.29 3.93 -48.01
CA LYS N 31 20.47 3.33 -46.97
C LYS N 31 21.10 2.01 -46.57
N LEU N 32 21.57 1.25 -47.55
CA LEU N 32 22.19 -0.03 -47.26
C LEU N 32 23.44 0.17 -46.44
N HIS N 33 24.17 1.27 -46.64
CA HIS N 33 25.37 1.52 -45.85
C HIS N 33 24.94 1.77 -44.40
N ASN N 34 23.82 2.46 -44.25
CA ASN N 34 23.31 2.75 -42.93
C ASN N 34 23.15 1.44 -42.16
N TYR N 35 22.43 0.49 -42.73
CA TYR N 35 22.24 -0.80 -42.07
C TYR N 35 23.58 -1.50 -41.89
N HIS N 36 24.39 -1.45 -42.95
CA HIS N 36 25.71 -2.06 -42.96
C HIS N 36 26.52 -1.61 -41.74
N TRP N 37 26.42 -0.33 -41.39
CA TRP N 37 27.16 0.22 -40.26
C TRP N 37 26.49 0.10 -38.90
N HIS N 38 25.17 0.24 -38.87
CA HIS N 38 24.48 0.26 -37.59
C HIS N 38 23.73 -0.96 -37.09
N ILE N 39 23.73 -2.06 -37.84
CA ILE N 39 23.05 -3.25 -37.32
C ILE N 39 23.90 -3.77 -36.19
N TYR N 40 23.30 -4.61 -35.36
CA TYR N 40 24.01 -5.22 -34.25
C TYR N 40 23.29 -6.53 -33.97
N GLY N 41 24.00 -7.48 -33.39
CA GLY N 41 23.39 -8.76 -33.09
C GLY N 41 24.39 -9.85 -33.40
N ILE N 42 24.11 -11.05 -32.92
CA ILE N 42 25.01 -12.17 -33.11
C ILE N 42 25.35 -12.46 -34.57
N GLU N 43 24.42 -12.18 -35.49
CA GLU N 43 24.66 -12.44 -36.91
C GLU N 43 25.35 -11.29 -37.64
N PHE N 44 25.82 -10.30 -36.87
CA PHE N 44 26.47 -9.11 -37.42
C PHE N 44 27.37 -9.29 -38.63
N LYS N 45 28.47 -10.02 -38.45
CA LYS N 45 29.42 -10.21 -39.54
C LYS N 45 28.80 -10.69 -40.85
N GLN N 46 27.94 -11.70 -40.78
CA GLN N 46 27.31 -12.22 -41.97
C GLN N 46 26.40 -11.20 -42.63
N VAL N 47 25.58 -10.52 -41.84
CA VAL N 47 24.66 -9.53 -42.39
C VAL N 47 25.42 -8.30 -42.87
N HIS N 48 26.45 -7.94 -42.12
CA HIS N 48 27.29 -6.79 -42.46
C HIS N 48 27.81 -7.02 -43.88
N GLU N 49 28.30 -8.24 -44.14
CA GLU N 49 28.82 -8.60 -45.45
C GLU N 49 27.72 -8.71 -46.51
N LEU N 50 26.59 -9.26 -46.12
CA LEU N 50 25.48 -9.40 -47.05
C LEU N 50 25.06 -8.01 -47.55
N LEU N 51 24.93 -7.08 -46.60
CA LEU N 51 24.54 -5.71 -46.92
C LEU N 51 25.50 -5.09 -47.93
N GLU N 52 26.79 -5.39 -47.78
CA GLU N 52 27.78 -4.86 -48.70
C GLU N 52 27.55 -5.46 -50.09
N GLU N 53 27.31 -6.77 -50.14
CA GLU N 53 27.05 -7.42 -51.43
C GLU N 53 25.89 -6.67 -52.07
N TYR N 54 24.87 -6.37 -51.27
CA TYR N 54 23.71 -5.66 -51.77
C TYR N 54 24.01 -4.28 -52.33
N TYR N 55 24.74 -3.46 -51.58
CA TYR N 55 25.01 -2.13 -52.12
C TYR N 55 25.96 -2.13 -53.29
N VAL N 56 26.77 -3.18 -53.41
CA VAL N 56 27.67 -3.30 -54.55
C VAL N 56 26.79 -3.61 -55.76
N SER N 57 25.86 -4.52 -55.54
CA SER N 57 24.93 -4.91 -56.57
C SER N 57 24.02 -3.73 -56.97
N VAL N 58 23.57 -2.99 -55.97
CA VAL N 58 22.71 -1.85 -56.19
C VAL N 58 23.43 -0.77 -57.00
N THR N 59 24.68 -0.50 -56.65
CA THR N 59 25.42 0.54 -57.35
C THR N 59 25.72 0.09 -58.79
N GLU N 60 25.73 -1.21 -59.00
CA GLU N 60 25.97 -1.77 -60.33
C GLU N 60 24.75 -1.45 -61.19
N ALA N 61 23.57 -1.73 -60.64
CA ALA N 61 22.32 -1.48 -61.35
C ALA N 61 22.18 0.03 -61.55
N PHE N 62 22.58 0.79 -60.54
CA PHE N 62 22.56 2.23 -60.56
C PHE N 62 23.28 2.72 -61.81
N ASP N 63 24.49 2.21 -62.00
CA ASP N 63 25.32 2.61 -63.12
C ASP N 63 24.82 2.14 -64.47
N THR N 64 24.39 0.89 -64.60
CA THR N 64 23.93 0.42 -65.90
C THR N 64 22.63 1.09 -66.35
N ILE N 65 21.74 1.35 -65.40
CA ILE N 65 20.48 2.01 -65.76
C ILE N 65 20.75 3.47 -66.16
N ALA N 66 21.62 4.14 -65.41
CA ALA N 66 21.92 5.52 -65.74
C ALA N 66 22.51 5.60 -67.14
N GLU N 67 23.38 4.65 -67.48
CA GLU N 67 24.01 4.64 -68.79
C GLU N 67 23.01 4.30 -69.89
N ARG N 68 21.99 3.53 -69.57
CA ARG N 68 20.99 3.19 -70.56
C ARG N 68 20.21 4.47 -70.85
N LEU N 69 19.96 5.23 -69.80
CA LEU N 69 19.27 6.50 -69.91
C LEU N 69 20.07 7.41 -70.85
N LEU N 70 21.39 7.41 -70.69
CA LEU N 70 22.25 8.23 -71.52
C LEU N 70 22.15 7.80 -72.98
N GLN N 71 22.12 6.49 -73.19
CA GLN N 71 22.03 5.94 -74.52
C GLN N 71 20.72 6.33 -75.19
N LEU N 72 19.67 6.45 -74.41
CA LEU N 72 18.36 6.82 -74.94
C LEU N 72 18.26 8.30 -75.25
N GLY N 73 19.38 9.01 -75.11
CA GLY N 73 19.40 10.44 -75.40
C GLY N 73 19.08 11.37 -74.26
N ALA N 74 18.84 10.81 -73.07
CA ALA N 74 18.53 11.63 -71.92
C ALA N 74 19.77 11.84 -71.05
N GLN N 75 19.66 12.70 -70.04
CA GLN N 75 20.76 12.93 -69.14
C GLN N 75 20.31 12.30 -67.84
N ALA N 76 21.25 11.73 -67.10
CA ALA N 76 20.90 11.08 -65.86
C ALA N 76 20.91 12.00 -64.66
N PRO N 77 19.97 11.80 -63.73
CA PRO N 77 19.95 12.65 -62.53
C PRO N 77 21.26 12.33 -61.82
N ALA N 78 22.01 13.36 -61.45
CA ALA N 78 23.32 13.13 -60.84
C ALA N 78 23.64 14.03 -59.66
N SER N 79 22.79 13.99 -58.65
CA SER N 79 23.00 14.78 -57.45
C SER N 79 22.04 14.25 -56.40
N MET N 80 22.42 14.35 -55.14
CA MET N 80 21.57 13.88 -54.08
C MET N 80 20.29 14.72 -54.02
N ALA N 81 20.41 16.01 -54.34
CA ALA N 81 19.23 16.88 -54.34
C ALA N 81 18.19 16.31 -55.29
N GLU N 82 18.61 15.95 -56.51
CA GLU N 82 17.68 15.39 -57.48
C GLU N 82 17.12 14.06 -57.02
N TYR N 83 18.00 13.21 -56.49
CA TYR N 83 17.57 11.91 -56.03
C TYR N 83 16.50 12.02 -54.95
N LEU N 84 16.73 12.90 -53.99
CA LEU N 84 15.76 13.08 -52.91
C LEU N 84 14.45 13.60 -53.46
N ALA N 85 14.51 14.33 -54.56
CA ALA N 85 13.30 14.86 -55.19
C ALA N 85 12.55 13.83 -56.03
N LEU N 86 13.28 12.87 -56.58
CA LEU N 86 12.67 11.84 -57.43
C LEU N 86 12.39 10.51 -56.74
N SER N 87 13.19 10.17 -55.74
CA SER N 87 13.05 8.89 -55.07
C SER N 87 11.76 8.63 -54.30
N GLY N 88 11.28 7.40 -54.42
CA GLY N 88 10.09 6.98 -53.72
C GLY N 88 10.50 6.16 -52.52
N ILE N 89 11.81 6.14 -52.24
CA ILE N 89 12.34 5.40 -51.12
C ILE N 89 12.75 6.34 -49.99
N ALA N 90 12.23 6.07 -48.80
CA ALA N 90 12.52 6.88 -47.64
C ALA N 90 13.90 6.55 -47.11
N GLU N 91 14.64 7.58 -46.68
CA GLU N 91 15.96 7.37 -46.13
C GLU N 91 15.83 6.86 -44.70
N GLU N 92 16.83 6.11 -44.24
CA GLU N 92 16.82 5.58 -42.88
C GLU N 92 17.37 6.68 -41.98
N THR N 93 16.53 7.16 -41.06
CA THR N 93 16.94 8.22 -40.16
C THR N 93 17.51 7.71 -38.85
N GLU N 94 17.18 6.48 -38.49
CA GLU N 94 17.70 5.97 -37.25
C GLU N 94 19.02 5.24 -37.44
N LYS N 95 19.78 5.16 -36.36
CA LYS N 95 21.06 4.49 -36.32
C LYS N 95 20.82 3.40 -35.29
N GLU N 96 21.74 2.45 -35.16
CA GLU N 96 21.55 1.38 -34.20
C GLU N 96 20.23 0.69 -34.52
N ILE N 97 20.30 -0.41 -35.23
CA ILE N 97 19.09 -1.11 -35.60
C ILE N 97 19.27 -2.62 -35.53
N THR N 98 18.19 -3.31 -35.20
CA THR N 98 18.17 -4.75 -35.11
C THR N 98 18.43 -5.38 -36.49
N ILE N 99 19.01 -6.57 -36.50
CA ILE N 99 19.27 -7.23 -37.77
C ILE N 99 17.98 -7.61 -38.51
N VAL N 100 17.01 -8.20 -37.81
CA VAL N 100 15.77 -8.57 -38.47
C VAL N 100 15.02 -7.32 -38.93
N SER N 101 15.16 -6.23 -38.18
CA SER N 101 14.48 -5.00 -38.58
C SER N 101 15.11 -4.43 -39.85
N ALA N 102 16.44 -4.46 -39.91
CA ALA N 102 17.14 -3.95 -41.07
C ALA N 102 16.84 -4.78 -42.32
N LEU N 103 16.91 -6.10 -42.18
CA LEU N 103 16.63 -6.98 -43.32
C LEU N 103 15.19 -6.85 -43.79
N ALA N 104 14.25 -6.70 -42.87
CA ALA N 104 12.84 -6.56 -43.23
C ALA N 104 12.69 -5.29 -44.08
N ARG N 105 13.42 -4.25 -43.70
CA ARG N 105 13.33 -3.00 -44.44
C ARG N 105 13.94 -3.11 -45.84
N VAL N 106 15.08 -3.78 -45.97
CA VAL N 106 15.67 -3.87 -47.30
C VAL N 106 14.79 -4.76 -48.17
N LYS N 107 14.18 -5.79 -47.57
CA LYS N 107 13.29 -6.67 -48.33
C LYS N 107 12.14 -5.82 -48.89
N ARG N 108 11.61 -4.96 -48.04
CA ARG N 108 10.52 -4.07 -48.40
C ARG N 108 10.94 -3.15 -49.56
N ASP N 109 12.12 -2.56 -49.46
CA ASP N 109 12.61 -1.68 -50.52
C ASP N 109 12.90 -2.46 -51.79
N PHE N 110 13.40 -3.68 -51.65
CA PHE N 110 13.68 -4.50 -52.82
C PHE N 110 12.36 -4.82 -53.53
N GLU N 111 11.31 -5.09 -52.75
CA GLU N 111 10.00 -5.39 -53.32
C GLU N 111 9.45 -4.16 -54.01
N TYR N 112 9.64 -2.98 -53.40
CA TYR N 112 9.16 -1.76 -54.01
C TYR N 112 9.86 -1.58 -55.35
N LEU N 113 11.17 -1.77 -55.37
CA LEU N 113 11.94 -1.62 -56.60
C LEU N 113 11.49 -2.63 -57.63
N SER N 114 11.21 -3.84 -57.18
CA SER N 114 10.77 -4.90 -58.08
C SER N 114 9.48 -4.53 -58.82
N THR N 115 8.48 -4.02 -58.11
CA THR N 115 7.23 -3.65 -58.78
C THR N 115 7.50 -2.48 -59.71
N ARG N 116 8.32 -1.54 -59.27
CA ARG N 116 8.66 -0.39 -60.11
C ARG N 116 9.39 -0.82 -61.38
N PHE N 117 10.38 -1.69 -61.23
CA PHE N 117 11.14 -2.17 -62.38
C PHE N 117 10.25 -2.97 -63.33
N SER N 118 9.33 -3.74 -62.77
CA SER N 118 8.43 -4.54 -63.61
C SER N 118 7.61 -3.65 -64.54
N GLN N 119 7.20 -2.49 -64.06
CA GLN N 119 6.41 -1.59 -64.89
C GLN N 119 7.26 -1.16 -66.06
N THR N 120 8.53 -0.88 -65.80
CA THR N 120 9.42 -0.45 -66.86
C THR N 120 9.64 -1.59 -67.85
N GLN N 121 9.82 -2.82 -67.36
CA GLN N 121 10.04 -3.92 -68.29
C GLN N 121 8.82 -4.10 -69.18
N VAL N 122 7.63 -3.90 -68.62
CA VAL N 122 6.42 -4.02 -69.43
C VAL N 122 6.40 -2.93 -70.51
N LEU N 123 6.77 -1.72 -70.13
CA LEU N 123 6.81 -0.59 -71.06
C LEU N 123 7.80 -0.87 -72.18
N ALA N 124 9.01 -1.30 -71.81
CA ALA N 124 10.05 -1.60 -72.78
C ALA N 124 9.63 -2.75 -73.68
N ALA N 125 9.02 -3.77 -73.10
CA ALA N 125 8.59 -4.93 -73.87
C ALA N 125 7.54 -4.56 -74.91
N GLU N 126 6.55 -3.80 -74.49
CA GLU N 126 5.48 -3.39 -75.39
C GLU N 126 5.91 -2.41 -76.46
N SER N 127 6.97 -1.65 -76.20
CA SER N 127 7.44 -0.68 -77.18
C SER N 127 8.62 -1.17 -78.01
N GLY N 128 8.99 -2.43 -77.82
CA GLY N 128 10.11 -2.96 -78.59
C GLY N 128 11.50 -2.55 -78.14
N ASP N 129 11.63 -1.92 -76.98
CA ASP N 129 12.94 -1.52 -76.47
C ASP N 129 13.56 -2.77 -75.84
N ALA N 130 14.03 -3.67 -76.69
CA ALA N 130 14.64 -4.93 -76.25
C ALA N 130 15.81 -4.74 -75.27
N VAL N 131 16.70 -3.81 -75.57
CA VAL N 131 17.83 -3.56 -74.70
C VAL N 131 17.42 -3.18 -73.28
N THR N 132 16.54 -2.20 -73.16
CA THR N 132 16.10 -1.77 -71.83
C THR N 132 15.40 -2.93 -71.13
N ASP N 133 14.63 -3.69 -71.91
CA ASP N 133 13.90 -4.85 -71.40
C ASP N 133 14.89 -5.81 -70.75
N GLY N 134 15.93 -6.19 -71.50
CA GLY N 134 16.94 -7.09 -70.98
C GLY N 134 17.65 -6.55 -69.75
N ILE N 135 17.99 -5.26 -69.77
CA ILE N 135 18.68 -4.66 -68.64
C ILE N 135 17.84 -4.71 -67.38
N ILE N 136 16.57 -4.30 -67.47
CA ILE N 136 15.72 -4.33 -66.29
C ILE N 136 15.44 -5.76 -65.85
N THR N 137 15.19 -6.64 -66.80
CA THR N 137 14.92 -8.03 -66.44
C THR N 137 16.09 -8.66 -65.68
N ASP N 138 17.33 -8.36 -66.10
CA ASP N 138 18.49 -8.91 -65.40
C ASP N 138 18.48 -8.47 -63.95
N ILE N 139 18.16 -7.19 -63.74
CA ILE N 139 18.10 -6.62 -62.42
C ILE N 139 16.95 -7.26 -61.64
N LEU N 140 15.82 -7.44 -62.31
CA LEU N 140 14.65 -8.06 -61.72
C LEU N 140 15.02 -9.46 -61.24
N ARG N 141 15.85 -10.16 -62.00
CA ARG N 141 16.25 -11.50 -61.60
C ARG N 141 17.02 -11.50 -60.30
N THR N 142 17.99 -10.61 -60.18
CA THR N 142 18.78 -10.58 -58.94
C THR N 142 17.93 -10.10 -57.77
N LEU N 143 16.97 -9.22 -58.02
CA LEU N 143 16.09 -8.75 -56.96
C LEU N 143 15.21 -9.90 -56.47
N GLY N 144 14.69 -10.67 -57.41
CA GLY N 144 13.84 -11.79 -57.05
C GLY N 144 14.55 -12.79 -56.15
N LYS N 145 15.79 -13.07 -56.48
CA LYS N 145 16.60 -14.00 -55.71
C LYS N 145 16.81 -13.45 -54.30
N ALA N 146 17.21 -12.18 -54.21
CA ALA N 146 17.45 -11.54 -52.91
C ALA N 146 16.17 -11.47 -52.06
N ILE N 147 15.06 -11.09 -52.69
CA ILE N 147 13.79 -11.00 -51.98
C ILE N 147 13.43 -12.37 -51.41
N TRP N 148 13.59 -13.40 -52.22
CA TRP N 148 13.29 -14.76 -51.76
C TRP N 148 14.17 -15.16 -50.57
N MET N 149 15.47 -14.91 -50.67
CA MET N 149 16.39 -15.26 -49.60
C MET N 149 16.07 -14.49 -48.32
N LEU N 150 15.81 -13.19 -48.45
CA LEU N 150 15.48 -12.39 -47.29
C LEU N 150 14.21 -12.94 -46.65
N GLY N 151 13.26 -13.33 -47.48
CA GLY N 151 12.00 -13.87 -46.96
C GLY N 151 12.27 -15.13 -46.16
N ALA N 152 13.15 -15.97 -46.70
CA ALA N 152 13.50 -17.22 -46.05
C ALA N 152 14.22 -16.99 -44.73
N THR N 153 15.09 -15.99 -44.68
CA THR N 153 15.81 -15.77 -43.44
C THR N 153 14.96 -15.07 -42.38
N LEU N 154 13.94 -14.34 -42.82
CA LEU N 154 13.06 -13.61 -41.90
C LEU N 154 11.85 -14.42 -41.46
N LYS N 155 11.57 -15.50 -42.19
CA LYS N 155 10.43 -16.36 -41.87
C LYS N 155 10.53 -16.94 -40.46
N ALA N 156 9.41 -16.90 -39.75
CA ALA N 156 9.38 -17.42 -38.38
C ALA N 156 8.56 -18.71 -38.30
N ASP O 7 69.33 7.31 -28.49
CA ASP O 7 68.73 7.20 -27.12
C ASP O 7 68.50 5.75 -26.69
N ALA O 8 69.52 5.17 -26.06
CA ALA O 8 69.49 3.79 -25.60
C ALA O 8 68.27 3.45 -24.73
N ARG O 9 67.84 4.41 -23.91
CA ARG O 9 66.72 4.16 -23.04
C ARG O 9 65.43 3.96 -23.83
N ALA O 10 65.30 4.62 -24.97
CA ALA O 10 64.07 4.46 -25.74
C ALA O 10 64.01 3.12 -26.45
N ILE O 11 65.11 2.78 -27.12
CA ILE O 11 65.25 1.53 -27.84
C ILE O 11 65.02 0.36 -26.91
N ALA O 12 65.62 0.44 -25.73
CA ALA O 12 65.51 -0.62 -24.75
C ALA O 12 64.09 -0.76 -24.23
N ALA O 13 63.43 0.38 -23.99
CA ALA O 13 62.06 0.38 -23.51
C ALA O 13 61.16 -0.25 -24.59
N ILE O 14 61.38 0.15 -25.84
CA ILE O 14 60.61 -0.35 -26.96
C ILE O 14 60.79 -1.86 -27.12
N CYS O 15 62.03 -2.32 -27.02
CA CYS O 15 62.31 -3.74 -27.13
C CYS O 15 61.62 -4.54 -26.04
N GLU O 16 61.57 -3.97 -24.84
CA GLU O 16 60.92 -4.65 -23.73
C GLU O 16 59.44 -4.80 -24.04
N GLN O 17 58.86 -3.76 -24.62
CA GLN O 17 57.45 -3.79 -24.98
C GLN O 17 57.20 -4.83 -26.07
N LEU O 18 58.06 -4.82 -27.08
CA LEU O 18 57.97 -5.76 -28.18
C LEU O 18 58.07 -7.21 -27.71
N ARG O 19 59.00 -7.47 -26.80
CA ARG O 19 59.16 -8.82 -26.26
C ARG O 19 57.86 -9.28 -25.62
N GLN O 20 57.21 -8.37 -24.92
CA GLN O 20 55.97 -8.68 -24.26
C GLN O 20 54.87 -8.96 -25.30
N HIS O 21 54.85 -8.16 -26.36
CA HIS O 21 53.86 -8.34 -27.41
C HIS O 21 53.98 -9.72 -28.05
N VAL O 22 55.22 -10.14 -28.33
CA VAL O 22 55.43 -11.45 -28.92
C VAL O 22 54.87 -12.52 -27.99
N ALA O 23 55.17 -12.39 -26.69
CA ALA O 23 54.68 -13.35 -25.71
C ALA O 23 53.16 -13.38 -25.68
N ASP O 24 52.53 -12.21 -25.64
CA ASP O 24 51.08 -12.14 -25.58
C ASP O 24 50.45 -12.70 -26.83
N LEU O 25 51.00 -12.34 -27.99
CA LEU O 25 50.51 -12.81 -29.26
C LEU O 25 50.63 -14.33 -29.33
N GLY O 26 51.77 -14.85 -28.86
CA GLY O 26 51.99 -16.28 -28.84
C GLY O 26 50.93 -16.99 -28.03
N VAL O 27 50.65 -16.45 -26.85
CA VAL O 27 49.65 -17.02 -25.96
C VAL O 27 48.25 -16.91 -26.57
N LEU O 28 47.96 -15.77 -27.18
CA LEU O 28 46.66 -15.55 -27.79
C LEU O 28 46.44 -16.54 -28.95
N TYR O 29 47.51 -16.77 -29.71
CA TYR O 29 47.48 -17.67 -30.85
C TYR O 29 46.90 -19.03 -30.48
N ILE O 30 47.39 -19.59 -29.37
CA ILE O 30 46.92 -20.87 -28.92
C ILE O 30 45.56 -20.77 -28.24
N LYS O 31 45.32 -19.67 -27.56
CA LYS O 31 44.05 -19.45 -26.89
C LYS O 31 42.94 -19.40 -27.96
N LEU O 32 43.23 -18.75 -29.09
CA LEU O 32 42.24 -18.66 -30.16
C LEU O 32 41.93 -20.04 -30.73
N HIS O 33 42.92 -20.93 -30.74
CA HIS O 33 42.69 -22.28 -31.24
C HIS O 33 41.74 -22.98 -30.29
N ASN O 34 41.93 -22.71 -29.00
CA ASN O 34 41.08 -23.30 -27.98
C ASN O 34 39.64 -23.00 -28.30
N TYR O 35 39.31 -21.73 -28.47
CA TYR O 35 37.94 -21.36 -28.80
C TYR O 35 37.54 -21.95 -30.15
N HIS O 36 38.47 -21.87 -31.09
CA HIS O 36 38.28 -22.39 -32.43
C HIS O 36 37.77 -23.85 -32.37
N TRP O 37 38.36 -24.63 -31.48
CA TRP O 37 38.02 -26.04 -31.33
C TRP O 37 36.84 -26.36 -30.42
N HIS O 38 36.73 -25.63 -29.31
CA HIS O 38 35.70 -25.95 -28.34
C HIS O 38 34.41 -25.14 -28.25
N ILE O 39 34.20 -24.17 -29.13
CA ILE O 39 32.96 -23.43 -29.07
C ILE O 39 31.90 -24.38 -29.60
N TYR O 40 30.64 -24.05 -29.32
CA TYR O 40 29.52 -24.83 -29.80
C TYR O 40 28.34 -23.88 -29.86
N GLY O 41 27.38 -24.19 -30.71
CA GLY O 41 26.23 -23.33 -30.85
C GLY O 41 25.86 -23.24 -32.32
N ILE O 42 24.66 -22.74 -32.59
CA ILE O 42 24.18 -22.63 -33.95
C ILE O 42 25.10 -21.82 -34.88
N GLU O 43 25.83 -20.85 -34.33
CA GLU O 43 26.72 -20.02 -35.15
C GLU O 43 28.12 -20.63 -35.30
N PHE O 44 28.29 -21.86 -34.85
CA PHE O 44 29.58 -22.55 -34.90
C PHE O 44 30.46 -22.31 -36.11
N LYS O 45 30.01 -22.74 -37.29
CA LYS O 45 30.82 -22.61 -38.50
C LYS O 45 31.36 -21.21 -38.74
N GLN O 46 30.51 -20.20 -38.62
CA GLN O 46 30.95 -18.83 -38.85
C GLN O 46 32.00 -18.40 -37.83
N VAL O 47 31.74 -18.68 -36.55
CA VAL O 47 32.69 -18.28 -35.52
C VAL O 47 33.94 -19.10 -35.59
N HIS O 48 33.79 -20.37 -35.93
CA HIS O 48 34.92 -21.29 -36.08
C HIS O 48 35.90 -20.66 -37.08
N GLU O 49 35.34 -20.19 -38.19
CA GLU O 49 36.11 -19.58 -39.24
C GLU O 49 36.66 -18.21 -38.84
N LEU O 50 35.84 -17.43 -38.15
CA LEU O 50 36.28 -16.11 -37.70
C LEU O 50 37.49 -16.28 -36.79
N LEU O 51 37.42 -17.22 -35.86
CA LEU O 51 38.52 -17.47 -34.93
C LEU O 51 39.80 -17.81 -35.69
N GLU O 52 39.68 -18.54 -36.79
CA GLU O 52 40.85 -18.90 -37.57
C GLU O 52 41.42 -17.65 -38.23
N GLU O 53 40.55 -16.79 -38.74
CA GLU O 53 41.00 -15.55 -39.35
C GLU O 53 41.81 -14.80 -38.29
N TYR O 54 41.29 -14.79 -37.07
CA TYR O 54 41.96 -14.12 -35.97
C TYR O 54 43.34 -14.67 -35.65
N TYR O 55 43.46 -15.98 -35.48
CA TYR O 55 44.77 -16.51 -35.15
C TYR O 55 45.76 -16.43 -36.31
N VAL O 56 45.26 -16.36 -37.54
CA VAL O 56 46.15 -16.21 -38.69
C VAL O 56 46.68 -14.78 -38.62
N SER O 57 45.78 -13.85 -38.33
CA SER O 57 46.14 -12.45 -38.20
C SER O 57 47.08 -12.26 -37.00
N VAL O 58 46.79 -12.94 -35.90
CA VAL O 58 47.60 -12.85 -34.70
C VAL O 58 49.02 -13.35 -34.95
N THR O 59 49.14 -14.49 -35.63
CA THR O 59 50.45 -15.07 -35.89
C THR O 59 51.23 -14.18 -36.85
N GLU O 60 50.50 -13.40 -37.64
CA GLU O 60 51.13 -12.50 -38.59
C GLU O 60 51.80 -11.39 -37.79
N ALA O 61 51.05 -10.79 -36.87
CA ALA O 61 51.58 -9.72 -36.03
C ALA O 61 52.70 -10.30 -35.16
N PHE O 62 52.51 -11.52 -34.71
CA PHE O 62 53.48 -12.23 -33.90
C PHE O 62 54.83 -12.21 -34.63
N ASP O 63 54.79 -12.56 -35.90
CA ASP O 63 55.97 -12.65 -36.72
C ASP O 63 56.60 -11.30 -37.07
N THR O 64 55.81 -10.31 -37.45
CA THR O 64 56.38 -9.03 -37.82
C THR O 64 56.98 -8.29 -36.61
N ILE O 65 56.32 -8.39 -35.46
CA ILE O 65 56.85 -7.74 -34.26
C ILE O 65 58.15 -8.42 -33.82
N ALA O 66 58.19 -9.74 -33.85
CA ALA O 66 59.39 -10.47 -33.46
C ALA O 66 60.55 -10.05 -34.34
N GLU O 67 60.28 -9.91 -35.63
CA GLU O 67 61.29 -9.51 -36.60
C GLU O 67 61.76 -8.08 -36.39
N ARG O 68 60.84 -7.22 -35.95
CA ARG O 68 61.20 -5.84 -35.70
C ARG O 68 62.17 -5.82 -34.52
N LEU O 69 61.88 -6.67 -33.54
CA LEU O 69 62.71 -6.81 -32.35
C LEU O 69 64.11 -7.22 -32.80
N LEU O 70 64.19 -8.17 -33.73
CA LEU O 70 65.47 -8.63 -34.23
C LEU O 70 66.22 -7.49 -34.91
N GLN O 71 65.51 -6.70 -35.70
CA GLN O 71 66.13 -5.56 -36.39
C GLN O 71 66.69 -4.56 -35.40
N LEU O 72 66.02 -4.42 -34.26
CA LEU O 72 66.44 -3.48 -33.25
C LEU O 72 67.64 -3.98 -32.46
N GLY O 73 68.19 -5.12 -32.87
CA GLY O 73 69.35 -5.66 -32.21
C GLY O 73 69.11 -6.61 -31.06
N ALA O 74 67.83 -6.88 -30.76
CA ALA O 74 67.50 -7.78 -29.67
C ALA O 74 67.17 -9.18 -30.22
N GLN O 75 67.00 -10.13 -29.31
CA GLN O 75 66.65 -11.49 -29.70
C GLN O 75 65.22 -11.65 -29.25
N ALA O 76 64.44 -12.39 -30.02
CA ALA O 76 63.05 -12.56 -29.68
C ALA O 76 62.79 -13.73 -28.76
N PRO O 77 61.81 -13.57 -27.84
CA PRO O 77 61.51 -14.69 -26.95
C PRO O 77 60.99 -15.79 -27.87
N ALA O 78 61.53 -17.00 -27.74
CA ALA O 78 61.11 -18.07 -28.63
C ALA O 78 60.90 -19.42 -27.97
N SER O 79 60.02 -19.44 -26.97
CA SER O 79 59.71 -20.69 -26.28
C SER O 79 58.44 -20.41 -25.48
N MET O 80 57.65 -21.46 -25.27
CA MET O 80 56.43 -21.32 -24.51
C MET O 80 56.77 -20.96 -23.07
N ALA O 81 57.88 -21.48 -22.57
CA ALA O 81 58.27 -21.18 -21.20
C ALA O 81 58.44 -19.67 -21.05
N GLU O 82 59.15 -19.03 -21.99
CA GLU O 82 59.36 -17.59 -21.90
C GLU O 82 58.05 -16.84 -22.07
N TYR O 83 57.22 -17.29 -23.01
CA TYR O 83 55.95 -16.64 -23.24
C TYR O 83 55.07 -16.65 -22.00
N LEU O 84 55.00 -17.80 -21.33
CA LEU O 84 54.19 -17.90 -20.12
C LEU O 84 54.74 -16.98 -19.04
N ALA O 85 56.05 -16.75 -19.07
CA ALA O 85 56.67 -15.90 -18.07
C ALA O 85 56.47 -14.42 -18.37
N LEU O 86 56.39 -14.07 -19.64
CA LEU O 86 56.23 -12.67 -20.04
C LEU O 86 54.81 -12.22 -20.32
N SER O 87 53.96 -13.14 -20.75
CA SER O 87 52.60 -12.78 -21.12
C SER O 87 51.68 -12.32 -20.01
N GLY O 88 50.87 -11.31 -20.34
CA GLY O 88 49.90 -10.77 -19.41
C GLY O 88 48.52 -11.33 -19.75
N ILE O 89 48.50 -12.31 -20.67
CA ILE O 89 47.26 -12.93 -21.08
C ILE O 89 47.11 -14.31 -20.48
N ALA O 90 46.00 -14.54 -19.80
CA ALA O 90 45.75 -15.83 -19.18
C ALA O 90 45.33 -16.85 -20.22
N GLU O 91 45.81 -18.08 -20.06
CA GLU O 91 45.46 -19.14 -20.99
C GLU O 91 44.06 -19.64 -20.68
N GLU O 92 43.37 -20.16 -21.69
CA GLU O 92 42.03 -20.69 -21.50
C GLU O 92 42.17 -22.11 -21.00
N THR O 93 41.71 -22.36 -19.79
CA THR O 93 41.82 -23.68 -19.18
C THR O 93 40.61 -24.55 -19.45
N GLU O 94 39.47 -23.93 -19.69
CA GLU O 94 38.29 -24.74 -19.94
C GLU O 94 38.08 -25.07 -21.40
N LYS O 95 37.38 -26.17 -21.61
CA LYS O 95 37.05 -26.65 -22.94
C LYS O 95 35.54 -26.56 -22.95
N GLU O 96 34.94 -26.72 -24.12
CA GLU O 96 33.50 -26.63 -24.23
C GLU O 96 33.08 -25.25 -23.72
N ILE O 97 32.94 -24.32 -24.66
CA ILE O 97 32.57 -22.98 -24.29
C ILE O 97 31.54 -22.38 -25.24
N THR O 98 30.68 -21.56 -24.68
CA THR O 98 29.64 -20.88 -25.40
C THR O 98 30.25 -19.92 -26.41
N ILE O 99 29.55 -19.67 -27.51
CA ILE O 99 30.05 -18.75 -28.52
C ILE O 99 30.15 -17.31 -28.02
N VAL O 100 29.10 -16.81 -27.36
CA VAL O 100 29.17 -15.45 -26.85
C VAL O 100 30.25 -15.34 -25.77
N SER O 101 30.42 -16.39 -24.99
CA SER O 101 31.42 -16.37 -23.95
C SER O 101 32.84 -16.31 -24.56
N ALA O 102 33.06 -17.07 -25.62
CA ALA O 102 34.37 -17.10 -26.27
C ALA O 102 34.67 -15.76 -26.94
N LEU O 103 33.71 -15.23 -27.67
CA LEU O 103 33.90 -13.95 -28.33
C LEU O 103 34.14 -12.82 -27.32
N ALA O 104 33.41 -12.84 -26.21
CA ALA O 104 33.59 -11.81 -25.18
C ALA O 104 35.02 -11.87 -24.66
N ARG O 105 35.56 -13.07 -24.53
CA ARG O 105 36.92 -13.21 -24.04
C ARG O 105 37.95 -12.75 -25.07
N VAL O 106 37.75 -13.05 -26.35
CA VAL O 106 38.75 -12.59 -27.31
C VAL O 106 38.66 -11.06 -27.43
N LYS O 107 37.46 -10.51 -27.30
CA LYS O 107 37.30 -9.06 -27.37
C LYS O 107 38.10 -8.43 -26.23
N ARG O 108 38.01 -9.05 -25.07
CA ARG O 108 38.71 -8.57 -23.89
C ARG O 108 40.22 -8.63 -24.11
N ASP O 109 40.70 -9.74 -24.65
CA ASP O 109 42.13 -9.87 -24.90
C ASP O 109 42.59 -8.90 -26.00
N PHE O 110 41.74 -8.65 -27.00
CA PHE O 110 42.06 -7.74 -28.07
C PHE O 110 42.18 -6.33 -27.49
N GLU O 111 41.28 -6.00 -26.56
CA GLU O 111 41.31 -4.69 -25.93
C GLU O 111 42.56 -4.55 -25.05
N TYR O 112 42.93 -5.62 -24.36
CA TYR O 112 44.12 -5.59 -23.54
C TYR O 112 45.33 -5.35 -24.44
N LEU O 113 45.41 -6.08 -25.56
CA LEU O 113 46.51 -5.90 -26.49
C LEU O 113 46.52 -4.49 -27.04
N SER O 114 45.34 -3.98 -27.34
CA SER O 114 45.22 -2.63 -27.89
C SER O 114 45.84 -1.59 -26.97
N THR O 115 45.51 -1.63 -25.68
CA THR O 115 46.08 -0.65 -24.76
C THR O 115 47.60 -0.85 -24.65
N ARG O 116 48.04 -2.10 -24.62
CA ARG O 116 49.46 -2.38 -24.53
C ARG O 116 50.19 -1.89 -25.78
N PHE O 117 49.62 -2.15 -26.96
CA PHE O 117 50.25 -1.72 -28.21
C PHE O 117 50.29 -0.20 -28.29
N SER O 118 49.24 0.46 -27.81
CA SER O 118 49.19 1.91 -27.85
C SER O 118 50.36 2.52 -27.08
N GLN O 119 50.74 1.89 -25.98
CA GLN O 119 51.83 2.40 -25.18
C GLN O 119 53.10 2.36 -26.01
N THR O 120 53.27 1.27 -26.75
CA THR O 120 54.44 1.12 -27.58
C THR O 120 54.43 2.13 -28.71
N GLN O 121 53.28 2.37 -29.31
CA GLN O 121 53.21 3.33 -30.41
C GLN O 121 53.56 4.72 -29.91
N VAL O 122 53.15 5.05 -28.69
CA VAL O 122 53.49 6.36 -28.14
C VAL O 122 55.00 6.43 -27.91
N LEU O 123 55.58 5.38 -27.36
CA LEU O 123 57.00 5.30 -27.10
C LEU O 123 57.78 5.48 -28.41
N ALA O 124 57.39 4.71 -29.43
CA ALA O 124 58.04 4.77 -30.73
C ALA O 124 57.89 6.15 -31.37
N ALA O 125 56.69 6.70 -31.28
CA ALA O 125 56.42 8.00 -31.85
C ALA O 125 57.28 9.10 -31.22
N GLU O 126 57.34 9.13 -29.89
CA GLU O 126 58.11 10.15 -29.20
C GLU O 126 59.62 10.00 -29.35
N SER O 127 60.10 8.79 -29.63
CA SER O 127 61.53 8.57 -29.79
C SER O 127 61.97 8.56 -31.26
N GLY O 128 61.04 8.84 -32.17
CA GLY O 128 61.38 8.85 -33.57
C GLY O 128 61.53 7.49 -34.25
N ASP O 129 61.12 6.41 -33.59
CA ASP O 129 61.21 5.09 -34.19
C ASP O 129 60.00 4.94 -35.13
N ALA O 130 60.08 5.61 -36.28
CA ALA O 130 59.02 5.60 -37.27
C ALA O 130 58.60 4.20 -37.72
N VAL O 131 59.57 3.33 -37.98
CA VAL O 131 59.25 1.99 -38.42
C VAL O 131 58.40 1.23 -37.40
N THR O 132 58.86 1.19 -36.15
CA THR O 132 58.13 0.49 -35.11
C THR O 132 56.74 1.12 -34.95
N ASP O 133 56.69 2.44 -35.05
CA ASP O 133 55.44 3.18 -34.94
C ASP O 133 54.46 2.66 -35.98
N GLY O 134 54.90 2.61 -37.24
CA GLY O 134 54.04 2.14 -38.31
C GLY O 134 53.61 0.70 -38.15
N ILE O 135 54.54 -0.15 -37.71
CA ILE O 135 54.22 -1.56 -37.52
C ILE O 135 53.12 -1.72 -36.47
N ILE O 136 53.29 -1.10 -35.31
CA ILE O 136 52.30 -1.21 -34.25
C ILE O 136 50.97 -0.56 -34.66
N THR O 137 51.05 0.61 -35.28
CA THR O 137 49.83 1.27 -35.70
C THR O 137 49.02 0.42 -36.68
N ASP O 138 49.69 -0.29 -37.59
CA ASP O 138 48.98 -1.15 -38.54
C ASP O 138 48.21 -2.22 -37.77
N ILE O 139 48.88 -2.80 -36.77
CA ILE O 139 48.27 -3.84 -35.94
C ILE O 139 47.12 -3.22 -35.14
N LEU O 140 47.34 -2.02 -34.65
CA LEU O 140 46.34 -1.31 -33.88
C LEU O 140 45.10 -1.09 -34.74
N ARG O 141 45.30 -0.84 -36.03
CA ARG O 141 44.16 -0.64 -36.91
C ARG O 141 43.31 -1.90 -37.05
N THR O 142 43.95 -3.05 -37.27
CA THR O 142 43.19 -4.29 -37.43
C THR O 142 42.53 -4.67 -36.11
N LEU O 143 43.19 -4.36 -34.98
CA LEU O 143 42.60 -4.67 -33.68
C LEU O 143 41.36 -3.85 -33.45
N GLY O 144 41.45 -2.57 -33.80
CA GLY O 144 40.31 -1.68 -33.63
C GLY O 144 39.10 -2.15 -34.40
N LYS O 145 39.32 -2.62 -35.62
CA LYS O 145 38.23 -3.08 -36.46
C LYS O 145 37.60 -4.33 -35.84
N ALA O 146 38.44 -5.25 -35.40
CA ALA O 146 37.97 -6.50 -34.79
C ALA O 146 37.22 -6.24 -33.49
N ILE O 147 37.76 -5.35 -32.66
CA ILE O 147 37.13 -5.02 -31.40
C ILE O 147 35.75 -4.44 -31.66
N TRP O 148 35.66 -3.53 -32.63
CA TRP O 148 34.37 -2.93 -32.98
C TRP O 148 33.37 -3.99 -33.47
N MET O 149 33.81 -4.88 -34.35
CA MET O 149 32.93 -5.90 -34.86
C MET O 149 32.47 -6.84 -33.75
N LEU O 150 33.38 -7.25 -32.89
CA LEU O 150 33.01 -8.14 -31.80
C LEU O 150 31.99 -7.44 -30.91
N GLY O 151 32.22 -6.15 -30.66
CA GLY O 151 31.30 -5.40 -29.83
C GLY O 151 29.92 -5.40 -30.44
N ALA O 152 29.87 -5.22 -31.76
CA ALA O 152 28.60 -5.19 -32.49
C ALA O 152 27.89 -6.53 -32.47
N THR O 153 28.65 -7.63 -32.54
CA THR O 153 27.99 -8.92 -32.53
C THR O 153 27.58 -9.35 -31.12
N LEU O 154 28.25 -8.82 -30.10
CA LEU O 154 27.92 -9.18 -28.72
C LEU O 154 26.89 -8.24 -28.10
N LYS O 155 26.66 -7.11 -28.74
CA LYS O 155 25.70 -6.12 -28.24
C LYS O 155 24.30 -6.71 -28.11
N ALA O 156 23.66 -6.46 -26.98
CA ALA O 156 22.31 -6.97 -26.75
C ALA O 156 21.28 -5.85 -26.79
N PRO P 6 42.56 -62.68 -56.42
CA PRO P 6 42.53 -64.11 -56.05
C PRO P 6 41.29 -64.52 -55.24
N ASP P 7 40.41 -63.56 -54.98
CA ASP P 7 39.18 -63.87 -54.22
C ASP P 7 37.98 -63.07 -54.69
N ALA P 8 37.15 -63.71 -55.52
CA ALA P 8 35.97 -63.10 -56.09
C ALA P 8 34.84 -62.90 -55.07
N ARG P 9 34.90 -63.62 -53.97
CA ARG P 9 33.89 -63.48 -52.95
C ARG P 9 34.06 -62.17 -52.19
N ALA P 10 35.30 -61.69 -52.09
CA ALA P 10 35.56 -60.42 -51.42
C ALA P 10 35.18 -59.29 -52.36
N ILE P 11 35.61 -59.39 -53.61
CA ILE P 11 35.32 -58.39 -54.62
C ILE P 11 33.81 -58.23 -54.79
N ALA P 12 33.09 -59.36 -54.79
CA ALA P 12 31.64 -59.33 -54.95
C ALA P 12 30.98 -58.64 -53.77
N ALA P 13 31.47 -58.93 -52.56
CA ALA P 13 30.92 -58.32 -51.36
C ALA P 13 31.18 -56.82 -51.38
N ILE P 14 32.38 -56.44 -51.80
CA ILE P 14 32.72 -55.03 -51.86
C ILE P 14 31.86 -54.32 -52.89
N CYS P 15 31.69 -54.93 -54.07
CA CYS P 15 30.88 -54.33 -55.10
C CYS P 15 29.44 -54.13 -54.63
N GLU P 16 28.93 -55.08 -53.85
CA GLU P 16 27.57 -54.98 -53.34
C GLU P 16 27.47 -53.76 -52.42
N GLN P 17 28.51 -53.53 -51.62
CA GLN P 17 28.55 -52.38 -50.71
C GLN P 17 28.62 -51.10 -51.53
N LEU P 18 29.53 -51.06 -52.50
CA LEU P 18 29.69 -49.90 -53.36
C LEU P 18 28.38 -49.53 -54.06
N ARG P 19 27.67 -50.53 -54.57
CA ARG P 19 26.40 -50.31 -55.25
C ARG P 19 25.44 -49.59 -54.32
N GLN P 20 25.44 -50.02 -53.06
CA GLN P 20 24.56 -49.41 -52.07
C GLN P 20 24.99 -47.97 -51.78
N HIS P 21 26.30 -47.75 -51.68
CA HIS P 21 26.81 -46.41 -51.41
C HIS P 21 26.38 -45.44 -52.50
N VAL P 22 26.47 -45.88 -53.76
CA VAL P 22 26.07 -45.02 -54.87
C VAL P 22 24.61 -44.67 -54.72
N ALA P 23 23.79 -45.66 -54.40
CA ALA P 23 22.36 -45.45 -54.22
C ALA P 23 22.11 -44.45 -53.08
N ASP P 24 22.74 -44.67 -51.93
CA ASP P 24 22.56 -43.78 -50.79
C ASP P 24 23.02 -42.37 -51.08
N LEU P 25 24.18 -42.25 -51.71
CA LEU P 25 24.73 -40.94 -52.07
C LEU P 25 23.76 -40.24 -53.02
N GLY P 26 23.27 -40.98 -54.01
CA GLY P 26 22.34 -40.40 -54.96
C GLY P 26 21.12 -39.84 -54.25
N VAL P 27 20.56 -40.61 -53.32
CA VAL P 27 19.39 -40.20 -52.58
C VAL P 27 19.73 -38.99 -51.72
N LEU P 28 20.87 -39.03 -51.05
CA LEU P 28 21.30 -37.93 -50.17
C LEU P 28 21.46 -36.63 -50.97
N TYR P 29 22.02 -36.78 -52.17
CA TYR P 29 22.24 -35.64 -53.04
C TYR P 29 20.97 -34.81 -53.22
N ILE P 30 19.87 -35.48 -53.52
CA ILE P 30 18.62 -34.79 -53.72
C ILE P 30 17.99 -34.35 -52.40
N LYS P 31 18.18 -35.15 -51.36
CA LYS P 31 17.67 -34.82 -50.05
C LYS P 31 18.33 -33.50 -49.58
N LEU P 32 19.63 -33.36 -49.83
CA LEU P 32 20.34 -32.16 -49.44
C LEU P 32 19.79 -30.94 -50.18
N HIS P 33 19.36 -31.12 -51.43
CA HIS P 33 18.80 -30.00 -52.16
C HIS P 33 17.49 -29.60 -51.48
N ASN P 34 16.75 -30.61 -51.03
CA ASN P 34 15.49 -30.37 -50.36
C ASN P 34 15.72 -29.39 -49.22
N TYR P 35 16.66 -29.70 -48.33
CA TYR P 35 16.95 -28.82 -47.22
C TYR P 35 17.49 -27.49 -47.75
N HIS P 36 18.37 -27.57 -48.72
CA HIS P 36 18.97 -26.41 -49.34
C HIS P 36 17.89 -25.40 -49.76
N TRP P 37 16.79 -25.90 -50.31
CA TRP P 37 15.69 -25.05 -50.79
C TRP P 37 14.63 -24.68 -49.76
N HIS P 38 14.34 -25.58 -48.85
CA HIS P 38 13.26 -25.33 -47.91
C HIS P 38 13.53 -24.95 -46.48
N ILE P 39 14.80 -24.83 -46.09
CA ILE P 39 15.08 -24.42 -44.72
C ILE P 39 14.70 -22.96 -44.64
N TYR P 40 14.52 -22.47 -43.43
CA TYR P 40 14.18 -21.07 -43.19
C TYR P 40 14.70 -20.75 -41.80
N GLY P 41 14.99 -19.48 -41.56
CA GLY P 41 15.51 -19.08 -40.26
C GLY P 41 16.58 -18.05 -40.46
N ILE P 42 16.94 -17.37 -39.37
CA ILE P 42 17.94 -16.33 -39.43
C ILE P 42 19.30 -16.79 -40.02
N GLU P 43 19.66 -18.05 -39.82
CA GLU P 43 20.92 -18.58 -40.35
C GLU P 43 20.82 -19.10 -41.79
N PHE P 44 19.69 -18.84 -42.44
CA PHE P 44 19.46 -19.31 -43.80
C PHE P 44 20.60 -19.29 -44.79
N LYS P 45 21.12 -18.10 -45.10
CA LYS P 45 22.20 -17.99 -46.08
C LYS P 45 23.40 -18.89 -45.79
N GLN P 46 23.86 -18.93 -44.55
CA GLN P 46 25.01 -19.76 -44.19
C GLN P 46 24.71 -21.25 -44.35
N VAL P 47 23.55 -21.68 -43.86
CA VAL P 47 23.18 -23.08 -43.97
C VAL P 47 22.87 -23.46 -45.42
N HIS P 48 22.25 -22.53 -46.14
CA HIS P 48 21.90 -22.73 -47.54
C HIS P 48 23.18 -23.08 -48.26
N GLU P 49 24.23 -22.30 -47.99
CA GLU P 49 25.52 -22.52 -48.62
C GLU P 49 26.22 -23.78 -48.13
N LEU P 50 26.11 -24.05 -46.83
CA LEU P 50 26.72 -25.23 -46.26
C LEU P 50 26.13 -26.47 -46.93
N LEU P 51 24.81 -26.48 -47.07
CA LEU P 51 24.11 -27.59 -47.69
C LEU P 51 24.62 -27.82 -49.11
N GLU P 52 24.90 -26.75 -49.84
CA GLU P 52 25.40 -26.87 -51.21
C GLU P 52 26.81 -27.49 -51.17
N GLU P 53 27.64 -27.05 -50.22
CA GLU P 53 28.97 -27.61 -50.10
C GLU P 53 28.80 -29.12 -49.92
N TYR P 54 27.85 -29.49 -49.06
CA TYR P 54 27.58 -30.89 -48.80
C TYR P 54 27.17 -31.69 -50.05
N TYR P 55 26.17 -31.21 -50.80
CA TYR P 55 25.78 -31.99 -51.95
C TYR P 55 26.83 -32.01 -53.06
N VAL P 56 27.69 -31.01 -53.10
CA VAL P 56 28.76 -30.98 -54.09
C VAL P 56 29.74 -32.08 -53.67
N SER P 57 30.02 -32.13 -52.38
CA SER P 57 30.90 -33.14 -51.82
C SER P 57 30.29 -34.54 -51.99
N VAL P 58 29.01 -34.66 -51.74
CA VAL P 58 28.32 -35.93 -51.87
C VAL P 58 28.35 -36.45 -53.31
N THR P 59 28.10 -35.57 -54.27
CA THR P 59 28.08 -36.00 -55.67
C THR P 59 29.48 -36.37 -56.12
N GLU P 60 30.47 -35.82 -55.43
CA GLU P 60 31.86 -36.12 -55.74
C GLU P 60 32.11 -37.57 -55.33
N ALA P 61 31.73 -37.91 -54.11
CA ALA P 61 31.90 -39.26 -53.59
C ALA P 61 31.05 -40.22 -54.46
N PHE P 62 29.86 -39.75 -54.83
CA PHE P 62 28.94 -40.49 -55.68
C PHE P 62 29.67 -40.96 -56.92
N ASP P 63 30.34 -40.03 -57.57
CA ASP P 63 31.06 -40.29 -58.80
C ASP P 63 32.31 -41.16 -58.65
N THR P 64 33.13 -40.90 -57.63
CA THR P 64 34.33 -41.71 -57.49
C THR P 64 34.03 -43.15 -57.08
N ILE P 65 33.02 -43.34 -56.23
CA ILE P 65 32.67 -44.69 -55.84
C ILE P 65 32.07 -45.45 -57.02
N ALA P 66 31.21 -44.78 -57.79
CA ALA P 66 30.60 -45.42 -58.95
C ALA P 66 31.69 -45.87 -59.92
N GLU P 67 32.69 -45.03 -60.09
CA GLU P 67 33.79 -45.34 -61.00
C GLU P 67 34.66 -46.47 -60.48
N ARG P 68 34.78 -46.57 -59.16
CA ARG P 68 35.58 -47.63 -58.56
C ARG P 68 34.86 -48.94 -58.85
N LEU P 69 33.54 -48.87 -58.77
CA LEU P 69 32.70 -50.02 -59.03
C LEU P 69 32.94 -50.49 -60.47
N LEU P 70 33.00 -49.53 -61.38
CA LEU P 70 33.24 -49.83 -62.79
C LEU P 70 34.61 -50.49 -62.96
N GLN P 71 35.60 -49.97 -62.25
CA GLN P 71 36.94 -50.53 -62.34
C GLN P 71 36.97 -51.96 -61.86
N LEU P 72 36.16 -52.28 -60.86
CA LEU P 72 36.11 -53.62 -60.30
C LEU P 72 35.37 -54.59 -61.21
N GLY P 73 34.99 -54.13 -62.38
CA GLY P 73 34.30 -54.99 -63.33
C GLY P 73 32.78 -55.02 -63.24
N ALA P 74 32.22 -54.24 -62.33
CA ALA P 74 30.77 -54.21 -62.20
C ALA P 74 30.19 -53.00 -62.91
N GLN P 75 28.87 -52.92 -62.99
CA GLN P 75 28.21 -51.78 -63.61
C GLN P 75 27.56 -51.05 -62.45
N ALA P 76 27.53 -49.73 -62.54
CA ALA P 76 26.98 -48.93 -61.47
C ALA P 76 25.49 -48.71 -61.59
N PRO P 77 24.77 -48.71 -60.45
CA PRO P 77 23.33 -48.48 -60.53
C PRO P 77 23.21 -47.06 -61.07
N ALA P 78 22.39 -46.86 -62.10
CA ALA P 78 22.26 -45.54 -62.69
C ALA P 78 20.85 -45.11 -63.05
N SER P 79 19.98 -45.10 -62.05
CA SER P 79 18.60 -44.69 -62.26
C SER P 79 18.00 -44.47 -60.89
N MET P 80 17.05 -43.56 -60.79
CA MET P 80 16.42 -43.29 -59.51
C MET P 80 15.65 -44.52 -59.04
N ALA P 81 15.08 -45.26 -59.99
CA ALA P 81 14.36 -46.47 -59.64
C ALA P 81 15.27 -47.41 -58.86
N GLU P 82 16.47 -47.66 -59.38
CA GLU P 82 17.40 -48.55 -58.71
C GLU P 82 17.82 -47.96 -57.37
N TYR P 83 18.10 -46.67 -57.33
CA TYR P 83 18.53 -46.05 -56.10
C TYR P 83 17.48 -46.19 -55.01
N LEU P 84 16.22 -45.93 -55.35
CA LEU P 84 15.16 -46.05 -54.37
C LEU P 84 15.05 -47.50 -53.89
N ALA P 85 15.40 -48.43 -54.77
CA ALA P 85 15.34 -49.85 -54.41
C ALA P 85 16.51 -50.30 -53.54
N LEU P 86 17.66 -49.66 -53.71
CA LEU P 86 18.87 -50.03 -52.96
C LEU P 86 19.18 -49.18 -51.73
N SER P 87 18.75 -47.93 -51.78
CA SER P 87 19.05 -47.00 -50.69
C SER P 87 18.44 -47.30 -49.34
N GLY P 88 19.24 -47.09 -48.30
CA GLY P 88 18.80 -47.27 -46.94
C GLY P 88 18.49 -45.91 -46.34
N ILE P 89 18.49 -44.88 -47.18
CA ILE P 89 18.22 -43.53 -46.73
C ILE P 89 16.83 -43.10 -47.19
N ALA P 90 16.03 -42.64 -46.23
CA ALA P 90 14.69 -42.21 -46.54
C ALA P 90 14.70 -40.82 -47.17
N GLU P 91 13.86 -40.61 -48.17
CA GLU P 91 13.79 -39.31 -48.80
C GLU P 91 13.01 -38.35 -47.92
N GLU P 92 13.31 -37.06 -48.04
CA GLU P 92 12.62 -36.04 -47.27
C GLU P 92 11.32 -35.71 -48.00
N THR P 93 10.21 -35.97 -47.34
CA THR P 93 8.91 -35.73 -47.95
C THR P 93 8.35 -34.38 -47.61
N GLU P 94 8.77 -33.81 -46.49
CA GLU P 94 8.25 -32.51 -46.13
C GLU P 94 9.07 -31.37 -46.70
N LYS P 95 8.40 -30.25 -46.89
CA LYS P 95 9.02 -29.03 -47.39
C LYS P 95 8.87 -28.08 -46.21
N GLU P 96 9.54 -26.95 -46.28
CA GLU P 96 9.48 -26.00 -45.18
C GLU P 96 9.96 -26.70 -43.92
N ILE P 97 11.23 -26.52 -43.62
CA ILE P 97 11.82 -27.17 -42.45
C ILE P 97 12.76 -26.25 -41.69
N THR P 98 12.77 -26.44 -40.39
CA THR P 98 13.63 -25.66 -39.51
C THR P 98 15.10 -25.97 -39.81
N ILE P 99 15.98 -25.01 -39.54
CA ILE P 99 17.39 -25.21 -39.76
C ILE P 99 17.97 -26.29 -38.85
N VAL P 100 17.68 -26.24 -37.55
CA VAL P 100 18.22 -27.26 -36.66
C VAL P 100 17.66 -28.64 -37.03
N SER P 101 16.41 -28.68 -37.46
CA SER P 101 15.80 -29.95 -37.85
C SER P 101 16.51 -30.51 -39.07
N ALA P 102 16.78 -29.65 -40.05
CA ALA P 102 17.44 -30.09 -41.27
C ALA P 102 18.85 -30.59 -40.97
N LEU P 103 19.61 -29.81 -40.21
CA LEU P 103 20.97 -30.19 -39.88
C LEU P 103 21.02 -31.48 -39.09
N ALA P 104 20.09 -31.65 -38.14
CA ALA P 104 20.05 -32.88 -37.35
C ALA P 104 19.83 -34.07 -38.27
N ARG P 105 18.99 -33.89 -39.28
CA ARG P 105 18.74 -34.98 -40.22
C ARG P 105 19.93 -35.29 -41.09
N VAL P 106 20.64 -34.28 -41.58
CA VAL P 106 21.79 -34.61 -42.42
C VAL P 106 22.88 -35.25 -41.55
N LYS P 107 23.00 -34.80 -40.29
CA LYS P 107 24.00 -35.38 -39.41
C LYS P 107 23.69 -36.86 -39.26
N ARG P 108 22.42 -37.17 -39.09
CA ARG P 108 21.97 -38.54 -38.91
C ARG P 108 22.31 -39.36 -40.17
N ASP P 109 22.05 -38.82 -41.35
CA ASP P 109 22.36 -39.52 -42.59
C ASP P 109 23.85 -39.66 -42.78
N PHE P 110 24.61 -38.64 -42.38
CA PHE P 110 26.05 -38.72 -42.50
C PHE P 110 26.58 -39.84 -41.61
N GLU P 111 26.01 -39.95 -40.41
CA GLU P 111 26.43 -40.99 -39.48
C GLU P 111 26.08 -42.37 -40.05
N TYR P 112 24.89 -42.49 -40.65
CA TYR P 112 24.48 -43.75 -41.24
C TYR P 112 25.48 -44.12 -42.33
N LEU P 113 25.81 -43.15 -43.19
CA LEU P 113 26.77 -43.41 -44.25
C LEU P 113 28.12 -43.80 -43.68
N SER P 114 28.50 -43.13 -42.60
CA SER P 114 29.79 -43.40 -41.99
C SER P 114 29.90 -44.84 -41.52
N THR P 115 28.88 -45.36 -40.85
CA THR P 115 28.96 -46.74 -40.39
C THR P 115 28.94 -47.68 -41.61
N ARG P 116 28.16 -47.34 -42.61
CA ARG P 116 28.09 -48.16 -43.83
C ARG P 116 29.43 -48.18 -44.54
N PHE P 117 30.05 -47.01 -44.69
CA PHE P 117 31.35 -46.91 -45.36
C PHE P 117 32.43 -47.65 -44.58
N SER P 118 32.37 -47.57 -43.25
CA SER P 118 33.36 -48.25 -42.43
C SER P 118 33.36 -49.75 -42.67
N GLN P 119 32.18 -50.32 -42.89
CA GLN P 119 32.10 -51.75 -43.14
C GLN P 119 32.84 -52.05 -44.42
N THR P 120 32.66 -51.21 -45.42
CA THR P 120 33.33 -51.41 -46.69
C THR P 120 34.84 -51.26 -46.53
N GLN P 121 35.27 -50.25 -45.76
CA GLN P 121 36.71 -50.08 -45.59
C GLN P 121 37.31 -51.29 -44.91
N VAL P 122 36.57 -51.88 -43.97
CA VAL P 122 37.06 -53.08 -43.30
C VAL P 122 37.19 -54.23 -44.31
N LEU P 123 36.16 -54.39 -45.15
CA LEU P 123 36.17 -55.45 -46.17
C LEU P 123 37.36 -55.28 -47.10
N ALA P 124 37.53 -54.05 -47.60
CA ALA P 124 38.62 -53.75 -48.52
C ALA P 124 39.97 -53.98 -47.86
N ALA P 125 40.09 -53.56 -46.61
CA ALA P 125 41.35 -53.70 -45.88
C ALA P 125 41.71 -55.16 -45.70
N GLU P 126 40.75 -55.96 -45.27
CA GLU P 126 41.01 -57.37 -45.04
C GLU P 126 41.25 -58.18 -46.32
N SER P 127 40.72 -57.70 -47.44
CA SER P 127 40.90 -58.42 -48.71
C SER P 127 42.05 -57.85 -49.56
N GLY P 128 42.74 -56.84 -49.05
CA GLY P 128 43.84 -56.27 -49.80
C GLY P 128 43.46 -55.31 -50.91
N ASP P 129 42.20 -54.90 -50.95
CA ASP P 129 41.77 -53.95 -51.96
C ASP P 129 42.18 -52.57 -51.49
N ALA P 130 43.48 -52.29 -51.59
CA ALA P 130 44.05 -51.02 -51.14
C ALA P 130 43.38 -49.79 -51.76
N VAL P 131 43.17 -49.81 -53.07
CA VAL P 131 42.54 -48.69 -53.74
C VAL P 131 41.16 -48.34 -53.18
N THR P 132 40.29 -49.34 -53.08
CA THR P 132 38.95 -49.11 -52.54
C THR P 132 39.07 -48.62 -51.10
N ASP P 133 40.03 -49.18 -50.37
CA ASP P 133 40.27 -48.82 -48.99
C ASP P 133 40.54 -47.32 -48.91
N GLY P 134 41.49 -46.86 -49.71
CA GLY P 134 41.84 -45.45 -49.73
C GLY P 134 40.69 -44.56 -50.14
N ILE P 135 39.94 -44.99 -51.15
CA ILE P 135 38.81 -44.19 -51.61
C ILE P 135 37.79 -44.02 -50.49
N ILE P 136 37.39 -45.11 -49.86
CA ILE P 136 36.39 -45.02 -48.80
C ILE P 136 36.92 -44.23 -47.60
N THR P 137 38.17 -44.48 -47.25
CA THR P 137 38.78 -43.80 -46.12
C THR P 137 38.80 -42.28 -46.33
N ASP P 138 39.10 -41.84 -47.55
CA ASP P 138 39.10 -40.40 -47.84
C ASP P 138 37.72 -39.81 -47.60
N ILE P 139 36.69 -40.54 -48.03
CA ILE P 139 35.31 -40.10 -47.85
C ILE P 139 34.96 -40.12 -46.36
N LEU P 140 35.42 -41.15 -45.69
CA LEU P 140 35.19 -41.32 -44.27
C LEU P 140 35.78 -40.11 -43.52
N ARG P 141 36.92 -39.62 -44.00
CA ARG P 141 37.57 -38.47 -43.37
C ARG P 141 36.70 -37.23 -43.46
N THR P 142 36.19 -36.94 -44.66
CA THR P 142 35.37 -35.75 -44.83
C THR P 142 34.06 -35.88 -44.08
N LEU P 143 33.53 -37.11 -43.97
CA LEU P 143 32.29 -37.33 -43.24
C LEU P 143 32.51 -37.07 -41.76
N GLY P 144 33.63 -37.56 -41.26
CA GLY P 144 33.94 -37.40 -39.85
C GLY P 144 34.02 -35.93 -39.47
N LYS P 145 34.63 -35.14 -40.34
CA LYS P 145 34.77 -33.72 -40.09
C LYS P 145 33.41 -33.04 -40.09
N ALA P 146 32.57 -33.38 -41.07
CA ALA P 146 31.25 -32.77 -41.17
C ALA P 146 30.36 -33.18 -39.99
N ILE P 147 30.42 -34.45 -39.62
CA ILE P 147 29.61 -34.94 -38.50
C ILE P 147 30.01 -34.19 -37.23
N TRP P 148 31.31 -34.02 -37.02
CA TRP P 148 31.79 -33.30 -35.85
C TRP P 148 31.30 -31.86 -35.86
N MET P 149 31.43 -31.18 -37.00
CA MET P 149 30.99 -29.80 -37.08
C MET P 149 29.47 -29.67 -36.86
N LEU P 150 28.70 -30.55 -37.46
CA LEU P 150 27.25 -30.52 -37.29
C LEU P 150 26.92 -30.72 -35.82
N GLY P 151 27.64 -31.64 -35.18
CA GLY P 151 27.41 -31.91 -33.77
C GLY P 151 27.67 -30.67 -32.95
N ALA P 152 28.74 -29.96 -33.29
CA ALA P 152 29.10 -28.74 -32.58
C ALA P 152 28.09 -27.62 -32.78
N THR P 153 27.53 -27.50 -33.98
CA THR P 153 26.56 -26.45 -34.21
C THR P 153 25.18 -26.79 -33.63
N LEU P 154 24.89 -28.07 -33.45
CA LEU P 154 23.60 -28.50 -32.91
C LEU P 154 23.60 -28.64 -31.39
N LYS P 155 24.79 -28.74 -30.82
CA LYS P 155 24.94 -28.88 -29.37
C LYS P 155 24.27 -27.74 -28.62
N ALA P 156 23.53 -28.10 -27.57
CA ALA P 156 22.83 -27.08 -26.77
C ALA P 156 23.45 -26.93 -25.39
#